data_5XEE
#
_entry.id   5XEE
#
_entity_poly.entity_id   1
_entity_poly.type   'polypeptide(L)'
_entity_poly.pdbx_seq_one_letter_code
;AEQSDKDVKYYTLEEIQKHKDSKSTWVILHHKVYDLTKFLEEFPGGEEVLREQAGGDATENFEDVGFSTDARELSKKYII
GELHPDDRSKIAKPSETL
;
_entity_poly.pdbx_strand_id   A
#
# COMPACT_ATOMS: atom_id res chain seq x y z
N ALA A 1 -8.36 -6.38 -10.93
CA ALA A 1 -8.47 -7.85 -10.85
C ALA A 1 -9.11 -8.25 -9.52
N GLU A 2 -10.37 -8.75 -9.58
CA GLU A 2 -11.08 -9.32 -8.42
C GLU A 2 -10.81 -10.83 -8.37
N GLN A 3 -10.20 -11.30 -7.27
CA GLN A 3 -9.87 -12.71 -7.06
C GLN A 3 -11.15 -13.50 -6.71
N SER A 4 -11.41 -14.60 -7.46
CA SER A 4 -12.59 -15.46 -7.25
C SER A 4 -12.53 -16.19 -5.90
N ASP A 5 -11.30 -16.57 -5.49
CA ASP A 5 -11.04 -17.12 -4.15
C ASP A 5 -11.04 -15.96 -3.13
N LYS A 6 -11.91 -16.03 -2.11
CA LYS A 6 -12.05 -14.95 -1.12
C LYS A 6 -11.10 -15.16 0.08
N ASP A 7 -9.81 -15.22 -0.24
CA ASP A 7 -8.70 -15.28 0.73
C ASP A 7 -7.41 -14.85 0.02
N VAL A 8 -6.82 -13.73 0.51
CA VAL A 8 -5.63 -13.08 -0.07
C VAL A 8 -5.96 -12.53 -1.48
N LYS A 9 -6.36 -11.24 -1.52
CA LYS A 9 -6.87 -10.58 -2.71
C LYS A 9 -5.74 -10.01 -3.56
N TYR A 10 -5.80 -10.26 -4.88
CA TYR A 10 -4.85 -9.73 -5.85
C TYR A 10 -5.24 -8.28 -6.22
N TYR A 11 -4.70 -7.32 -5.45
CA TYR A 11 -4.82 -5.89 -5.77
C TYR A 11 -3.86 -5.57 -6.89
N THR A 12 -4.23 -4.67 -7.79
CA THR A 12 -3.35 -4.21 -8.86
C THR A 12 -2.80 -2.84 -8.47
N LEU A 13 -1.57 -2.55 -8.87
CA LEU A 13 -0.92 -1.27 -8.55
C LEU A 13 -1.51 -0.16 -9.43
N GLU A 14 -2.09 -0.59 -10.58
CA GLU A 14 -2.91 0.24 -11.47
C GLU A 14 -4.18 0.72 -10.74
N GLU A 15 -4.75 -0.15 -9.88
CA GLU A 15 -5.93 0.15 -9.05
C GLU A 15 -5.60 1.28 -8.05
N ILE A 16 -4.50 1.07 -7.30
CA ILE A 16 -4.09 1.93 -6.17
C ILE A 16 -3.44 3.25 -6.68
N GLN A 17 -3.09 3.29 -7.99
CA GLN A 17 -2.46 4.45 -8.67
C GLN A 17 -3.28 5.75 -8.47
N LYS A 18 -4.61 5.60 -8.34
CA LYS A 18 -5.56 6.72 -8.17
C LYS A 18 -5.88 6.97 -6.67
N HIS A 19 -4.84 6.87 -5.83
CA HIS A 19 -4.92 7.09 -4.35
C HIS A 19 -5.29 8.56 -4.00
N LYS A 20 -6.60 8.88 -4.06
CA LYS A 20 -7.12 10.24 -3.81
C LYS A 20 -7.58 10.36 -2.34
N ASP A 21 -8.38 9.37 -1.92
CA ASP A 21 -8.93 9.32 -0.55
C ASP A 21 -8.16 8.31 0.31
N SER A 22 -8.42 8.37 1.63
CA SER A 22 -7.80 7.49 2.64
C SER A 22 -8.19 6.02 2.41
N LYS A 23 -9.44 5.82 1.98
CA LYS A 23 -10.00 4.48 1.70
C LYS A 23 -9.40 3.85 0.43
N SER A 24 -8.77 4.70 -0.40
CA SER A 24 -8.06 4.28 -1.63
C SER A 24 -6.53 4.26 -1.40
N THR A 25 -6.10 4.26 -0.12
CA THR A 25 -4.67 4.33 0.24
C THR A 25 -4.19 2.95 0.68
N TRP A 26 -3.45 2.28 -0.21
CA TRP A 26 -2.79 1.00 0.04
C TRP A 26 -1.35 1.13 -0.44
N VAL A 27 -0.44 0.36 0.14
CA VAL A 27 1.00 0.40 -0.16
C VAL A 27 1.51 -1.02 -0.43
N ILE A 28 2.63 -1.15 -1.15
CA ILE A 28 3.18 -2.47 -1.55
C ILE A 28 4.66 -2.58 -1.16
N LEU A 29 5.00 -3.69 -0.49
CA LEU A 29 6.36 -3.93 0.03
C LEU A 29 7.35 -4.18 -1.12
N HIS A 30 6.86 -4.89 -2.14
CA HIS A 30 7.61 -5.19 -3.38
C HIS A 30 6.72 -5.97 -4.37
N HIS A 31 6.01 -6.97 -3.83
CA HIS A 31 5.12 -7.87 -4.60
C HIS A 31 3.81 -8.16 -3.81
N LYS A 32 3.77 -7.81 -2.52
CA LYS A 32 2.58 -8.06 -1.67
C LYS A 32 2.01 -6.72 -1.19
N VAL A 33 0.67 -6.63 -1.06
CA VAL A 33 -0.04 -5.36 -0.74
C VAL A 33 -0.52 -5.38 0.71
N TYR A 34 -0.39 -4.23 1.37
CA TYR A 34 -0.76 -4.04 2.77
C TYR A 34 -1.65 -2.82 2.90
N ASP A 35 -2.63 -2.93 3.78
CA ASP A 35 -3.63 -1.91 4.02
C ASP A 35 -3.01 -0.71 4.74
N LEU A 36 -3.11 0.45 4.12
CA LEU A 36 -2.66 1.71 4.71
C LEU A 36 -3.90 2.52 5.15
N THR A 37 -5.06 2.20 4.54
CA THR A 37 -6.37 2.87 4.78
C THR A 37 -6.66 3.05 6.30
N LYS A 38 -6.40 2.00 7.07
CA LYS A 38 -6.59 1.99 8.52
C LYS A 38 -5.35 2.57 9.22
N PHE A 39 -4.16 2.16 8.74
CA PHE A 39 -2.85 2.47 9.36
C PHE A 39 -2.59 3.99 9.50
N LEU A 40 -3.16 4.78 8.58
CA LEU A 40 -3.01 6.25 8.59
C LEU A 40 -3.86 6.92 9.68
N GLU A 41 -4.95 6.25 10.09
CA GLU A 41 -5.84 6.74 11.18
C GLU A 41 -5.18 6.56 12.56
N GLU A 42 -4.19 5.66 12.64
CA GLU A 42 -3.30 5.52 13.81
C GLU A 42 -2.48 6.82 14.03
N PHE A 43 -2.25 7.57 12.95
CA PHE A 43 -1.63 8.90 13.00
C PHE A 43 -2.76 9.96 12.97
N PRO A 44 -3.02 10.73 14.07
CA PRO A 44 -4.04 11.82 14.08
C PRO A 44 -3.76 12.89 12.97
N GLY A 45 -4.47 12.74 11.83
CA GLY A 45 -4.34 13.64 10.68
C GLY A 45 -3.11 13.35 9.82
N GLY A 46 -2.57 12.12 9.93
CA GLY A 46 -1.32 11.74 9.26
C GLY A 46 -1.55 10.93 8.00
N GLU A 47 -2.66 11.19 7.31
CA GLU A 47 -2.97 10.59 5.99
C GLU A 47 -2.12 11.21 4.86
N GLU A 48 -1.88 12.51 4.96
CA GLU A 48 -1.23 13.30 3.90
C GLU A 48 0.30 13.03 3.77
N VAL A 49 0.93 12.56 4.86
CA VAL A 49 2.39 12.31 4.92
C VAL A 49 2.80 11.07 4.07
N LEU A 50 1.85 10.13 3.91
CA LEU A 50 2.08 8.79 3.33
C LEU A 50 1.26 8.57 2.04
N ARG A 51 0.27 9.45 1.81
CA ARG A 51 -0.67 9.34 0.68
C ARG A 51 0.08 9.31 -0.66
N GLU A 52 1.11 10.18 -0.77
CA GLU A 52 1.88 10.36 -2.02
C GLU A 52 2.67 9.08 -2.38
N GLN A 53 3.11 8.35 -1.34
CA GLN A 53 3.93 7.13 -1.48
C GLN A 53 3.05 5.88 -1.62
N ALA A 54 1.74 6.03 -1.32
CA ALA A 54 0.74 4.96 -1.53
C ALA A 54 0.56 4.72 -3.03
N GLY A 55 0.38 3.44 -3.42
CA GLY A 55 0.40 3.05 -4.83
C GLY A 55 1.81 3.08 -5.41
N GLY A 56 2.83 3.05 -4.53
CA GLY A 56 4.24 3.09 -4.92
C GLY A 56 5.10 2.25 -3.99
N ASP A 57 5.56 2.85 -2.87
CA ASP A 57 6.51 2.20 -1.94
C ASP A 57 5.87 1.89 -0.57
N ALA A 58 6.42 0.85 0.08
CA ALA A 58 6.13 0.47 1.48
C ALA A 58 7.36 -0.20 2.09
N THR A 59 8.40 -0.45 1.25
CA THR A 59 9.61 -1.17 1.66
C THR A 59 10.31 -0.39 2.79
N GLU A 60 10.37 0.92 2.57
CA GLU A 60 10.92 1.88 3.54
C GLU A 60 9.78 2.74 4.12
N ASN A 61 8.77 3.04 3.26
CA ASN A 61 7.69 4.01 3.58
C ASN A 61 6.86 3.60 4.79
N PHE A 62 6.41 2.32 4.83
CA PHE A 62 5.48 1.83 5.87
C PHE A 62 6.10 2.03 7.28
N GLU A 63 7.44 1.90 7.35
CA GLU A 63 8.21 2.04 8.61
C GLU A 63 8.64 3.52 8.82
N ASP A 64 8.77 4.26 7.70
CA ASP A 64 9.25 5.67 7.70
C ASP A 64 8.20 6.59 8.33
N VAL A 65 7.01 6.60 7.71
CA VAL A 65 5.86 7.39 8.19
C VAL A 65 5.19 6.68 9.39
N GLY A 66 5.47 5.37 9.50
CA GLY A 66 4.95 4.55 10.57
C GLY A 66 5.62 4.81 11.92
N PHE A 67 5.07 4.18 12.97
CA PHE A 67 5.67 4.21 14.30
C PHE A 67 7.00 3.44 14.29
N SER A 68 7.95 3.86 15.14
CA SER A 68 9.34 3.35 15.14
C SER A 68 9.41 1.81 15.34
N THR A 69 8.63 1.30 16.31
CA THR A 69 8.53 -0.15 16.57
C THR A 69 7.27 -0.76 15.92
N ASP A 70 6.10 -0.10 16.11
CA ASP A 70 4.78 -0.67 15.74
C ASP A 70 4.69 -1.00 14.24
N ALA A 71 5.12 -0.05 13.38
CA ALA A 71 5.04 -0.20 11.91
C ALA A 71 5.79 -1.45 11.40
N ARG A 72 6.85 -1.82 12.13
CA ARG A 72 7.71 -2.97 11.77
C ARG A 72 6.93 -4.29 11.84
N GLU A 73 6.07 -4.46 12.88
CA GLU A 73 5.19 -5.65 12.99
C GLU A 73 3.83 -5.42 12.32
N LEU A 74 3.42 -4.14 12.23
CA LEU A 74 2.11 -3.76 11.65
C LEU A 74 2.09 -3.94 10.13
N SER A 75 3.28 -4.08 9.51
CA SER A 75 3.43 -4.39 8.08
C SER A 75 2.61 -5.66 7.74
N LYS A 76 2.98 -6.80 8.35
CA LYS A 76 2.30 -8.09 8.13
C LYS A 76 0.91 -8.16 8.81
N LYS A 77 0.63 -7.23 9.75
CA LYS A 77 -0.66 -7.16 10.47
C LYS A 77 -1.77 -6.71 9.49
N TYR A 78 -1.42 -5.76 8.61
CA TYR A 78 -2.33 -5.19 7.61
C TYR A 78 -2.25 -5.98 6.29
N ILE A 79 -2.17 -7.31 6.38
CA ILE A 79 -2.15 -8.16 5.19
C ILE A 79 -3.56 -8.17 4.53
N ILE A 80 -3.74 -7.27 3.53
CA ILE A 80 -5.03 -7.12 2.81
C ILE A 80 -5.03 -7.96 1.51
N GLY A 81 -3.88 -8.60 1.23
CA GLY A 81 -3.74 -9.51 0.10
C GLY A 81 -2.34 -9.43 -0.48
N GLU A 82 -2.20 -9.74 -1.76
CA GLU A 82 -0.94 -9.60 -2.48
C GLU A 82 -1.14 -8.69 -3.69
N LEU A 83 -0.08 -7.95 -4.06
CA LEU A 83 -0.07 -7.12 -5.25
C LEU A 83 0.14 -8.04 -6.47
N HIS A 84 -0.57 -7.73 -7.54
CA HIS A 84 -0.61 -8.51 -8.78
C HIS A 84 0.83 -8.62 -9.36
N PRO A 85 1.38 -9.87 -9.57
CA PRO A 85 2.79 -10.09 -10.02
C PRO A 85 3.20 -9.26 -11.25
N ASP A 86 2.23 -9.06 -12.15
CA ASP A 86 2.42 -8.26 -13.38
C ASP A 86 2.53 -6.75 -13.06
N ASP A 87 1.71 -6.28 -12.10
CA ASP A 87 1.56 -4.84 -11.77
C ASP A 87 2.75 -4.26 -10.98
N ARG A 88 3.40 -5.07 -10.14
CA ARG A 88 4.60 -4.64 -9.40
C ARG A 88 5.80 -4.45 -10.36
N SER A 89 5.69 -5.07 -11.55
CA SER A 89 6.63 -4.91 -12.66
C SER A 89 6.22 -3.70 -13.55
N LYS A 90 4.89 -3.54 -13.77
CA LYS A 90 4.31 -2.41 -14.56
C LYS A 90 4.69 -1.05 -13.94
N ILE A 91 4.41 -0.93 -12.63
CA ILE A 91 4.53 0.33 -11.87
C ILE A 91 5.57 0.14 -10.74
N ALA A 92 6.67 -0.58 -11.07
CA ALA A 92 7.87 -0.67 -10.19
C ALA A 92 8.43 0.74 -9.97
N LYS A 93 8.40 1.50 -11.06
CA LYS A 93 8.55 2.96 -11.09
C LYS A 93 7.80 3.48 -12.34
N PRO A 94 6.77 4.35 -12.18
CA PRO A 94 6.07 4.97 -13.36
C PRO A 94 6.94 6.08 -13.99
N SER A 95 6.44 6.69 -15.09
CA SER A 95 7.08 7.86 -15.69
C SER A 95 7.09 9.03 -14.68
N GLU A 96 8.29 9.31 -14.14
CA GLU A 96 8.52 10.31 -13.07
C GLU A 96 8.37 11.76 -13.59
N THR A 97 8.15 11.91 -14.91
CA THR A 97 7.75 13.19 -15.52
C THR A 97 6.27 13.51 -15.21
N LEU A 98 5.52 12.46 -14.77
CA LEU A 98 4.06 12.49 -14.58
C LEU A 98 3.34 12.80 -15.92
N ALA A 1 -9.57 -3.40 -8.08
CA ALA A 1 -9.06 -4.78 -8.02
C ALA A 1 -10.13 -5.67 -7.40
N GLU A 2 -11.02 -6.17 -8.26
CA GLU A 2 -12.19 -6.97 -7.85
C GLU A 2 -11.78 -8.43 -7.54
N GLN A 3 -11.43 -8.66 -6.27
CA GLN A 3 -11.11 -10.01 -5.76
C GLN A 3 -12.31 -10.56 -4.98
N SER A 4 -12.78 -11.74 -5.36
CA SER A 4 -13.92 -12.43 -4.70
C SER A 4 -13.52 -12.94 -3.30
N ASP A 5 -12.22 -13.19 -3.11
CA ASP A 5 -11.64 -13.52 -1.80
C ASP A 5 -11.65 -12.27 -0.89
N LYS A 6 -12.31 -12.40 0.27
CA LYS A 6 -12.30 -11.40 1.35
C LYS A 6 -10.86 -11.14 1.81
N ASP A 7 -10.17 -12.23 2.17
CA ASP A 7 -8.78 -12.19 2.67
C ASP A 7 -7.81 -12.70 1.59
N VAL A 8 -6.59 -12.11 1.60
CA VAL A 8 -5.52 -12.36 0.61
C VAL A 8 -6.02 -12.04 -0.82
N LYS A 9 -6.05 -10.74 -1.11
CA LYS A 9 -6.60 -10.20 -2.35
C LYS A 9 -5.49 -9.87 -3.34
N TYR A 10 -5.68 -10.26 -4.62
CA TYR A 10 -4.81 -9.85 -5.72
C TYR A 10 -5.17 -8.41 -6.14
N TYR A 11 -4.42 -7.45 -5.57
CA TYR A 11 -4.56 -6.03 -5.92
C TYR A 11 -3.77 -5.70 -7.19
N THR A 12 -4.19 -4.62 -7.86
CA THR A 12 -3.51 -4.06 -9.04
C THR A 12 -2.88 -2.72 -8.63
N LEU A 13 -1.58 -2.52 -8.89
CA LEU A 13 -0.86 -1.30 -8.46
C LEU A 13 -1.32 -0.08 -9.28
N GLU A 14 -1.76 -0.36 -10.53
CA GLU A 14 -2.41 0.62 -11.43
C GLU A 14 -3.74 1.10 -10.80
N GLU A 15 -4.46 0.17 -10.14
CA GLU A 15 -5.71 0.46 -9.42
C GLU A 15 -5.44 1.34 -8.19
N ILE A 16 -4.43 0.94 -7.39
CA ILE A 16 -4.12 1.59 -6.11
C ILE A 16 -3.65 3.04 -6.33
N GLN A 17 -2.98 3.28 -7.48
CA GLN A 17 -2.46 4.60 -7.87
C GLN A 17 -3.61 5.65 -7.95
N LYS A 18 -4.87 5.18 -8.06
CA LYS A 18 -6.07 6.05 -8.04
C LYS A 18 -6.53 6.36 -6.59
N HIS A 19 -5.56 6.50 -5.66
CA HIS A 19 -5.84 6.82 -4.25
C HIS A 19 -5.97 8.34 -4.06
N LYS A 20 -7.21 8.79 -3.83
CA LYS A 20 -7.50 10.18 -3.43
C LYS A 20 -7.70 10.17 -1.92
N ASP A 21 -8.69 9.36 -1.51
CA ASP A 21 -9.10 9.15 -0.12
C ASP A 21 -8.36 7.96 0.49
N SER A 22 -8.45 7.90 1.83
CA SER A 22 -7.91 6.82 2.67
C SER A 22 -8.37 5.44 2.20
N LYS A 23 -9.67 5.37 1.85
CA LYS A 23 -10.36 4.11 1.53
C LYS A 23 -9.82 3.39 0.27
N SER A 24 -9.06 4.11 -0.58
CA SER A 24 -8.40 3.50 -1.75
C SER A 24 -6.87 3.62 -1.67
N THR A 25 -6.32 3.78 -0.46
CA THR A 25 -4.88 3.95 -0.24
C THR A 25 -4.30 2.65 0.29
N TRP A 26 -3.44 2.02 -0.53
CA TRP A 26 -2.70 0.81 -0.19
C TRP A 26 -1.24 0.99 -0.64
N VAL A 27 -0.34 0.14 -0.14
CA VAL A 27 1.10 0.17 -0.49
C VAL A 27 1.65 -1.24 -0.71
N ILE A 28 2.81 -1.36 -1.39
CA ILE A 28 3.44 -2.67 -1.69
C ILE A 28 4.91 -2.71 -1.28
N LEU A 29 5.30 -3.78 -0.57
CA LEU A 29 6.70 -3.98 -0.12
C LEU A 29 7.56 -4.52 -1.28
N HIS A 30 6.92 -5.30 -2.16
CA HIS A 30 7.56 -5.86 -3.37
C HIS A 30 6.49 -6.59 -4.20
N HIS A 31 6.08 -7.76 -3.71
CA HIS A 31 5.08 -8.61 -4.37
C HIS A 31 3.72 -8.43 -3.71
N LYS A 32 3.73 -8.25 -2.37
CA LYS A 32 2.49 -8.23 -1.57
C LYS A 32 2.03 -6.81 -1.30
N VAL A 33 0.70 -6.68 -1.12
CA VAL A 33 0.04 -5.40 -0.83
C VAL A 33 -0.47 -5.40 0.62
N TYR A 34 -0.40 -4.23 1.26
CA TYR A 34 -0.73 -4.05 2.67
C TYR A 34 -1.76 -2.93 2.80
N ASP A 35 -2.76 -3.15 3.69
CA ASP A 35 -3.86 -2.22 3.90
C ASP A 35 -3.34 -0.95 4.56
N LEU A 36 -3.26 0.11 3.76
CA LEU A 36 -2.81 1.41 4.23
C LEU A 36 -4.05 2.25 4.64
N THR A 37 -5.22 1.84 4.12
CA THR A 37 -6.54 2.44 4.41
C THR A 37 -6.74 2.71 5.92
N LYS A 38 -6.37 1.71 6.75
CA LYS A 38 -6.48 1.81 8.23
C LYS A 38 -5.13 2.23 8.85
N PHE A 39 -4.01 1.94 8.16
CA PHE A 39 -2.64 2.23 8.68
C PHE A 39 -2.41 3.76 8.83
N LEU A 40 -3.03 4.57 7.94
CA LEU A 40 -2.94 6.04 8.01
C LEU A 40 -3.88 6.59 9.09
N GLU A 41 -4.99 5.85 9.36
CA GLU A 41 -5.94 6.16 10.44
C GLU A 41 -5.29 5.90 11.81
N GLU A 42 -4.24 5.06 11.82
CA GLU A 42 -3.46 4.74 13.02
C GLU A 42 -2.69 6.01 13.52
N PHE A 43 -2.37 6.91 12.58
CA PHE A 43 -1.73 8.21 12.88
C PHE A 43 -2.82 9.27 13.14
N PRO A 44 -2.53 10.31 14.00
CA PRO A 44 -3.47 11.43 14.22
C PRO A 44 -3.60 12.32 12.96
N GLY A 45 -4.40 11.85 11.99
CA GLY A 45 -4.53 12.49 10.69
C GLY A 45 -3.22 12.43 9.90
N GLY A 46 -2.81 11.21 9.54
CA GLY A 46 -1.52 10.99 8.88
C GLY A 46 -1.66 10.36 7.50
N GLU A 47 -2.70 10.75 6.74
CA GLU A 47 -2.85 10.37 5.33
C GLU A 47 -1.82 11.11 4.46
N GLU A 48 -1.78 12.44 4.64
CA GLU A 48 -0.97 13.37 3.82
C GLU A 48 0.52 12.97 3.71
N VAL A 49 1.10 12.45 4.81
CA VAL A 49 2.53 12.14 4.91
C VAL A 49 2.94 10.92 4.04
N LEU A 50 1.98 10.02 3.78
CA LEU A 50 2.25 8.73 3.09
C LEU A 50 1.53 8.61 1.75
N ARG A 51 0.50 9.46 1.55
CA ARG A 51 -0.37 9.43 0.35
C ARG A 51 0.44 9.76 -0.92
N GLU A 52 1.58 10.45 -0.72
CA GLU A 52 2.52 10.79 -1.79
C GLU A 52 3.23 9.54 -2.35
N GLN A 53 3.76 8.69 -1.46
CA GLN A 53 4.50 7.44 -1.84
C GLN A 53 3.57 6.22 -1.92
N ALA A 54 2.28 6.39 -1.53
CA ALA A 54 1.28 5.32 -1.63
C ALA A 54 1.00 4.97 -3.10
N GLY A 55 0.52 3.73 -3.35
CA GLY A 55 0.28 3.26 -4.72
C GLY A 55 1.56 3.06 -5.51
N GLY A 56 2.64 2.67 -4.81
CA GLY A 56 3.93 2.39 -5.44
C GLY A 56 4.98 1.93 -4.45
N ASP A 57 5.32 2.80 -3.47
CA ASP A 57 6.38 2.52 -2.47
C ASP A 57 5.78 2.10 -1.12
N ALA A 58 6.55 1.28 -0.39
CA ALA A 58 6.31 0.91 1.00
C ALA A 58 7.61 0.48 1.68
N THR A 59 8.64 0.16 0.85
CA THR A 59 9.95 -0.30 1.34
C THR A 59 10.56 0.73 2.29
N GLU A 60 10.42 2.00 1.90
CA GLU A 60 10.82 3.15 2.71
C GLU A 60 9.58 3.71 3.45
N ASN A 61 8.52 4.02 2.66
CA ASN A 61 7.33 4.77 3.12
C ASN A 61 6.66 4.16 4.37
N PHE A 62 6.25 2.88 4.28
CA PHE A 62 5.41 2.20 5.30
C PHE A 62 6.08 2.24 6.71
N GLU A 63 7.43 2.28 6.73
CA GLU A 63 8.21 2.32 7.98
C GLU A 63 8.59 3.77 8.36
N ASP A 64 8.80 4.61 7.33
CA ASP A 64 9.24 6.01 7.47
C ASP A 64 8.14 6.84 8.15
N VAL A 65 6.98 6.85 7.49
CA VAL A 65 5.76 7.50 7.98
C VAL A 65 5.20 6.76 9.20
N GLY A 66 5.54 5.46 9.28
CA GLY A 66 5.10 4.58 10.33
C GLY A 66 5.72 4.89 11.68
N PHE A 67 5.12 4.30 12.73
CA PHE A 67 5.72 4.30 14.06
C PHE A 67 6.98 3.41 14.02
N SER A 68 8.07 3.86 14.65
CA SER A 68 9.43 3.29 14.52
C SER A 68 9.45 1.74 14.64
N THR A 69 8.82 1.19 15.68
CA THR A 69 8.74 -0.25 15.89
C THR A 69 7.38 -0.79 15.38
N ASP A 70 6.28 -0.08 15.74
CA ASP A 70 4.89 -0.56 15.52
C ASP A 70 4.63 -0.87 14.06
N ALA A 71 5.03 0.04 13.15
CA ALA A 71 4.81 -0.08 11.68
C ALA A 71 5.29 -1.44 11.14
N ARG A 72 6.41 -1.90 11.68
CA ARG A 72 7.09 -3.13 11.23
C ARG A 72 6.22 -4.36 11.57
N GLU A 73 5.65 -4.39 12.79
CA GLU A 73 4.76 -5.48 13.24
C GLU A 73 3.31 -5.25 12.79
N LEU A 74 3.01 -4.02 12.33
CA LEU A 74 1.70 -3.69 11.75
C LEU A 74 1.62 -4.23 10.31
N SER A 75 2.80 -4.46 9.68
CA SER A 75 2.89 -5.07 8.34
C SER A 75 2.22 -6.48 8.36
N LYS A 76 2.63 -7.32 9.32
CA LYS A 76 2.09 -8.69 9.46
C LYS A 76 0.63 -8.71 9.96
N LYS A 77 0.05 -7.54 10.29
CA LYS A 77 -1.38 -7.39 10.62
C LYS A 77 -2.14 -6.93 9.36
N TYR A 78 -1.56 -5.95 8.65
CA TYR A 78 -2.21 -5.29 7.51
C TYR A 78 -1.90 -6.02 6.21
N ILE A 79 -1.49 -7.30 6.30
CA ILE A 79 -1.33 -8.14 5.13
C ILE A 79 -2.73 -8.46 4.56
N ILE A 80 -3.17 -7.60 3.62
CA ILE A 80 -4.52 -7.65 3.02
C ILE A 80 -4.51 -8.58 1.79
N GLY A 81 -3.30 -8.86 1.28
CA GLY A 81 -3.13 -9.76 0.15
C GLY A 81 -1.83 -9.59 -0.54
N GLU A 82 -1.80 -9.93 -1.82
CA GLU A 82 -0.62 -9.81 -2.66
C GLU A 82 -0.96 -8.96 -3.88
N LEU A 83 -0.04 -8.06 -4.24
CA LEU A 83 -0.14 -7.30 -5.47
C LEU A 83 0.10 -8.26 -6.66
N HIS A 84 -0.53 -7.95 -7.80
CA HIS A 84 -0.44 -8.73 -9.02
C HIS A 84 1.04 -8.77 -9.48
N PRO A 85 1.67 -9.99 -9.60
CA PRO A 85 3.12 -10.15 -9.89
C PRO A 85 3.63 -9.30 -11.08
N ASP A 86 2.73 -9.00 -12.03
CA ASP A 86 3.02 -8.13 -13.18
C ASP A 86 3.05 -6.64 -12.78
N ASP A 87 1.99 -6.20 -12.07
CA ASP A 87 1.73 -4.77 -11.82
C ASP A 87 2.69 -4.16 -10.79
N ARG A 88 3.22 -4.99 -9.88
CA ARG A 88 4.21 -4.56 -8.88
C ARG A 88 5.56 -4.23 -9.55
N SER A 89 5.82 -4.92 -10.68
CA SER A 89 7.03 -4.71 -11.50
C SER A 89 6.83 -3.53 -12.46
N LYS A 90 5.56 -3.29 -12.88
CA LYS A 90 5.19 -2.16 -13.76
C LYS A 90 5.47 -0.82 -13.08
N ILE A 91 4.74 -0.56 -11.99
CA ILE A 91 4.75 0.74 -11.28
C ILE A 91 5.53 0.58 -9.95
N ALA A 92 6.76 0.04 -10.05
CA ALA A 92 7.64 -0.21 -8.88
C ALA A 92 7.80 1.07 -8.04
N LYS A 93 7.80 2.23 -8.73
CA LYS A 93 7.75 3.57 -8.13
C LYS A 93 7.08 4.55 -9.12
N PRO A 94 6.07 5.38 -8.66
CA PRO A 94 5.36 6.34 -9.55
C PRO A 94 6.24 7.54 -10.00
N SER A 95 5.80 8.21 -11.07
CA SER A 95 6.50 9.36 -11.69
C SER A 95 5.70 10.65 -11.47
N GLU A 96 6.36 11.81 -11.73
CA GLU A 96 5.72 13.14 -11.64
C GLU A 96 4.69 13.35 -12.77
N THR A 97 4.87 12.59 -13.87
CA THR A 97 3.98 12.67 -15.04
C THR A 97 3.18 11.37 -15.22
N LEU A 98 3.82 10.19 -15.07
CA LEU A 98 3.13 8.88 -15.14
C LEU A 98 2.68 8.43 -13.72
N ALA A 1 -19.00 -11.14 -7.36
CA ALA A 1 -17.90 -11.95 -7.92
C ALA A 1 -16.78 -12.11 -6.89
N GLU A 2 -16.62 -13.33 -6.36
CA GLU A 2 -15.50 -13.70 -5.48
C GLU A 2 -14.54 -14.62 -6.24
N GLN A 3 -13.25 -14.52 -5.93
CA GLN A 3 -12.21 -15.38 -6.53
C GLN A 3 -11.83 -16.51 -5.55
N SER A 4 -11.03 -17.47 -6.06
CA SER A 4 -10.50 -18.60 -5.28
C SER A 4 -9.60 -18.11 -4.13
N ASP A 5 -8.87 -17.05 -4.40
CA ASP A 5 -7.96 -16.41 -3.45
C ASP A 5 -8.68 -15.22 -2.78
N LYS A 6 -9.81 -15.54 -2.12
CA LYS A 6 -10.66 -14.56 -1.39
C LYS A 6 -9.89 -13.96 -0.20
N ASP A 7 -9.01 -14.77 0.37
CA ASP A 7 -8.19 -14.41 1.54
C ASP A 7 -7.00 -13.54 1.09
N VAL A 8 -6.28 -14.00 0.05
CA VAL A 8 -5.13 -13.30 -0.53
C VAL A 8 -5.50 -12.71 -1.92
N LYS A 9 -6.11 -11.51 -1.90
CA LYS A 9 -6.69 -10.90 -3.11
C LYS A 9 -5.60 -10.17 -3.91
N TYR A 10 -5.66 -10.33 -5.24
CA TYR A 10 -4.78 -9.64 -6.17
C TYR A 10 -5.26 -8.20 -6.37
N TYR A 11 -4.66 -7.27 -5.62
CA TYR A 11 -4.81 -5.83 -5.87
C TYR A 11 -3.86 -5.45 -7.00
N THR A 12 -4.29 -4.51 -7.86
CA THR A 12 -3.43 -3.95 -8.90
C THR A 12 -2.92 -2.58 -8.43
N LEU A 13 -1.64 -2.29 -8.71
CA LEU A 13 -1.00 -1.02 -8.34
C LEU A 13 -1.61 0.15 -9.15
N GLU A 14 -2.19 -0.22 -10.31
CA GLU A 14 -2.99 0.69 -11.18
C GLU A 14 -4.21 1.23 -10.41
N GLU A 15 -4.88 0.35 -9.64
CA GLU A 15 -6.00 0.74 -8.75
C GLU A 15 -5.54 1.72 -7.68
N ILE A 16 -4.40 1.39 -7.05
CA ILE A 16 -3.89 2.11 -5.88
C ILE A 16 -3.31 3.48 -6.28
N GLN A 17 -2.92 3.60 -7.57
CA GLN A 17 -2.43 4.85 -8.19
C GLN A 17 -3.44 6.00 -7.97
N LYS A 18 -4.73 5.65 -7.89
CA LYS A 18 -5.83 6.58 -7.60
C LYS A 18 -6.06 6.63 -6.07
N HIS A 19 -4.98 6.97 -5.36
CA HIS A 19 -4.96 7.14 -3.89
C HIS A 19 -5.36 8.58 -3.54
N LYS A 20 -6.57 8.98 -3.96
CA LYS A 20 -7.08 10.35 -3.73
C LYS A 20 -7.76 10.40 -2.36
N ASP A 21 -8.59 9.38 -2.10
CA ASP A 21 -9.24 9.15 -0.81
C ASP A 21 -8.33 8.27 0.05
N SER A 22 -8.47 8.42 1.38
CA SER A 22 -7.78 7.57 2.37
C SER A 22 -8.21 6.10 2.24
N LYS A 23 -9.48 5.91 1.82
CA LYS A 23 -10.08 4.56 1.67
C LYS A 23 -9.57 3.85 0.40
N SER A 24 -9.03 4.64 -0.56
CA SER A 24 -8.43 4.12 -1.79
C SER A 24 -6.88 4.16 -1.70
N THR A 25 -6.35 4.29 -0.47
CA THR A 25 -4.91 4.38 -0.22
C THR A 25 -4.41 3.04 0.35
N TRP A 26 -3.54 2.37 -0.42
CA TRP A 26 -2.86 1.12 -0.03
C TRP A 26 -1.37 1.26 -0.37
N VAL A 27 -0.55 0.33 0.11
CA VAL A 27 0.92 0.34 -0.12
C VAL A 27 1.44 -1.08 -0.39
N ILE A 28 2.66 -1.17 -1.00
CA ILE A 28 3.28 -2.47 -1.35
C ILE A 28 4.74 -2.53 -0.88
N LEU A 29 5.09 -3.60 -0.14
CA LEU A 29 6.46 -3.79 0.38
C LEU A 29 7.42 -4.22 -0.74
N HIS A 30 6.87 -4.87 -1.78
CA HIS A 30 7.62 -5.28 -2.99
C HIS A 30 6.67 -5.92 -4.02
N HIS A 31 5.97 -6.98 -3.58
CA HIS A 31 5.06 -7.78 -4.42
C HIS A 31 3.71 -8.01 -3.69
N LYS A 32 3.68 -7.80 -2.38
CA LYS A 32 2.46 -8.03 -1.57
C LYS A 32 1.84 -6.67 -1.20
N VAL A 33 0.50 -6.62 -1.08
CA VAL A 33 -0.22 -5.37 -0.79
C VAL A 33 -0.75 -5.40 0.66
N TYR A 34 -0.72 -4.24 1.30
CA TYR A 34 -1.17 -4.05 2.66
C TYR A 34 -2.10 -2.85 2.69
N ASP A 35 -3.07 -2.91 3.61
CA ASP A 35 -4.02 -1.84 3.83
C ASP A 35 -3.30 -0.64 4.45
N LEU A 36 -3.49 0.53 3.86
CA LEU A 36 -2.92 1.79 4.37
C LEU A 36 -4.04 2.66 4.95
N THR A 37 -5.28 2.44 4.46
CA THR A 37 -6.51 3.17 4.88
C THR A 37 -6.61 3.36 6.42
N LYS A 38 -6.33 2.27 7.14
CA LYS A 38 -6.38 2.25 8.61
C LYS A 38 -5.04 2.75 9.22
N PHE A 39 -3.93 2.49 8.51
CA PHE A 39 -2.56 2.83 8.98
C PHE A 39 -2.35 4.34 9.13
N LEU A 40 -2.91 5.11 8.19
CA LEU A 40 -2.83 6.58 8.22
C LEU A 40 -3.73 7.16 9.34
N GLU A 41 -4.76 6.36 9.76
CA GLU A 41 -5.67 6.72 10.87
C GLU A 41 -5.03 6.45 12.24
N GLU A 42 -3.90 5.72 12.25
CA GLU A 42 -3.06 5.53 13.45
C GLU A 42 -2.27 6.80 13.78
N PHE A 43 -1.99 7.61 12.74
CA PHE A 43 -1.36 8.93 12.90
C PHE A 43 -2.47 9.99 12.88
N PRO A 44 -2.43 11.04 13.78
CA PRO A 44 -3.43 12.13 13.77
C PRO A 44 -3.43 12.90 12.42
N GLY A 45 -4.39 12.54 11.53
CA GLY A 45 -4.48 13.13 10.18
C GLY A 45 -3.28 12.78 9.30
N GLY A 46 -2.77 11.54 9.46
CA GLY A 46 -1.47 11.14 8.90
C GLY A 46 -1.54 10.62 7.48
N GLU A 47 -2.56 11.05 6.71
CA GLU A 47 -2.67 10.71 5.28
C GLU A 47 -1.61 11.46 4.46
N GLU A 48 -1.45 12.76 4.74
CA GLU A 48 -0.62 13.67 3.92
C GLU A 48 0.88 13.26 3.86
N VAL A 49 1.38 12.65 4.94
CA VAL A 49 2.83 12.32 5.09
C VAL A 49 3.26 11.08 4.26
N LEU A 50 2.30 10.19 3.93
CA LEU A 50 2.60 8.88 3.31
C LEU A 50 1.95 8.70 1.92
N ARG A 51 0.84 9.45 1.68
CA ARG A 51 -0.06 9.21 0.53
C ARG A 51 0.65 9.41 -0.83
N GLU A 52 1.60 10.35 -0.88
CA GLU A 52 2.39 10.64 -2.09
C GLU A 52 3.26 9.43 -2.49
N GLN A 53 3.74 8.67 -1.49
CA GLN A 53 4.52 7.44 -1.71
C GLN A 53 3.61 6.20 -1.76
N ALA A 54 2.37 6.32 -1.23
CA ALA A 54 1.36 5.25 -1.30
C ALA A 54 0.90 5.08 -2.76
N GLY A 55 0.62 3.83 -3.16
CA GLY A 55 0.41 3.51 -4.58
C GLY A 55 1.71 3.41 -5.36
N GLY A 56 2.82 3.18 -4.63
CA GLY A 56 4.14 3.04 -5.22
C GLY A 56 5.07 2.26 -4.31
N ASP A 57 5.52 2.90 -3.21
CA ASP A 57 6.47 2.32 -2.25
C ASP A 57 5.82 2.05 -0.88
N ALA A 58 6.42 1.08 -0.17
CA ALA A 58 6.21 0.83 1.26
C ALA A 58 7.42 0.10 1.85
N THR A 59 8.40 -0.25 0.98
CA THR A 59 9.63 -0.94 1.38
C THR A 59 10.39 -0.09 2.40
N GLU A 60 10.38 1.23 2.11
CA GLU A 60 10.91 2.26 3.02
C GLU A 60 9.74 3.00 3.70
N ASN A 61 8.71 3.37 2.90
CA ASN A 61 7.62 4.30 3.31
C ASN A 61 6.82 3.81 4.53
N PHE A 62 6.27 2.58 4.47
CA PHE A 62 5.40 1.99 5.53
C PHE A 62 6.15 1.94 6.90
N GLU A 63 7.48 1.82 6.83
CA GLU A 63 8.37 1.79 7.99
C GLU A 63 8.77 3.22 8.43
N ASP A 64 8.97 4.10 7.43
CA ASP A 64 9.54 5.46 7.63
C ASP A 64 8.52 6.38 8.32
N VAL A 65 7.34 6.46 7.71
CA VAL A 65 6.23 7.29 8.21
C VAL A 65 5.61 6.64 9.47
N GLY A 66 5.83 5.32 9.60
CA GLY A 66 5.25 4.52 10.67
C GLY A 66 5.99 4.63 11.99
N PHE A 67 5.39 4.03 13.03
CA PHE A 67 5.95 4.04 14.39
C PHE A 67 7.25 3.19 14.45
N SER A 68 7.97 3.32 15.57
CA SER A 68 9.30 2.73 15.77
C SER A 68 9.31 1.19 15.55
N THR A 69 8.66 0.44 16.44
CA THR A 69 8.55 -1.02 16.34
C THR A 69 7.20 -1.46 15.74
N ASP A 70 6.14 -0.66 15.98
CA ASP A 70 4.76 -0.99 15.56
C ASP A 70 4.66 -1.18 14.04
N ALA A 71 5.09 -0.18 13.25
CA ALA A 71 4.97 -0.21 11.77
C ALA A 71 5.63 -1.46 11.16
N ARG A 72 6.69 -1.91 11.80
CA ARG A 72 7.51 -3.04 11.33
C ARG A 72 6.77 -4.38 11.53
N GLU A 73 5.89 -4.45 12.55
CA GLU A 73 5.03 -5.64 12.77
C GLU A 73 3.66 -5.47 12.07
N LEU A 74 3.26 -4.21 11.81
CA LEU A 74 1.93 -3.91 11.23
C LEU A 74 1.77 -4.43 9.78
N SER A 75 2.85 -4.97 9.19
CA SER A 75 2.77 -5.70 7.90
C SER A 75 1.77 -6.87 8.01
N LYS A 76 1.99 -7.78 8.99
CA LYS A 76 1.13 -8.98 9.20
C LYS A 76 -0.27 -8.61 9.77
N LYS A 77 -0.45 -7.35 10.20
CA LYS A 77 -1.73 -6.85 10.74
C LYS A 77 -2.63 -6.42 9.57
N TYR A 78 -2.07 -5.60 8.66
CA TYR A 78 -2.81 -5.00 7.53
C TYR A 78 -2.76 -5.87 6.28
N ILE A 79 -2.57 -7.19 6.46
CA ILE A 79 -2.54 -8.14 5.33
C ILE A 79 -3.97 -8.26 4.75
N ILE A 80 -4.10 -7.86 3.49
CA ILE A 80 -5.39 -7.82 2.78
C ILE A 80 -5.32 -8.69 1.50
N GLY A 81 -4.08 -8.91 1.03
CA GLY A 81 -3.81 -9.80 -0.09
C GLY A 81 -2.41 -9.58 -0.64
N GLU A 82 -2.20 -9.92 -1.91
CA GLU A 82 -0.92 -9.64 -2.60
C GLU A 82 -1.16 -8.69 -3.76
N LEU A 83 -0.13 -7.92 -4.12
CA LEU A 83 -0.16 -7.05 -5.29
C LEU A 83 0.09 -7.93 -6.53
N HIS A 84 -0.57 -7.57 -7.64
CA HIS A 84 -0.52 -8.27 -8.92
C HIS A 84 0.94 -8.39 -9.41
N PRO A 85 1.48 -9.65 -9.58
CA PRO A 85 2.87 -9.92 -10.00
C PRO A 85 3.42 -8.98 -11.10
N ASP A 86 2.56 -8.68 -12.09
CA ASP A 86 2.86 -7.74 -13.18
C ASP A 86 2.95 -6.30 -12.64
N ASP A 87 1.89 -5.86 -11.94
CA ASP A 87 1.67 -4.43 -11.57
C ASP A 87 2.77 -3.86 -10.65
N ARG A 88 3.32 -4.71 -9.75
CA ARG A 88 4.36 -4.27 -8.79
C ARG A 88 5.68 -3.89 -9.49
N SER A 89 5.92 -4.50 -10.68
CA SER A 89 7.07 -4.19 -11.54
C SER A 89 6.68 -3.16 -12.62
N LYS A 90 5.38 -3.15 -12.98
CA LYS A 90 4.81 -2.28 -14.03
C LYS A 90 4.91 -0.80 -13.65
N ILE A 91 4.39 -0.47 -12.45
CA ILE A 91 4.36 0.91 -11.93
C ILE A 91 5.37 1.00 -10.75
N ALA A 92 6.49 0.27 -10.89
CA ALA A 92 7.60 0.31 -9.92
C ALA A 92 8.25 1.70 -9.91
N LYS A 93 8.27 2.36 -11.10
CA LYS A 93 8.76 3.74 -11.26
C LYS A 93 7.99 4.44 -12.43
N PRO A 94 6.82 5.09 -12.14
CA PRO A 94 6.00 5.76 -13.18
C PRO A 94 6.67 7.04 -13.75
N SER A 95 6.55 7.24 -15.07
CA SER A 95 7.15 8.40 -15.76
C SER A 95 6.03 9.30 -16.33
N GLU A 96 6.00 10.55 -15.85
CA GLU A 96 5.08 11.61 -16.36
C GLU A 96 5.32 11.92 -17.87
N THR A 97 6.56 11.68 -18.34
CA THR A 97 6.95 11.87 -19.75
C THR A 97 6.52 10.69 -20.65
N LEU A 98 6.14 9.56 -20.01
CA LEU A 98 5.70 8.34 -20.71
C LEU A 98 4.16 8.22 -20.57
N ALA A 1 -17.08 -8.74 -5.02
CA ALA A 1 -15.81 -9.33 -5.43
C ALA A 1 -15.68 -10.75 -4.85
N GLU A 2 -16.04 -11.76 -5.66
CA GLU A 2 -16.05 -13.18 -5.26
C GLU A 2 -14.81 -13.89 -5.83
N GLN A 3 -13.63 -13.56 -5.27
CA GLN A 3 -12.34 -14.19 -5.67
C GLN A 3 -12.16 -15.54 -4.93
N SER A 4 -11.21 -16.34 -5.46
CA SER A 4 -10.85 -17.64 -4.88
C SER A 4 -10.32 -17.47 -3.46
N ASP A 5 -9.40 -16.51 -3.29
CA ASP A 5 -8.81 -16.18 -2.00
C ASP A 5 -9.35 -14.82 -1.56
N LYS A 6 -10.46 -14.82 -0.81
CA LYS A 6 -11.07 -13.59 -0.27
C LYS A 6 -10.25 -13.06 0.93
N ASP A 7 -9.18 -13.79 1.30
CA ASP A 7 -8.12 -13.31 2.19
C ASP A 7 -6.94 -12.79 1.34
N VAL A 8 -6.34 -13.67 0.52
CA VAL A 8 -5.20 -13.31 -0.37
C VAL A 8 -5.75 -12.68 -1.67
N LYS A 9 -6.16 -11.42 -1.56
CA LYS A 9 -6.81 -10.68 -2.63
C LYS A 9 -5.75 -10.02 -3.54
N TYR A 10 -5.81 -10.35 -4.84
CA TYR A 10 -4.88 -9.81 -5.86
C TYR A 10 -5.30 -8.40 -6.25
N TYR A 11 -4.68 -7.42 -5.57
CA TYR A 11 -4.81 -5.99 -5.92
C TYR A 11 -3.89 -5.70 -7.09
N THR A 12 -4.24 -4.71 -7.91
CA THR A 12 -3.38 -4.21 -8.99
C THR A 12 -2.88 -2.83 -8.60
N LEU A 13 -1.63 -2.52 -8.94
CA LEU A 13 -0.99 -1.24 -8.60
C LEU A 13 -1.57 -0.11 -9.47
N GLU A 14 -2.16 -0.51 -10.62
CA GLU A 14 -2.99 0.35 -11.47
C GLU A 14 -4.24 0.83 -10.71
N GLU A 15 -4.83 -0.09 -9.92
CA GLU A 15 -5.98 0.21 -9.04
C GLU A 15 -5.55 1.18 -7.92
N ILE A 16 -4.38 0.86 -7.30
CA ILE A 16 -3.86 1.61 -6.14
C ILE A 16 -3.21 2.94 -6.57
N GLN A 17 -3.04 3.14 -7.89
CA GLN A 17 -2.57 4.43 -8.45
C GLN A 17 -3.60 5.56 -8.19
N LYS A 18 -4.84 5.16 -7.85
CA LYS A 18 -5.92 6.06 -7.38
C LYS A 18 -5.74 6.40 -5.86
N HIS A 19 -4.48 6.38 -5.35
CA HIS A 19 -4.15 6.54 -3.91
C HIS A 19 -4.36 7.98 -3.38
N LYS A 20 -4.89 8.90 -4.22
CA LYS A 20 -5.14 10.30 -3.83
C LYS A 20 -6.18 10.38 -2.70
N ASP A 21 -7.18 9.46 -2.71
CA ASP A 21 -8.17 9.33 -1.62
C ASP A 21 -7.62 8.41 -0.54
N SER A 22 -7.90 8.77 0.73
CA SER A 22 -7.46 8.06 1.94
C SER A 22 -7.99 6.62 2.00
N LYS A 23 -9.14 6.40 1.33
CA LYS A 23 -9.88 5.12 1.34
C LYS A 23 -9.34 4.16 0.26
N SER A 24 -8.66 4.71 -0.75
CA SER A 24 -8.04 3.95 -1.84
C SER A 24 -6.50 3.98 -1.69
N THR A 25 -6.04 4.08 -0.43
CA THR A 25 -4.61 4.19 -0.11
C THR A 25 -4.13 2.83 0.41
N TRP A 26 -3.33 2.15 -0.42
CA TRP A 26 -2.65 0.88 -0.05
C TRP A 26 -1.17 1.00 -0.48
N VAL A 27 -0.28 0.18 0.11
CA VAL A 27 1.18 0.20 -0.22
C VAL A 27 1.68 -1.21 -0.53
N ILE A 28 2.79 -1.29 -1.29
CA ILE A 28 3.41 -2.58 -1.67
C ILE A 28 4.92 -2.52 -1.44
N LEU A 29 5.49 -3.61 -0.88
CA LEU A 29 6.93 -3.72 -0.61
C LEU A 29 7.68 -4.04 -1.92
N HIS A 30 7.11 -4.97 -2.71
CA HIS A 30 7.71 -5.40 -4.00
C HIS A 30 6.76 -6.34 -4.77
N HIS A 31 6.03 -7.20 -4.03
CA HIS A 31 5.09 -8.19 -4.64
C HIS A 31 3.72 -8.19 -3.94
N LYS A 32 3.70 -7.91 -2.63
CA LYS A 32 2.53 -8.10 -1.77
C LYS A 32 1.98 -6.73 -1.33
N VAL A 33 0.64 -6.67 -1.13
CA VAL A 33 -0.06 -5.43 -0.79
C VAL A 33 -0.53 -5.49 0.68
N TYR A 34 -0.39 -4.35 1.37
CA TYR A 34 -0.85 -4.16 2.75
C TYR A 34 -1.75 -2.93 2.81
N ASP A 35 -2.77 -3.00 3.69
CA ASP A 35 -3.75 -1.93 3.87
C ASP A 35 -3.10 -0.72 4.54
N LEU A 36 -3.19 0.43 3.86
CA LEU A 36 -2.69 1.71 4.36
C LEU A 36 -3.88 2.59 4.78
N THR A 37 -5.09 2.24 4.28
CA THR A 37 -6.34 3.00 4.50
C THR A 37 -6.60 3.26 6.01
N LYS A 38 -6.38 2.23 6.83
CA LYS A 38 -6.57 2.29 8.29
C LYS A 38 -5.21 2.61 8.97
N PHE A 39 -4.09 2.23 8.32
CA PHE A 39 -2.73 2.47 8.85
C PHE A 39 -2.45 3.98 9.00
N LEU A 40 -3.08 4.81 8.15
CA LEU A 40 -2.93 6.28 8.23
C LEU A 40 -3.76 6.86 9.40
N GLU A 41 -4.90 6.19 9.69
CA GLU A 41 -5.77 6.55 10.82
C GLU A 41 -5.11 6.21 12.16
N GLU A 42 -4.09 5.33 12.10
CA GLU A 42 -3.26 4.96 13.26
C GLU A 42 -2.49 6.20 13.79
N PHE A 43 -2.24 7.17 12.88
CA PHE A 43 -1.52 8.41 13.18
C PHE A 43 -2.53 9.57 13.30
N PRO A 44 -2.35 10.51 14.30
CA PRO A 44 -3.21 11.71 14.43
C PRO A 44 -3.02 12.68 13.23
N GLY A 45 -3.90 12.52 12.21
CA GLY A 45 -3.85 13.34 10.99
C GLY A 45 -2.66 13.00 10.10
N GLY A 46 -2.20 11.73 10.14
CA GLY A 46 -1.01 11.29 9.41
C GLY A 46 -1.34 10.72 8.04
N GLU A 47 -2.47 11.15 7.48
CA GLU A 47 -2.93 10.77 6.13
C GLU A 47 -2.05 11.44 5.04
N GLU A 48 -1.68 12.70 5.28
CA GLU A 48 -0.89 13.52 4.34
C GLU A 48 0.52 12.93 4.06
N VAL A 49 1.19 12.45 5.13
CA VAL A 49 2.63 12.12 5.10
C VAL A 49 2.96 10.87 4.24
N LEU A 50 1.96 10.01 4.04
CA LEU A 50 2.13 8.68 3.38
C LEU A 50 1.30 8.56 2.08
N ARG A 51 0.40 9.55 1.87
CA ARG A 51 -0.56 9.60 0.74
C ARG A 51 0.16 9.50 -0.63
N GLU A 52 1.30 10.20 -0.72
CA GLU A 52 2.05 10.41 -1.97
C GLU A 52 2.72 9.12 -2.47
N GLN A 53 3.53 8.51 -1.59
CA GLN A 53 4.34 7.30 -1.92
C GLN A 53 3.52 6.00 -1.84
N ALA A 54 2.24 6.11 -1.44
CA ALA A 54 1.28 5.01 -1.55
C ALA A 54 1.03 4.68 -3.03
N GLY A 55 0.69 3.41 -3.33
CA GLY A 55 0.51 2.96 -4.71
C GLY A 55 1.81 2.91 -5.50
N GLY A 56 2.91 2.59 -4.79
CA GLY A 56 4.24 2.48 -5.39
C GLY A 56 5.26 1.93 -4.41
N ASP A 57 5.49 2.67 -3.31
CA ASP A 57 6.54 2.35 -2.30
C ASP A 57 5.92 1.90 -0.96
N ALA A 58 6.73 1.21 -0.16
CA ALA A 58 6.41 0.81 1.23
C ALA A 58 7.68 0.48 2.01
N THR A 59 8.73 0.08 1.26
CA THR A 59 10.04 -0.31 1.82
C THR A 59 10.65 0.83 2.65
N GLU A 60 10.46 2.07 2.19
CA GLU A 60 10.83 3.27 2.95
C GLU A 60 9.59 3.83 3.65
N ASN A 61 8.50 4.01 2.86
CA ASN A 61 7.28 4.75 3.27
C ASN A 61 6.61 4.14 4.50
N PHE A 62 6.05 2.92 4.34
CA PHE A 62 5.20 2.23 5.36
C PHE A 62 5.83 2.20 6.77
N GLU A 63 7.18 2.15 6.82
CA GLU A 63 7.93 2.03 8.07
C GLU A 63 8.36 3.42 8.63
N ASP A 64 8.73 4.34 7.72
CA ASP A 64 9.29 5.66 8.10
C ASP A 64 8.17 6.58 8.61
N VAL A 65 7.07 6.65 7.85
CA VAL A 65 5.86 7.41 8.23
C VAL A 65 5.23 6.82 9.50
N GLY A 66 5.50 5.53 9.73
CA GLY A 66 4.96 4.78 10.84
C GLY A 66 5.81 4.84 12.08
N PHE A 67 5.20 4.46 13.22
CA PHE A 67 5.90 4.36 14.51
C PHE A 67 7.04 3.31 14.40
N SER A 68 8.18 3.58 15.06
CA SER A 68 9.42 2.77 14.93
C SER A 68 9.20 1.26 15.19
N THR A 69 8.36 0.95 16.19
CA THR A 69 8.05 -0.43 16.59
C THR A 69 6.80 -0.96 15.86
N ASP A 70 5.74 -0.13 15.86
CA ASP A 70 4.40 -0.52 15.39
C ASP A 70 4.39 -0.81 13.89
N ALA A 71 4.93 0.12 13.08
CA ALA A 71 4.94 0.03 11.59
C ALA A 71 5.53 -1.29 11.08
N ARG A 72 6.56 -1.78 11.78
CA ARG A 72 7.29 -2.99 11.39
C ARG A 72 6.42 -4.25 11.61
N GLU A 73 5.73 -4.33 12.76
CA GLU A 73 4.87 -5.49 13.10
C GLU A 73 3.48 -5.37 12.44
N LEU A 74 3.06 -4.14 12.12
CA LEU A 74 1.70 -3.85 11.59
C LEU A 74 1.55 -4.30 10.13
N SER A 75 2.66 -4.70 9.47
CA SER A 75 2.61 -5.28 8.11
C SER A 75 1.72 -6.54 8.10
N LYS A 76 2.09 -7.56 8.91
CA LYS A 76 1.33 -8.83 9.01
C LYS A 76 -0.08 -8.66 9.64
N LYS A 77 -0.36 -7.45 10.19
CA LYS A 77 -1.68 -7.09 10.71
C LYS A 77 -2.58 -6.60 9.57
N TYR A 78 -2.02 -5.75 8.68
CA TYR A 78 -2.74 -5.17 7.54
C TYR A 78 -2.57 -6.03 6.27
N ILE A 79 -2.39 -7.35 6.44
CA ILE A 79 -2.31 -8.28 5.30
C ILE A 79 -3.71 -8.40 4.65
N ILE A 80 -3.86 -7.69 3.53
CA ILE A 80 -5.14 -7.58 2.80
C ILE A 80 -5.11 -8.44 1.51
N GLY A 81 -3.90 -8.92 1.16
CA GLY A 81 -3.68 -9.81 0.03
C GLY A 81 -2.30 -9.64 -0.55
N GLU A 82 -2.16 -9.86 -1.85
CA GLU A 82 -0.90 -9.60 -2.58
C GLU A 82 -1.18 -8.74 -3.82
N LEU A 83 -0.17 -7.99 -4.23
CA LEU A 83 -0.21 -7.20 -5.47
C LEU A 83 0.00 -8.14 -6.68
N HIS A 84 -0.60 -7.76 -7.81
CA HIS A 84 -0.58 -8.54 -9.05
C HIS A 84 0.87 -8.51 -9.62
N PRO A 85 1.50 -9.72 -9.85
CA PRO A 85 2.91 -9.85 -10.31
C PRO A 85 3.27 -8.98 -11.56
N ASP A 86 2.25 -8.69 -12.38
CA ASP A 86 2.39 -7.80 -13.56
C ASP A 86 2.56 -6.33 -13.12
N ASP A 87 1.67 -5.88 -12.22
CA ASP A 87 1.48 -4.46 -11.89
C ASP A 87 2.56 -3.92 -10.95
N ARG A 88 3.14 -4.81 -10.13
CA ARG A 88 4.22 -4.44 -9.19
C ARG A 88 5.48 -3.99 -9.97
N SER A 89 5.65 -4.54 -11.17
CA SER A 89 6.75 -4.22 -12.09
C SER A 89 6.46 -2.90 -12.84
N LYS A 90 5.17 -2.60 -13.06
CA LYS A 90 4.73 -1.42 -13.81
C LYS A 90 4.97 -0.13 -12.99
N ILE A 91 4.17 0.05 -11.91
CA ILE A 91 4.02 1.36 -11.24
C ILE A 91 4.78 1.39 -9.88
N ALA A 92 5.82 0.55 -9.76
CA ALA A 92 6.77 0.63 -8.62
C ALA A 92 7.56 1.93 -8.73
N LYS A 93 8.09 2.17 -9.93
CA LYS A 93 8.79 3.39 -10.33
C LYS A 93 8.62 3.60 -11.86
N PRO A 94 7.39 4.04 -12.31
CA PRO A 94 7.09 4.13 -13.76
C PRO A 94 7.89 5.29 -14.42
N SER A 95 7.63 6.52 -13.92
CA SER A 95 8.32 7.75 -14.34
C SER A 95 7.72 8.92 -13.54
N GLU A 96 8.44 10.05 -13.55
CA GLU A 96 7.99 11.31 -12.94
C GLU A 96 7.45 12.26 -14.03
N THR A 97 7.57 11.88 -15.31
CA THR A 97 7.24 12.74 -16.47
C THR A 97 6.59 11.94 -17.61
N LEU A 98 7.29 10.91 -18.14
CA LEU A 98 6.80 10.10 -19.30
C LEU A 98 5.93 8.92 -18.79
N ALA A 1 -9.94 -8.60 -11.55
CA ALA A 1 -9.02 -9.76 -11.59
C ALA A 1 -8.42 -9.99 -10.19
N GLU A 2 -9.10 -10.85 -9.41
CA GLU A 2 -8.69 -11.26 -8.06
C GLU A 2 -9.22 -12.66 -7.77
N GLN A 3 -8.91 -13.18 -6.58
CA GLN A 3 -9.44 -14.46 -6.10
C GLN A 3 -10.59 -14.25 -5.10
N SER A 4 -11.82 -14.55 -5.54
CA SER A 4 -13.00 -14.63 -4.66
C SER A 4 -13.15 -16.05 -4.07
N ASP A 5 -12.61 -17.05 -4.81
CA ASP A 5 -12.58 -18.47 -4.40
C ASP A 5 -11.51 -18.67 -3.30
N LYS A 6 -10.33 -18.06 -3.50
CA LYS A 6 -9.24 -18.03 -2.49
C LYS A 6 -9.40 -16.80 -1.59
N ASP A 7 -8.62 -16.79 -0.51
CA ASP A 7 -8.64 -15.74 0.51
C ASP A 7 -7.92 -14.46 0.02
N VAL A 8 -6.77 -14.66 -0.66
CA VAL A 8 -5.90 -13.57 -1.12
C VAL A 8 -6.55 -12.75 -2.26
N LYS A 9 -6.58 -11.42 -2.08
CA LYS A 9 -7.16 -10.48 -3.04
C LYS A 9 -6.05 -9.87 -3.90
N TYR A 10 -6.12 -10.10 -5.22
CA TYR A 10 -5.18 -9.49 -6.17
C TYR A 10 -5.57 -8.03 -6.40
N TYR A 11 -4.83 -7.12 -5.75
CA TYR A 11 -4.88 -5.69 -6.07
C TYR A 11 -3.90 -5.43 -7.21
N THR A 12 -4.26 -4.52 -8.11
CA THR A 12 -3.36 -4.06 -9.16
C THR A 12 -2.83 -2.69 -8.75
N LEU A 13 -1.54 -2.44 -8.98
CA LEU A 13 -0.87 -1.18 -8.59
C LEU A 13 -1.42 0.00 -9.44
N GLU A 14 -1.99 -0.39 -10.59
CA GLU A 14 -2.81 0.48 -11.44
C GLU A 14 -4.06 0.99 -10.70
N GLU A 15 -4.75 0.10 -9.99
CA GLU A 15 -5.98 0.43 -9.22
C GLU A 15 -5.61 1.31 -8.01
N ILE A 16 -4.50 0.96 -7.35
CA ILE A 16 -4.01 1.64 -6.14
C ILE A 16 -3.42 3.04 -6.49
N GLN A 17 -3.05 3.24 -7.78
CA GLN A 17 -2.62 4.57 -8.29
C GLN A 17 -3.74 5.62 -8.04
N LYS A 18 -4.99 5.15 -8.05
CA LYS A 18 -6.14 5.92 -7.55
C LYS A 18 -6.03 5.97 -6.01
N HIS A 19 -5.33 6.99 -5.50
CA HIS A 19 -5.15 7.20 -4.04
C HIS A 19 -5.34 8.67 -3.70
N LYS A 20 -6.31 9.29 -4.39
CA LYS A 20 -6.81 10.63 -4.03
C LYS A 20 -7.45 10.57 -2.64
N ASP A 21 -8.20 9.49 -2.41
CA ASP A 21 -8.94 9.27 -1.18
C ASP A 21 -8.13 8.38 -0.25
N SER A 22 -8.26 8.66 1.04
CA SER A 22 -7.63 7.91 2.14
C SER A 22 -8.19 6.48 2.23
N LYS A 23 -9.44 6.32 1.76
CA LYS A 23 -10.16 5.04 1.75
C LYS A 23 -9.67 4.14 0.60
N SER A 24 -8.96 4.75 -0.37
CA SER A 24 -8.41 4.07 -1.54
C SER A 24 -6.87 4.09 -1.50
N THR A 25 -6.31 4.14 -0.27
CA THR A 25 -4.87 4.26 -0.05
C THR A 25 -4.31 2.90 0.41
N TRP A 26 -3.47 2.27 -0.43
CA TRP A 26 -2.80 0.99 -0.11
C TRP A 26 -1.33 1.10 -0.53
N VAL A 27 -0.46 0.28 0.08
CA VAL A 27 0.99 0.29 -0.21
C VAL A 27 1.49 -1.13 -0.45
N ILE A 28 2.62 -1.23 -1.18
CA ILE A 28 3.23 -2.52 -1.54
C ILE A 28 4.71 -2.52 -1.14
N LEU A 29 5.16 -3.64 -0.56
CA LEU A 29 6.58 -3.84 -0.25
C LEU A 29 7.37 -3.96 -1.57
N HIS A 30 6.96 -4.92 -2.42
CA HIS A 30 7.63 -5.21 -3.71
C HIS A 30 6.83 -6.20 -4.59
N HIS A 31 6.01 -7.06 -3.97
CA HIS A 31 5.21 -8.08 -4.69
C HIS A 31 3.79 -8.19 -4.08
N LYS A 32 3.68 -7.98 -2.77
CA LYS A 32 2.42 -8.16 -2.01
C LYS A 32 1.86 -6.79 -1.57
N VAL A 33 0.53 -6.70 -1.38
CA VAL A 33 -0.14 -5.45 -0.98
C VAL A 33 -0.61 -5.56 0.48
N TYR A 34 -0.44 -4.46 1.21
CA TYR A 34 -0.94 -4.32 2.58
C TYR A 34 -1.77 -3.05 2.67
N ASP A 35 -2.72 -3.07 3.59
CA ASP A 35 -3.68 -1.98 3.77
C ASP A 35 -3.00 -0.77 4.42
N LEU A 36 -3.15 0.40 3.79
CA LEU A 36 -2.63 1.68 4.32
C LEU A 36 -3.81 2.55 4.82
N THR A 37 -5.03 2.28 4.26
CA THR A 37 -6.28 3.01 4.56
C THR A 37 -6.51 3.15 6.09
N LYS A 38 -6.30 2.06 6.82
CA LYS A 38 -6.45 2.01 8.27
C LYS A 38 -5.19 2.56 8.97
N PHE A 39 -4.02 2.26 8.39
CA PHE A 39 -2.71 2.59 8.97
C PHE A 39 -2.51 4.10 9.15
N LEU A 40 -3.08 4.91 8.24
CA LEU A 40 -2.99 6.37 8.30
C LEU A 40 -3.88 6.94 9.41
N GLU A 41 -4.99 6.23 9.73
CA GLU A 41 -5.91 6.59 10.82
C GLU A 41 -5.24 6.43 12.20
N GLU A 42 -4.20 5.56 12.25
CA GLU A 42 -3.36 5.36 13.45
C GLU A 42 -2.56 6.64 13.81
N PHE A 43 -2.29 7.48 12.80
CA PHE A 43 -1.60 8.77 13.00
C PHE A 43 -2.63 9.90 13.04
N PRO A 44 -2.47 10.89 13.99
CA PRO A 44 -3.37 12.07 14.05
C PRO A 44 -3.14 13.01 12.85
N GLY A 45 -3.92 12.78 11.77
CA GLY A 45 -3.80 13.54 10.52
C GLY A 45 -2.56 13.16 9.70
N GLY A 46 -2.14 11.88 9.82
CA GLY A 46 -0.98 11.35 9.08
C GLY A 46 -1.30 10.97 7.65
N GLU A 47 -2.58 11.11 7.28
CA GLU A 47 -3.14 10.95 5.92
C GLU A 47 -2.22 11.55 4.82
N GLU A 48 -1.67 12.73 5.13
CA GLU A 48 -0.84 13.51 4.19
C GLU A 48 0.51 12.83 3.86
N VAL A 49 1.21 12.33 4.89
CA VAL A 49 2.66 12.01 4.82
C VAL A 49 2.96 10.69 4.04
N LEU A 50 1.95 9.81 3.91
CA LEU A 50 2.13 8.43 3.37
C LEU A 50 1.32 8.19 2.07
N ARG A 51 0.21 8.94 1.90
CA ARG A 51 -0.75 8.73 0.79
C ARG A 51 -0.10 9.01 -0.58
N GLU A 52 0.95 9.84 -0.58
CA GLU A 52 1.75 10.12 -1.78
C GLU A 52 2.50 8.85 -2.26
N GLN A 53 3.16 8.18 -1.30
CA GLN A 53 3.96 6.96 -1.57
C GLN A 53 3.05 5.71 -1.68
N ALA A 54 1.72 5.89 -1.47
CA ALA A 54 0.73 4.84 -1.76
C ALA A 54 0.69 4.56 -3.26
N GLY A 55 0.49 3.29 -3.63
CA GLY A 55 0.60 2.87 -5.03
C GLY A 55 2.04 2.88 -5.53
N GLY A 56 3.00 2.80 -4.58
CA GLY A 56 4.43 2.87 -4.89
C GLY A 56 5.27 2.04 -3.93
N ASP A 57 5.55 2.59 -2.72
CA ASP A 57 6.51 1.98 -1.76
C ASP A 57 5.86 1.71 -0.38
N ALA A 58 6.48 0.75 0.34
CA ALA A 58 6.14 0.41 1.72
C ALA A 58 7.37 -0.14 2.47
N THR A 59 8.46 -0.51 1.74
CA THR A 59 9.69 -1.04 2.38
C THR A 59 10.28 0.01 3.31
N GLU A 60 10.42 1.23 2.78
CA GLU A 60 10.92 2.37 3.56
C GLU A 60 9.74 3.08 4.21
N ASN A 61 8.70 3.36 3.37
CA ASN A 61 7.60 4.29 3.71
C ASN A 61 6.78 3.85 4.93
N PHE A 62 6.29 2.58 4.92
CA PHE A 62 5.39 2.05 5.97
C PHE A 62 6.05 2.17 7.36
N GLU A 63 7.39 2.07 7.40
CA GLU A 63 8.18 2.18 8.64
C GLU A 63 8.65 3.64 8.88
N ASP A 64 8.79 4.42 7.78
CA ASP A 64 9.27 5.82 7.81
C ASP A 64 8.24 6.72 8.49
N VAL A 65 7.04 6.73 7.91
CA VAL A 65 5.88 7.46 8.43
C VAL A 65 5.30 6.75 9.66
N GLY A 66 5.58 5.43 9.74
CA GLY A 66 5.07 4.57 10.79
C GLY A 66 5.74 4.78 12.13
N PHE A 67 5.11 4.26 13.20
CA PHE A 67 5.67 4.28 14.56
C PHE A 67 6.99 3.48 14.59
N SER A 68 7.84 3.79 15.58
CA SER A 68 9.20 3.23 15.70
C SER A 68 9.20 1.69 15.65
N THR A 69 8.55 1.05 16.65
CA THR A 69 8.50 -0.41 16.78
C THR A 69 7.25 -0.98 16.09
N ASP A 70 6.12 -0.25 16.19
CA ASP A 70 4.80 -0.76 15.77
C ASP A 70 4.75 -1.05 14.26
N ALA A 71 5.16 -0.08 13.43
CA ALA A 71 5.09 -0.19 11.95
C ALA A 71 5.82 -1.45 11.41
N ARG A 72 6.86 -1.85 12.14
CA ARG A 72 7.68 -3.03 11.83
C ARG A 72 6.84 -4.33 11.94
N GLU A 73 6.01 -4.43 13.01
CA GLU A 73 5.13 -5.60 13.24
C GLU A 73 3.72 -5.39 12.63
N LEU A 74 3.44 -4.16 12.17
CA LEU A 74 2.17 -3.82 11.48
C LEU A 74 2.26 -4.12 9.97
N SER A 75 3.50 -4.15 9.44
CA SER A 75 3.77 -4.40 8.01
C SER A 75 3.26 -5.80 7.56
N LYS A 76 3.22 -6.75 8.51
CA LYS A 76 2.68 -8.10 8.31
C LYS A 76 1.17 -8.19 8.66
N LYS A 77 0.71 -7.28 9.55
CA LYS A 77 -0.63 -7.35 10.19
C LYS A 77 -1.76 -6.96 9.20
N TYR A 78 -1.47 -5.99 8.32
CA TYR A 78 -2.48 -5.39 7.41
C TYR A 78 -2.57 -6.19 6.09
N ILE A 79 -2.54 -7.53 6.21
CA ILE A 79 -2.55 -8.44 5.06
C ILE A 79 -3.96 -8.43 4.39
N ILE A 80 -4.11 -7.52 3.41
CA ILE A 80 -5.37 -7.31 2.68
C ILE A 80 -5.43 -8.22 1.43
N GLY A 81 -4.25 -8.68 0.99
CA GLY A 81 -4.12 -9.56 -0.16
C GLY A 81 -2.70 -9.54 -0.70
N GLU A 82 -2.57 -9.72 -2.01
CA GLU A 82 -1.26 -9.63 -2.70
C GLU A 82 -1.41 -8.73 -3.93
N LEU A 83 -0.35 -7.98 -4.24
CA LEU A 83 -0.31 -7.14 -5.43
C LEU A 83 -0.09 -8.06 -6.65
N HIS A 84 -0.68 -7.66 -7.78
CA HIS A 84 -0.64 -8.39 -9.04
C HIS A 84 0.83 -8.52 -9.50
N PRO A 85 1.39 -9.78 -9.56
CA PRO A 85 2.81 -10.05 -9.92
C PRO A 85 3.34 -9.22 -11.12
N ASP A 86 2.45 -8.93 -12.08
CA ASP A 86 2.74 -8.05 -13.23
C ASP A 86 2.94 -6.59 -12.77
N ASP A 87 1.93 -6.06 -12.06
CA ASP A 87 1.79 -4.60 -11.79
C ASP A 87 2.88 -4.04 -10.87
N ARG A 88 3.49 -4.89 -10.03
CA ARG A 88 4.55 -4.46 -9.09
C ARG A 88 5.83 -4.01 -9.84
N SER A 89 6.06 -4.61 -11.03
CA SER A 89 7.20 -4.28 -11.91
C SER A 89 6.76 -3.27 -12.99
N LYS A 90 5.54 -3.52 -13.53
CA LYS A 90 4.87 -2.66 -14.53
C LYS A 90 4.80 -1.19 -14.08
N ILE A 91 4.50 -0.99 -12.78
CA ILE A 91 4.30 0.33 -12.16
C ILE A 91 5.16 0.41 -10.88
N ALA A 92 6.45 0.01 -10.99
CA ALA A 92 7.43 0.15 -9.88
C ALA A 92 7.49 1.61 -9.40
N LYS A 93 7.51 2.53 -10.38
CA LYS A 93 7.33 3.97 -10.18
C LYS A 93 7.12 4.64 -11.57
N PRO A 94 5.85 5.05 -11.91
CA PRO A 94 5.53 5.58 -13.25
C PRO A 94 6.07 7.02 -13.48
N SER A 95 5.70 7.94 -12.57
CA SER A 95 6.07 9.35 -12.64
C SER A 95 6.02 9.93 -11.22
N GLU A 96 7.01 10.78 -10.88
CA GLU A 96 7.10 11.41 -9.55
C GLU A 96 6.03 12.51 -9.37
N THR A 97 5.48 13.01 -10.50
CA THR A 97 4.38 13.99 -10.49
C THR A 97 3.11 13.38 -9.84
N LEU A 98 3.01 12.02 -9.90
CA LEU A 98 2.00 11.21 -9.22
C LEU A 98 0.62 11.30 -9.93
N ALA A 1 -13.82 -13.36 -8.37
CA ALA A 1 -13.29 -14.35 -7.41
C ALA A 1 -12.67 -15.53 -8.17
N GLU A 2 -11.55 -15.23 -8.85
CA GLU A 2 -10.86 -16.15 -9.78
C GLU A 2 -9.85 -17.03 -9.04
N GLN A 3 -9.36 -16.55 -7.88
CA GLN A 3 -8.49 -17.32 -6.99
C GLN A 3 -9.32 -18.32 -6.18
N SER A 4 -8.77 -19.53 -5.97
CA SER A 4 -9.39 -20.59 -5.16
C SER A 4 -9.55 -20.14 -3.69
N ASP A 5 -8.56 -19.39 -3.19
CA ASP A 5 -8.63 -18.73 -1.88
C ASP A 5 -9.15 -17.29 -2.06
N LYS A 6 -10.44 -17.05 -1.79
CA LYS A 6 -11.08 -15.72 -1.94
C LYS A 6 -10.50 -14.69 -0.94
N ASP A 7 -9.92 -15.21 0.16
CA ASP A 7 -9.17 -14.42 1.17
C ASP A 7 -8.07 -13.57 0.51
N VAL A 8 -7.41 -14.20 -0.47
CA VAL A 8 -6.28 -13.63 -1.20
C VAL A 8 -6.78 -12.69 -2.31
N LYS A 9 -6.82 -11.39 -1.99
CA LYS A 9 -7.33 -10.34 -2.89
C LYS A 9 -6.18 -9.77 -3.75
N TYR A 10 -6.23 -10.06 -5.06
CA TYR A 10 -5.24 -9.56 -6.04
C TYR A 10 -5.56 -8.11 -6.43
N TYR A 11 -4.88 -7.17 -5.77
CA TYR A 11 -4.94 -5.74 -6.11
C TYR A 11 -4.01 -5.45 -7.28
N THR A 12 -4.34 -4.41 -8.04
CA THR A 12 -3.48 -3.88 -9.12
C THR A 12 -2.97 -2.50 -8.70
N LEU A 13 -1.64 -2.29 -8.82
CA LEU A 13 -0.99 -1.02 -8.42
C LEU A 13 -1.47 0.15 -9.28
N GLU A 14 -2.03 -0.18 -10.46
CA GLU A 14 -2.77 0.74 -11.33
C GLU A 14 -3.97 1.35 -10.57
N GLU A 15 -4.76 0.50 -9.92
CA GLU A 15 -5.95 0.94 -9.15
C GLU A 15 -5.52 1.71 -7.88
N ILE A 16 -4.42 1.27 -7.26
CA ILE A 16 -3.92 1.85 -6.01
C ILE A 16 -3.25 3.22 -6.28
N GLN A 17 -2.72 3.41 -7.51
CA GLN A 17 -2.18 4.71 -8.00
C GLN A 17 -3.30 5.78 -8.00
N LYS A 18 -4.54 5.30 -8.17
CA LYS A 18 -5.74 6.11 -8.04
C LYS A 18 -6.13 6.18 -6.55
N HIS A 19 -5.46 7.10 -5.82
CA HIS A 19 -5.67 7.31 -4.37
C HIS A 19 -5.97 8.80 -4.08
N LYS A 20 -7.26 9.15 -4.14
CA LYS A 20 -7.76 10.51 -3.78
C LYS A 20 -8.41 10.45 -2.38
N ASP A 21 -8.99 9.30 -2.06
CA ASP A 21 -9.63 9.04 -0.76
C ASP A 21 -8.64 8.39 0.19
N SER A 22 -8.65 8.85 1.44
CA SER A 22 -7.87 8.26 2.54
C SER A 22 -8.42 6.85 2.88
N LYS A 23 -9.70 6.62 2.54
CA LYS A 23 -10.41 5.37 2.81
C LYS A 23 -10.18 4.33 1.71
N SER A 24 -9.58 4.76 0.59
CA SER A 24 -9.15 3.86 -0.49
C SER A 24 -7.65 4.12 -0.81
N THR A 25 -6.80 3.77 0.17
CA THR A 25 -5.34 3.94 0.06
C THR A 25 -4.64 2.63 0.53
N TRP A 26 -3.68 2.15 -0.28
CA TRP A 26 -2.91 0.92 0.03
C TRP A 26 -1.43 1.17 -0.36
N VAL A 27 -0.54 0.29 0.12
CA VAL A 27 0.90 0.31 -0.22
C VAL A 27 1.40 -1.13 -0.41
N ILE A 28 2.52 -1.29 -1.13
CA ILE A 28 3.09 -2.62 -1.41
C ILE A 28 4.57 -2.66 -1.03
N LEU A 29 5.03 -3.81 -0.49
CA LEU A 29 6.45 -4.02 -0.15
C LEU A 29 7.26 -4.38 -1.41
N HIS A 30 6.72 -5.29 -2.25
CA HIS A 30 7.43 -5.72 -3.48
C HIS A 30 6.55 -6.61 -4.37
N HIS A 31 5.73 -7.47 -3.75
CA HIS A 31 4.78 -8.36 -4.45
C HIS A 31 3.40 -8.36 -3.77
N LYS A 32 3.33 -7.96 -2.49
CA LYS A 32 2.12 -8.14 -1.67
C LYS A 32 1.61 -6.77 -1.18
N VAL A 33 0.27 -6.62 -1.07
CA VAL A 33 -0.38 -5.34 -0.75
C VAL A 33 -0.93 -5.37 0.69
N TYR A 34 -0.85 -4.21 1.35
CA TYR A 34 -1.28 -4.05 2.75
C TYR A 34 -2.11 -2.78 2.87
N ASP A 35 -3.09 -2.83 3.79
CA ASP A 35 -4.03 -1.73 3.98
C ASP A 35 -3.33 -0.54 4.64
N LEU A 36 -3.38 0.59 3.95
CA LEU A 36 -2.77 1.86 4.41
C LEU A 36 -3.91 2.79 4.89
N THR A 37 -5.14 2.51 4.40
CA THR A 37 -6.39 3.24 4.72
C THR A 37 -6.54 3.53 6.23
N LYS A 38 -6.31 2.49 7.03
CA LYS A 38 -6.40 2.57 8.48
C LYS A 38 -5.08 3.13 9.05
N PHE A 39 -3.96 2.63 8.50
CA PHE A 39 -2.60 2.90 8.99
C PHE A 39 -2.26 4.41 9.05
N LEU A 40 -2.83 5.19 8.13
CA LEU A 40 -2.60 6.64 8.07
C LEU A 40 -3.31 7.39 9.22
N GLU A 41 -4.43 6.80 9.71
CA GLU A 41 -5.19 7.35 10.85
C GLU A 41 -4.48 7.12 12.19
N GLU A 42 -3.52 6.18 12.22
CA GLU A 42 -2.63 5.97 13.38
C GLU A 42 -1.80 7.24 13.67
N PHE A 43 -1.58 8.06 12.64
CA PHE A 43 -0.85 9.34 12.75
C PHE A 43 -1.88 10.50 12.70
N PRO A 44 -1.84 11.48 13.67
CA PRO A 44 -2.76 12.64 13.69
C PRO A 44 -2.65 13.51 12.41
N GLY A 45 -3.55 13.24 11.45
CA GLY A 45 -3.56 13.93 10.15
C GLY A 45 -2.37 13.55 9.27
N GLY A 46 -1.89 12.30 9.43
CA GLY A 46 -0.69 11.82 8.77
C GLY A 46 -0.95 11.13 7.45
N GLU A 47 -2.10 11.42 6.83
CA GLU A 47 -2.44 10.92 5.50
C GLU A 47 -1.56 11.60 4.43
N GLU A 48 -1.35 12.90 4.59
CA GLU A 48 -0.62 13.73 3.59
C GLU A 48 0.86 13.30 3.41
N VAL A 49 1.51 12.82 4.50
CA VAL A 49 2.96 12.56 4.51
C VAL A 49 3.32 11.25 3.74
N LEU A 50 2.39 10.28 3.71
CA LEU A 50 2.62 8.96 3.08
C LEU A 50 1.84 8.81 1.76
N ARG A 51 0.87 9.73 1.52
CA ARG A 51 -0.01 9.73 0.31
C ARG A 51 0.80 9.79 -1.00
N GLU A 52 1.92 10.51 -0.98
CA GLU A 52 2.79 10.68 -2.16
C GLU A 52 3.55 9.37 -2.50
N GLN A 53 3.82 8.53 -1.47
CA GLN A 53 4.48 7.22 -1.66
C GLN A 53 3.45 6.09 -1.76
N ALA A 54 2.19 6.37 -1.39
CA ALA A 54 1.08 5.40 -1.46
C ALA A 54 0.79 5.02 -2.92
N GLY A 55 0.50 3.73 -3.17
CA GLY A 55 0.34 3.22 -4.54
C GLY A 55 1.67 3.11 -5.29
N GLY A 56 2.76 2.84 -4.54
CA GLY A 56 4.09 2.68 -5.12
C GLY A 56 5.05 1.97 -4.17
N ASP A 57 5.30 2.60 -2.99
CA ASP A 57 6.34 2.15 -2.05
C ASP A 57 5.75 1.82 -0.66
N ALA A 58 6.46 0.93 0.07
CA ALA A 58 6.20 0.61 1.48
C ALA A 58 7.47 0.11 2.17
N THR A 59 8.55 -0.22 1.39
CA THR A 59 9.82 -0.73 1.94
C THR A 59 10.41 0.31 2.90
N GLU A 60 10.43 1.55 2.40
CA GLU A 60 10.88 2.71 3.15
C GLU A 60 9.66 3.33 3.83
N ASN A 61 8.60 3.59 3.03
CA ASN A 61 7.44 4.39 3.42
C ASN A 61 6.72 3.84 4.67
N PHE A 62 6.11 2.63 4.56
CA PHE A 62 5.21 2.04 5.59
C PHE A 62 5.91 1.99 6.96
N GLU A 63 7.25 1.89 6.96
CA GLU A 63 8.08 1.79 8.16
C GLU A 63 8.58 3.17 8.64
N ASP A 64 8.89 4.08 7.69
CA ASP A 64 9.51 5.40 7.98
C ASP A 64 8.47 6.35 8.59
N VAL A 65 7.35 6.50 7.87
CA VAL A 65 6.21 7.32 8.32
C VAL A 65 5.45 6.58 9.43
N GLY A 66 5.63 5.24 9.45
CA GLY A 66 5.07 4.37 10.47
C GLY A 66 5.78 4.47 11.80
N PHE A 67 5.21 3.82 12.83
CA PHE A 67 5.84 3.73 14.16
C PHE A 67 7.09 2.83 14.08
N SER A 68 8.00 2.99 15.07
CA SER A 68 9.34 2.36 15.05
C SER A 68 9.27 0.83 14.84
N THR A 69 8.76 0.09 15.83
CA THR A 69 8.67 -1.37 15.76
C THR A 69 7.28 -1.86 15.34
N ASP A 70 6.23 -0.99 15.50
CA ASP A 70 4.84 -1.34 15.13
C ASP A 70 4.74 -1.58 13.61
N ALA A 71 5.16 -0.57 12.83
CA ALA A 71 5.02 -0.59 11.34
C ALA A 71 5.66 -1.84 10.72
N ARG A 72 6.77 -2.27 11.34
CA ARG A 72 7.54 -3.45 10.91
C ARG A 72 6.69 -4.73 10.99
N GLU A 73 5.91 -4.88 12.08
CA GLU A 73 5.10 -6.10 12.31
C GLU A 73 3.66 -5.92 11.83
N LEU A 74 3.23 -4.64 11.66
CA LEU A 74 1.81 -4.27 11.35
C LEU A 74 1.38 -4.74 9.94
N SER A 75 2.32 -5.28 9.16
CA SER A 75 2.04 -5.94 7.88
C SER A 75 1.02 -7.11 8.06
N LYS A 76 1.31 -8.05 8.98
CA LYS A 76 0.41 -9.21 9.27
C LYS A 76 -0.96 -8.75 9.81
N LYS A 77 -0.99 -7.52 10.34
CA LYS A 77 -2.19 -6.90 10.90
C LYS A 77 -3.06 -6.30 9.75
N TYR A 78 -2.38 -5.70 8.76
CA TYR A 78 -3.04 -5.02 7.61
C TYR A 78 -3.01 -5.89 6.34
N ILE A 79 -2.88 -7.22 6.50
CA ILE A 79 -2.87 -8.11 5.33
C ILE A 79 -4.29 -8.16 4.70
N ILE A 80 -4.43 -7.43 3.59
CA ILE A 80 -5.69 -7.29 2.85
C ILE A 80 -5.68 -8.21 1.61
N GLY A 81 -4.47 -8.60 1.18
CA GLY A 81 -4.30 -9.49 0.02
C GLY A 81 -2.89 -9.36 -0.53
N GLU A 82 -2.73 -9.64 -1.84
CA GLU A 82 -1.43 -9.48 -2.53
C GLU A 82 -1.59 -8.66 -3.80
N LEU A 83 -0.51 -7.97 -4.16
CA LEU A 83 -0.45 -7.13 -5.36
C LEU A 83 -0.22 -8.02 -6.62
N HIS A 84 -0.67 -7.51 -7.76
CA HIS A 84 -0.59 -8.19 -9.07
C HIS A 84 0.89 -8.32 -9.50
N PRO A 85 1.40 -9.58 -9.74
CA PRO A 85 2.85 -9.83 -9.99
C PRO A 85 3.48 -9.01 -11.14
N ASP A 86 2.66 -8.50 -12.05
CA ASP A 86 3.11 -7.55 -13.09
C ASP A 86 3.21 -6.12 -12.54
N ASP A 87 2.12 -5.67 -11.90
CA ASP A 87 1.90 -4.26 -11.53
C ASP A 87 2.98 -3.69 -10.59
N ARG A 88 3.63 -4.58 -9.82
CA ARG A 88 4.68 -4.19 -8.85
C ARG A 88 5.94 -3.62 -9.54
N SER A 89 6.27 -4.14 -10.75
CA SER A 89 7.41 -3.66 -11.55
C SER A 89 6.93 -2.57 -12.51
N LYS A 90 5.70 -2.76 -13.02
CA LYS A 90 5.00 -1.86 -13.95
C LYS A 90 4.92 -0.41 -13.39
N ILE A 91 4.55 -0.27 -12.11
CA ILE A 91 4.43 1.02 -11.40
C ILE A 91 5.30 0.97 -10.12
N ALA A 92 6.53 0.41 -10.24
CA ALA A 92 7.55 0.40 -9.15
C ALA A 92 7.95 1.85 -8.78
N LYS A 93 7.77 2.74 -9.77
CA LYS A 93 7.90 4.19 -9.63
C LYS A 93 6.90 4.84 -10.63
N PRO A 94 5.71 5.34 -10.16
CA PRO A 94 4.70 5.98 -11.05
C PRO A 94 5.28 7.15 -11.87
N SER A 95 5.73 6.82 -13.10
CA SER A 95 6.46 7.73 -14.00
C SER A 95 5.57 8.87 -14.57
N GLU A 96 4.27 8.78 -14.28
CA GLU A 96 3.26 9.81 -14.59
C GLU A 96 3.43 11.04 -13.68
N THR A 97 3.45 10.80 -12.35
CA THR A 97 3.63 11.86 -11.34
C THR A 97 5.12 12.14 -11.07
N LEU A 98 5.98 11.17 -11.43
CA LEU A 98 7.43 11.26 -11.26
C LEU A 98 8.06 11.76 -12.60
N ALA A 1 -7.34 -9.11 -9.11
CA ALA A 1 -8.53 -9.91 -8.75
C ALA A 1 -8.77 -9.83 -7.24
N GLU A 2 -9.54 -8.81 -6.82
CA GLU A 2 -10.03 -8.71 -5.43
C GLU A 2 -11.15 -9.75 -5.22
N GLN A 3 -10.73 -10.97 -4.86
CA GLN A 3 -11.65 -12.10 -4.63
C GLN A 3 -12.28 -12.02 -3.23
N SER A 4 -13.57 -12.34 -3.12
CA SER A 4 -14.32 -12.35 -1.85
C SER A 4 -14.36 -13.77 -1.25
N ASP A 5 -14.83 -14.74 -2.06
CA ASP A 5 -14.93 -16.16 -1.65
C ASP A 5 -13.53 -16.74 -1.36
N LYS A 6 -12.57 -16.42 -2.25
CA LYS A 6 -11.16 -16.75 -2.07
C LYS A 6 -10.52 -15.69 -1.17
N ASP A 7 -9.86 -16.15 -0.09
CA ASP A 7 -9.25 -15.28 0.92
C ASP A 7 -8.16 -14.39 0.31
N VAL A 8 -7.34 -14.96 -0.59
CA VAL A 8 -6.23 -14.27 -1.24
C VAL A 8 -6.76 -13.24 -2.27
N LYS A 9 -6.43 -11.95 -2.06
CA LYS A 9 -6.86 -10.84 -2.92
C LYS A 9 -5.67 -10.30 -3.71
N TYR A 10 -5.68 -10.49 -5.04
CA TYR A 10 -4.70 -9.88 -5.94
C TYR A 10 -5.10 -8.42 -6.22
N TYR A 11 -4.45 -7.46 -5.55
CA TYR A 11 -4.54 -6.04 -5.90
C TYR A 11 -3.59 -5.76 -7.06
N THR A 12 -3.90 -4.73 -7.86
CA THR A 12 -3.00 -4.28 -8.95
C THR A 12 -2.53 -2.87 -8.61
N LEU A 13 -1.25 -2.58 -8.88
CA LEU A 13 -0.62 -1.30 -8.52
C LEU A 13 -1.15 -0.17 -9.43
N GLU A 14 -1.72 -0.56 -10.58
CA GLU A 14 -2.42 0.36 -11.50
C GLU A 14 -3.77 0.81 -10.89
N GLU A 15 -4.39 -0.08 -10.10
CA GLU A 15 -5.62 0.24 -9.35
C GLU A 15 -5.28 1.21 -8.21
N ILE A 16 -4.19 0.89 -7.49
CA ILE A 16 -3.76 1.65 -6.30
C ILE A 16 -3.00 2.93 -6.72
N GLN A 17 -2.59 3.01 -8.01
CA GLN A 17 -2.02 4.26 -8.62
C GLN A 17 -3.06 5.39 -8.46
N LYS A 18 -4.33 5.00 -8.53
CA LYS A 18 -5.47 5.83 -8.15
C LYS A 18 -5.59 5.81 -6.60
N HIS A 19 -4.77 6.64 -5.94
CA HIS A 19 -4.69 6.72 -4.46
C HIS A 19 -4.96 8.16 -4.01
N LYS A 20 -6.07 8.73 -4.51
CA LYS A 20 -6.52 10.08 -4.14
C LYS A 20 -7.37 10.03 -2.86
N ASP A 21 -8.11 8.93 -2.68
CA ASP A 21 -8.99 8.70 -1.51
C ASP A 21 -8.17 8.09 -0.37
N SER A 22 -8.54 8.47 0.86
CA SER A 22 -7.98 7.90 2.11
C SER A 22 -8.36 6.41 2.23
N LYS A 23 -9.47 6.01 1.57
CA LYS A 23 -9.97 4.61 1.60
C LYS A 23 -9.36 3.76 0.47
N SER A 24 -8.80 4.43 -0.56
CA SER A 24 -8.12 3.76 -1.68
C SER A 24 -6.59 3.84 -1.46
N THR A 25 -6.19 3.80 -0.17
CA THR A 25 -4.80 3.92 0.24
C THR A 25 -4.27 2.54 0.65
N TRP A 26 -3.44 1.96 -0.22
CA TRP A 26 -2.74 0.68 0.03
C TRP A 26 -1.29 0.88 -0.43
N VAL A 27 -0.35 0.19 0.22
CA VAL A 27 1.08 0.30 -0.11
C VAL A 27 1.67 -1.09 -0.38
N ILE A 28 2.72 -1.14 -1.22
CA ILE A 28 3.36 -2.41 -1.63
C ILE A 28 4.84 -2.36 -1.25
N LEU A 29 5.27 -3.33 -0.43
CA LEU A 29 6.66 -3.40 0.08
C LEU A 29 7.63 -3.85 -1.02
N HIS A 30 7.12 -4.69 -1.96
CA HIS A 30 7.91 -5.15 -3.12
C HIS A 30 7.05 -6.00 -4.08
N HIS A 31 6.40 -7.06 -3.55
CA HIS A 31 5.51 -7.97 -4.34
C HIS A 31 4.11 -8.08 -3.71
N LYS A 32 3.94 -7.61 -2.46
CA LYS A 32 2.74 -7.87 -1.66
C LYS A 32 2.13 -6.54 -1.16
N VAL A 33 0.79 -6.51 -1.04
CA VAL A 33 0.04 -5.28 -0.72
C VAL A 33 -0.51 -5.36 0.73
N TYR A 34 -0.50 -4.22 1.42
CA TYR A 34 -0.93 -4.12 2.82
C TYR A 34 -1.89 -2.94 2.99
N ASP A 35 -2.88 -3.13 3.87
CA ASP A 35 -3.95 -2.15 4.13
C ASP A 35 -3.36 -0.91 4.83
N LEU A 36 -3.39 0.23 4.13
CA LEU A 36 -2.83 1.49 4.63
C LEU A 36 -3.95 2.46 5.05
N THR A 37 -5.16 2.26 4.50
CA THR A 37 -6.32 3.13 4.77
C THR A 37 -6.65 3.24 6.27
N LYS A 38 -6.43 2.16 7.04
CA LYS A 38 -6.64 2.16 8.50
C LYS A 38 -5.34 2.59 9.21
N PHE A 39 -4.19 2.23 8.61
CA PHE A 39 -2.84 2.47 9.17
C PHE A 39 -2.55 3.99 9.33
N LEU A 40 -3.15 4.81 8.44
CA LEU A 40 -3.01 6.28 8.47
C LEU A 40 -3.84 6.91 9.62
N GLU A 41 -4.93 6.22 10.00
CA GLU A 41 -5.83 6.67 11.09
C GLU A 41 -5.16 6.56 12.46
N GLU A 42 -4.15 5.67 12.55
CA GLU A 42 -3.33 5.49 13.76
C GLU A 42 -2.45 6.71 14.03
N PHE A 43 -2.10 7.45 12.98
CA PHE A 43 -1.35 8.72 13.10
C PHE A 43 -2.39 9.87 13.16
N PRO A 44 -2.28 10.82 14.15
CA PRO A 44 -3.21 11.98 14.27
C PRO A 44 -3.20 12.87 13.00
N GLY A 45 -4.12 12.56 12.08
CA GLY A 45 -4.22 13.23 10.79
C GLY A 45 -3.03 12.97 9.88
N GLY A 46 -2.46 11.73 9.98
CA GLY A 46 -1.27 11.35 9.22
C GLY A 46 -1.59 10.71 7.87
N GLU A 47 -2.69 11.16 7.26
CA GLU A 47 -3.10 10.71 5.93
C GLU A 47 -2.16 11.29 4.86
N GLU A 48 -2.06 12.61 4.80
CA GLU A 48 -1.37 13.34 3.70
C GLU A 48 0.11 12.93 3.46
N VAL A 49 0.78 12.45 4.53
CA VAL A 49 2.23 12.14 4.51
C VAL A 49 2.55 10.84 3.73
N LEU A 50 1.61 9.88 3.73
CA LEU A 50 1.83 8.51 3.20
C LEU A 50 0.90 8.20 2.02
N ARG A 51 -0.25 8.92 1.96
CA ARG A 51 -1.36 8.65 1.03
C ARG A 51 -0.96 9.06 -0.39
N GLU A 52 -0.15 10.13 -0.48
CA GLU A 52 0.48 10.59 -1.72
C GLU A 52 1.51 9.56 -2.23
N GLN A 53 2.23 8.91 -1.28
CA GLN A 53 3.29 7.93 -1.57
C GLN A 53 2.75 6.48 -1.65
N ALA A 54 1.45 6.30 -1.31
CA ALA A 54 0.74 5.02 -1.49
C ALA A 54 0.59 4.73 -2.99
N GLY A 55 0.31 3.47 -3.37
CA GLY A 55 0.20 3.08 -4.77
C GLY A 55 1.48 3.30 -5.57
N GLY A 56 2.60 3.16 -4.86
CA GLY A 56 3.92 3.30 -5.44
C GLY A 56 4.95 2.64 -4.54
N ASP A 57 5.34 3.35 -3.46
CA ASP A 57 6.39 2.86 -2.53
C ASP A 57 5.80 2.53 -1.14
N ALA A 58 6.48 1.58 -0.52
CA ALA A 58 6.32 1.21 0.89
C ALA A 58 7.64 0.68 1.43
N THR A 59 8.56 0.32 0.50
CA THR A 59 9.86 -0.30 0.80
C THR A 59 10.67 0.58 1.78
N GLU A 60 10.49 1.90 1.64
CA GLU A 60 10.99 2.91 2.58
C GLU A 60 9.81 3.47 3.40
N ASN A 61 8.72 3.83 2.68
CA ASN A 61 7.60 4.66 3.20
C ASN A 61 6.84 4.02 4.38
N PHE A 62 6.44 2.73 4.24
CA PHE A 62 5.59 2.02 5.23
C PHE A 62 6.17 2.06 6.66
N GLU A 63 7.50 2.04 6.75
CA GLU A 63 8.24 2.10 8.02
C GLU A 63 8.65 3.55 8.35
N ASP A 64 8.77 4.40 7.30
CA ASP A 64 9.24 5.80 7.44
C ASP A 64 8.18 6.65 8.17
N VAL A 65 6.95 6.60 7.66
CA VAL A 65 5.78 7.24 8.30
C VAL A 65 5.29 6.44 9.51
N GLY A 66 5.52 5.11 9.47
CA GLY A 66 5.08 4.20 10.50
C GLY A 66 5.88 4.34 11.78
N PHE A 67 5.31 3.87 12.90
CA PHE A 67 6.05 3.75 14.16
C PHE A 67 7.19 2.73 13.96
N SER A 68 8.39 3.03 14.47
CA SER A 68 9.63 2.25 14.21
C SER A 68 9.47 0.74 14.51
N THR A 69 8.73 0.43 15.58
CA THR A 69 8.46 -0.96 15.99
C THR A 69 7.14 -1.45 15.35
N ASP A 70 6.07 -0.64 15.50
CA ASP A 70 4.69 -1.05 15.17
C ASP A 70 4.52 -1.35 13.68
N ALA A 71 5.03 -0.48 12.79
CA ALA A 71 4.91 -0.65 11.31
C ALA A 71 5.37 -2.05 10.84
N ARG A 72 6.45 -2.53 11.46
CA ARG A 72 7.13 -3.78 11.07
C ARG A 72 6.27 -5.02 11.40
N GLU A 73 5.75 -5.05 12.64
CA GLU A 73 4.90 -6.16 13.14
C GLU A 73 3.46 -6.08 12.55
N LEU A 74 2.97 -4.83 12.38
CA LEU A 74 1.62 -4.53 11.83
C LEU A 74 1.52 -4.89 10.35
N SER A 75 2.67 -5.15 9.68
CA SER A 75 2.68 -5.61 8.27
C SER A 75 1.85 -6.90 8.12
N LYS A 76 2.12 -7.89 9.00
CA LYS A 76 1.39 -9.18 9.02
C LYS A 76 -0.10 -8.94 9.37
N LYS A 77 -0.37 -7.88 10.17
CA LYS A 77 -1.73 -7.55 10.65
C LYS A 77 -2.60 -7.08 9.46
N TYR A 78 -2.04 -6.19 8.63
CA TYR A 78 -2.74 -5.57 7.49
C TYR A 78 -2.54 -6.36 6.19
N ILE A 79 -2.48 -7.69 6.30
CA ILE A 79 -2.38 -8.56 5.12
C ILE A 79 -3.74 -8.56 4.38
N ILE A 80 -3.90 -7.58 3.49
CA ILE A 80 -5.15 -7.39 2.72
C ILE A 80 -5.09 -8.21 1.42
N GLY A 81 -3.86 -8.65 1.07
CA GLY A 81 -3.65 -9.52 -0.08
C GLY A 81 -2.23 -9.45 -0.59
N GLU A 82 -2.05 -9.76 -1.87
CA GLU A 82 -0.77 -9.66 -2.57
C GLU A 82 -0.95 -8.75 -3.78
N LEU A 83 0.08 -7.96 -4.08
CA LEU A 83 0.13 -7.12 -5.28
C LEU A 83 0.42 -8.04 -6.49
N HIS A 84 -0.13 -7.65 -7.65
CA HIS A 84 0.00 -8.39 -8.90
C HIS A 84 1.49 -8.48 -9.32
N PRO A 85 2.08 -9.73 -9.44
CA PRO A 85 3.51 -9.96 -9.81
C PRO A 85 4.01 -9.07 -10.99
N ASP A 86 3.12 -8.78 -11.93
CA ASP A 86 3.39 -7.88 -13.06
C ASP A 86 3.53 -6.42 -12.59
N ASP A 87 2.49 -5.94 -11.87
CA ASP A 87 2.28 -4.50 -11.59
C ASP A 87 3.35 -3.90 -10.67
N ARG A 88 3.98 -4.73 -9.82
CA ARG A 88 5.02 -4.29 -8.87
C ARG A 88 6.29 -3.79 -9.61
N SER A 89 6.58 -4.42 -10.77
CA SER A 89 7.71 -4.06 -11.64
C SER A 89 7.25 -3.04 -12.69
N LYS A 90 6.01 -3.23 -13.19
CA LYS A 90 5.37 -2.38 -14.21
C LYS A 90 5.29 -0.92 -13.74
N ILE A 91 4.93 -0.73 -12.46
CA ILE A 91 4.74 0.59 -11.84
C ILE A 91 5.68 0.71 -10.62
N ALA A 92 6.94 0.24 -10.81
CA ALA A 92 8.02 0.49 -9.86
C ALA A 92 8.20 2.01 -9.67
N LYS A 93 8.27 2.71 -10.84
CA LYS A 93 8.27 4.17 -10.95
C LYS A 93 8.13 4.57 -12.45
N PRO A 94 6.87 4.85 -12.94
CA PRO A 94 6.64 5.32 -14.34
C PRO A 94 7.20 6.74 -14.56
N SER A 95 7.21 7.53 -13.47
CA SER A 95 7.81 8.87 -13.39
C SER A 95 9.10 8.80 -12.55
N GLU A 96 9.64 9.97 -12.17
CA GLU A 96 10.81 10.05 -11.28
C GLU A 96 10.36 9.85 -9.82
N THR A 97 9.25 10.53 -9.44
CA THR A 97 8.72 10.48 -8.06
C THR A 97 7.23 10.91 -8.05
N LEU A 98 6.90 12.00 -8.77
CA LEU A 98 5.51 12.50 -8.93
C LEU A 98 5.10 12.33 -10.41
N ALA A 1 -7.33 -7.40 -10.20
CA ALA A 1 -7.65 -6.95 -8.81
C ALA A 1 -8.69 -7.87 -8.16
N GLU A 2 -9.67 -8.33 -8.96
CA GLU A 2 -10.77 -9.16 -8.47
C GLU A 2 -10.28 -10.58 -8.13
N GLN A 3 -10.35 -10.93 -6.84
CA GLN A 3 -10.12 -12.30 -6.37
C GLN A 3 -11.49 -12.96 -6.11
N SER A 4 -11.71 -14.10 -6.77
CA SER A 4 -12.94 -14.89 -6.64
C SER A 4 -13.01 -15.59 -5.26
N ASP A 5 -11.84 -15.81 -4.64
CA ASP A 5 -11.73 -16.32 -3.27
C ASP A 5 -11.86 -15.16 -2.25
N LYS A 6 -12.16 -15.51 -1.00
CA LYS A 6 -12.39 -14.56 0.10
C LYS A 6 -11.08 -13.86 0.54
N ASP A 7 -9.96 -14.56 0.38
CA ASP A 7 -8.63 -14.13 0.86
C ASP A 7 -7.57 -14.34 -0.25
N VAL A 8 -6.35 -13.76 -0.03
CA VAL A 8 -5.23 -13.75 -0.99
C VAL A 8 -5.65 -12.99 -2.27
N LYS A 9 -5.90 -11.70 -2.06
CA LYS A 9 -6.40 -10.80 -3.09
C LYS A 9 -5.21 -10.22 -3.88
N TYR A 10 -5.13 -10.54 -5.18
CA TYR A 10 -4.12 -9.97 -6.07
C TYR A 10 -4.55 -8.55 -6.45
N TYR A 11 -4.11 -7.56 -5.65
CA TYR A 11 -4.43 -6.14 -5.87
C TYR A 11 -3.65 -5.62 -7.06
N THR A 12 -4.25 -4.71 -7.77
CA THR A 12 -3.67 -4.08 -8.94
C THR A 12 -3.11 -2.72 -8.51
N LEU A 13 -1.82 -2.46 -8.79
CA LEU A 13 -1.14 -1.20 -8.40
C LEU A 13 -1.78 0.01 -9.13
N GLU A 14 -2.44 -0.27 -10.28
CA GLU A 14 -3.26 0.71 -11.02
C GLU A 14 -4.58 1.04 -10.23
N GLU A 15 -5.13 0.05 -9.50
CA GLU A 15 -6.27 0.27 -8.57
C GLU A 15 -5.82 1.19 -7.40
N ILE A 16 -4.61 0.92 -6.90
CA ILE A 16 -4.05 1.65 -5.74
C ILE A 16 -3.53 3.05 -6.16
N GLN A 17 -3.25 3.19 -7.48
CA GLN A 17 -2.89 4.49 -8.10
C GLN A 17 -4.05 5.51 -7.90
N LYS A 18 -5.28 4.97 -7.73
CA LYS A 18 -6.48 5.75 -7.43
C LYS A 18 -6.59 6.01 -5.89
N HIS A 19 -5.44 6.36 -5.25
CA HIS A 19 -5.34 6.66 -3.79
C HIS A 19 -5.79 8.11 -3.47
N LYS A 20 -6.89 8.51 -4.11
CA LYS A 20 -7.43 9.88 -4.08
C LYS A 20 -8.01 10.21 -2.69
N ASP A 21 -8.50 9.17 -2.02
CA ASP A 21 -9.06 9.23 -0.67
C ASP A 21 -8.28 8.25 0.24
N SER A 22 -8.50 8.39 1.55
CA SER A 22 -7.91 7.53 2.59
C SER A 22 -8.28 6.04 2.36
N LYS A 23 -9.50 5.80 1.82
CA LYS A 23 -10.08 4.46 1.70
C LYS A 23 -9.44 3.60 0.59
N SER A 24 -8.74 4.27 -0.35
CA SER A 24 -8.11 3.60 -1.50
C SER A 24 -6.58 3.67 -1.38
N THR A 25 -6.09 3.76 -0.14
CA THR A 25 -4.66 3.91 0.15
C THR A 25 -4.11 2.56 0.64
N TRP A 26 -3.29 1.93 -0.20
CA TRP A 26 -2.59 0.67 0.11
C TRP A 26 -1.13 0.84 -0.34
N VAL A 27 -0.22 0.01 0.18
CA VAL A 27 1.24 0.14 -0.09
C VAL A 27 1.89 -1.23 -0.29
N ILE A 28 3.01 -1.27 -1.08
CA ILE A 28 3.68 -2.54 -1.44
C ILE A 28 5.19 -2.51 -1.11
N LEU A 29 5.68 -3.56 -0.43
CA LEU A 29 7.11 -3.71 -0.04
C LEU A 29 7.94 -4.08 -1.28
N HIS A 30 7.31 -4.81 -2.21
CA HIS A 30 7.88 -5.19 -3.51
C HIS A 30 6.84 -5.99 -4.31
N HIS A 31 6.37 -7.12 -3.73
CA HIS A 31 5.40 -8.03 -4.39
C HIS A 31 4.04 -8.02 -3.67
N LYS A 32 4.03 -7.84 -2.36
CA LYS A 32 2.83 -8.01 -1.52
C LYS A 32 2.21 -6.65 -1.17
N VAL A 33 0.88 -6.63 -1.00
CA VAL A 33 0.12 -5.42 -0.67
C VAL A 33 -0.38 -5.50 0.80
N TYR A 34 -0.26 -4.39 1.51
CA TYR A 34 -0.74 -4.24 2.89
C TYR A 34 -1.67 -3.02 2.95
N ASP A 35 -2.64 -3.09 3.86
CA ASP A 35 -3.65 -2.07 4.05
C ASP A 35 -3.06 -0.84 4.76
N LEU A 36 -3.02 0.28 4.04
CA LEU A 36 -2.55 1.56 4.58
C LEU A 36 -3.77 2.44 4.95
N THR A 37 -4.94 2.12 4.34
CA THR A 37 -6.22 2.84 4.55
C THR A 37 -6.51 3.10 6.04
N LYS A 38 -6.30 2.07 6.84
CA LYS A 38 -6.48 2.11 8.29
C LYS A 38 -5.22 2.70 8.95
N PHE A 39 -4.03 2.29 8.47
CA PHE A 39 -2.73 2.62 9.11
C PHE A 39 -2.41 4.13 9.11
N LEU A 40 -3.00 4.91 8.18
CA LEU A 40 -2.82 6.36 8.13
C LEU A 40 -3.62 7.05 9.26
N GLU A 41 -4.73 6.40 9.67
CA GLU A 41 -5.58 6.86 10.80
C GLU A 41 -4.86 6.70 12.15
N GLU A 42 -3.87 5.78 12.20
CA GLU A 42 -3.00 5.60 13.36
C GLU A 42 -2.15 6.88 13.64
N PHE A 43 -1.89 7.66 12.58
CA PHE A 43 -1.14 8.94 12.69
C PHE A 43 -2.12 10.12 12.78
N PRO A 44 -1.88 11.13 13.68
CA PRO A 44 -2.80 12.29 13.87
C PRO A 44 -2.91 13.16 12.59
N GLY A 45 -3.92 12.84 11.75
CA GLY A 45 -4.13 13.48 10.45
C GLY A 45 -2.97 13.22 9.50
N GLY A 46 -2.45 11.98 9.54
CA GLY A 46 -1.18 11.64 8.90
C GLY A 46 -1.32 10.92 7.57
N GLU A 47 -2.37 11.26 6.81
CA GLU A 47 -2.55 10.76 5.44
C GLU A 47 -1.50 11.40 4.49
N GLU A 48 -1.35 12.73 4.58
CA GLU A 48 -0.55 13.54 3.63
C GLU A 48 0.92 13.04 3.47
N VAL A 49 1.54 12.60 4.58
CA VAL A 49 2.98 12.25 4.63
C VAL A 49 3.29 10.95 3.84
N LEU A 50 2.26 10.12 3.62
CA LEU A 50 2.39 8.81 2.94
C LEU A 50 1.53 8.74 1.65
N ARG A 51 0.63 9.74 1.50
CA ARG A 51 -0.42 9.78 0.46
C ARG A 51 0.14 9.69 -0.97
N GLU A 52 1.21 10.45 -1.23
CA GLU A 52 1.87 10.51 -2.55
C GLU A 52 2.49 9.13 -2.92
N GLN A 53 3.22 8.55 -1.96
CA GLN A 53 3.95 7.28 -2.13
C GLN A 53 3.03 6.05 -2.02
N ALA A 54 1.77 6.26 -1.62
CA ALA A 54 0.74 5.22 -1.60
C ALA A 54 0.46 4.74 -3.05
N GLY A 55 0.50 3.42 -3.27
CA GLY A 55 0.42 2.87 -4.62
C GLY A 55 1.72 2.96 -5.38
N GLY A 56 2.83 2.76 -4.66
CA GLY A 56 4.16 2.75 -5.25
C GLY A 56 5.18 2.15 -4.29
N ASP A 57 5.36 2.81 -3.14
CA ASP A 57 6.37 2.43 -2.15
C ASP A 57 5.74 2.07 -0.79
N ALA A 58 6.39 1.12 -0.12
CA ALA A 58 6.17 0.76 1.30
C ALA A 58 7.48 0.32 1.92
N THR A 59 8.46 -0.03 1.06
CA THR A 59 9.75 -0.58 1.45
C THR A 59 10.45 0.39 2.41
N GLU A 60 10.37 1.68 2.07
CA GLU A 60 10.76 2.77 2.95
C GLU A 60 9.49 3.37 3.61
N ASN A 61 8.46 3.66 2.77
CA ASN A 61 7.25 4.44 3.16
C ASN A 61 6.53 3.92 4.42
N PHE A 62 6.06 2.66 4.39
CA PHE A 62 5.25 2.05 5.47
C PHE A 62 6.01 2.09 6.84
N GLU A 63 7.35 2.01 6.76
CA GLU A 63 8.25 2.03 7.93
C GLU A 63 8.59 3.47 8.34
N ASP A 64 8.72 4.35 7.33
CA ASP A 64 9.24 5.73 7.47
C ASP A 64 8.22 6.59 8.20
N VAL A 65 7.00 6.60 7.67
CA VAL A 65 5.85 7.30 8.26
C VAL A 65 5.35 6.52 9.49
N GLY A 66 5.61 5.18 9.45
CA GLY A 66 5.19 4.26 10.49
C GLY A 66 5.96 4.43 11.79
N PHE A 67 5.42 3.84 12.85
CA PHE A 67 6.02 3.86 14.19
C PHE A 67 7.29 2.97 14.22
N SER A 68 8.11 3.14 15.28
CA SER A 68 9.40 2.44 15.41
C SER A 68 9.19 0.92 15.59
N THR A 69 8.36 0.56 16.58
CA THR A 69 8.04 -0.84 16.87
C THR A 69 6.76 -1.26 16.13
N ASP A 70 5.71 -0.43 16.29
CA ASP A 70 4.32 -0.77 15.91
C ASP A 70 4.16 -1.06 14.43
N ALA A 71 4.78 -0.24 13.55
CA ALA A 71 4.69 -0.41 12.08
C ALA A 71 5.16 -1.81 11.65
N ARG A 72 6.29 -2.23 12.25
CA ARG A 72 7.03 -3.42 11.82
C ARG A 72 6.30 -4.72 12.21
N GLU A 73 5.53 -4.68 13.32
CA GLU A 73 4.70 -5.83 13.75
C GLU A 73 3.29 -5.77 13.13
N LEU A 74 2.77 -4.53 12.95
CA LEU A 74 1.43 -4.28 12.37
C LEU A 74 1.42 -4.57 10.85
N SER A 75 2.61 -4.78 10.25
CA SER A 75 2.74 -5.21 8.85
C SER A 75 1.84 -6.42 8.58
N LYS A 76 2.10 -7.51 9.31
CA LYS A 76 1.36 -8.78 9.20
C LYS A 76 -0.15 -8.58 9.56
N LYS A 77 -0.43 -7.60 10.45
CA LYS A 77 -1.81 -7.29 10.91
C LYS A 77 -2.64 -6.72 9.74
N TYR A 78 -1.99 -5.89 8.90
CA TYR A 78 -2.64 -5.26 7.74
C TYR A 78 -2.49 -6.10 6.47
N ILE A 79 -2.48 -7.45 6.62
CA ILE A 79 -2.48 -8.34 5.47
C ILE A 79 -3.88 -8.30 4.80
N ILE A 80 -3.89 -7.87 3.53
CA ILE A 80 -5.11 -7.71 2.74
C ILE A 80 -5.01 -8.54 1.43
N GLY A 81 -3.78 -8.99 1.13
CA GLY A 81 -3.50 -9.87 -0.01
C GLY A 81 -2.08 -9.70 -0.50
N GLU A 82 -1.86 -9.98 -1.78
CA GLU A 82 -0.57 -9.74 -2.45
C GLU A 82 -0.82 -8.80 -3.64
N LEU A 83 0.18 -7.99 -4.01
CA LEU A 83 0.09 -7.15 -5.22
C LEU A 83 0.34 -8.06 -6.44
N HIS A 84 -0.34 -7.70 -7.54
CA HIS A 84 -0.33 -8.44 -8.81
C HIS A 84 1.12 -8.53 -9.35
N PRO A 85 1.69 -9.77 -9.52
CA PRO A 85 3.09 -10.00 -9.98
C PRO A 85 3.54 -9.11 -11.18
N ASP A 86 2.58 -8.82 -12.09
CA ASP A 86 2.79 -7.89 -13.22
C ASP A 86 2.91 -6.44 -12.72
N ASP A 87 1.89 -6.00 -11.95
CA ASP A 87 1.66 -4.57 -11.63
C ASP A 87 2.80 -3.90 -10.83
N ARG A 88 3.49 -4.70 -10.00
CA ARG A 88 4.60 -4.19 -9.16
C ARG A 88 5.81 -3.78 -10.04
N SER A 89 5.98 -4.48 -11.17
CA SER A 89 7.02 -4.18 -12.17
C SER A 89 6.50 -3.15 -13.19
N LYS A 90 5.18 -3.21 -13.46
CA LYS A 90 4.47 -2.32 -14.40
C LYS A 90 4.59 -0.85 -13.96
N ILE A 91 4.14 -0.56 -12.75
CA ILE A 91 4.26 0.78 -12.14
C ILE A 91 5.39 0.70 -11.08
N ALA A 92 6.60 0.35 -11.58
CA ALA A 92 7.83 0.32 -10.76
C ALA A 92 8.21 1.73 -10.26
N LYS A 93 7.68 2.74 -10.98
CA LYS A 93 7.73 4.15 -10.60
C LYS A 93 6.58 4.90 -11.33
N PRO A 94 5.68 5.65 -10.60
CA PRO A 94 4.60 6.45 -11.22
C PRO A 94 5.13 7.76 -11.86
N SER A 95 5.95 7.61 -12.91
CA SER A 95 6.58 8.73 -13.62
C SER A 95 5.57 9.37 -14.60
N GLU A 96 5.12 10.61 -14.29
CA GLU A 96 4.06 11.27 -15.07
C GLU A 96 4.61 11.83 -16.41
N THR A 97 5.54 12.81 -16.35
CA THR A 97 5.99 13.53 -17.57
C THR A 97 7.13 12.75 -18.30
N LEU A 98 8.09 12.20 -17.52
CA LEU A 98 9.30 11.58 -18.07
C LEU A 98 9.04 10.07 -18.28
N ALA A 1 -7.97 -9.16 -7.69
CA ALA A 1 -8.30 -9.36 -6.25
C ALA A 1 -9.53 -10.29 -6.11
N GLU A 2 -10.03 -10.77 -7.26
CA GLU A 2 -11.07 -11.79 -7.44
C GLU A 2 -10.96 -13.02 -6.49
N GLN A 3 -9.70 -13.30 -6.01
CA GLN A 3 -9.45 -14.33 -4.98
C GLN A 3 -10.33 -14.07 -3.72
N SER A 4 -11.34 -14.92 -3.53
CA SER A 4 -12.23 -14.91 -2.36
C SER A 4 -11.96 -16.11 -1.46
N ASP A 5 -11.29 -17.12 -2.03
CA ASP A 5 -10.95 -18.39 -1.36
C ASP A 5 -9.88 -18.12 -0.27
N LYS A 6 -8.71 -17.65 -0.73
CA LYS A 6 -7.55 -17.36 0.12
C LYS A 6 -7.44 -15.85 0.39
N ASP A 7 -6.72 -15.52 1.48
CA ASP A 7 -6.46 -14.13 1.90
C ASP A 7 -5.59 -13.39 0.88
N VAL A 8 -4.79 -14.16 0.11
CA VAL A 8 -3.89 -13.63 -0.93
C VAL A 8 -4.68 -13.18 -2.20
N LYS A 9 -5.26 -11.98 -2.09
CA LYS A 9 -6.00 -11.33 -3.17
C LYS A 9 -5.02 -10.56 -4.06
N TYR A 10 -4.98 -10.90 -5.37
CA TYR A 10 -4.05 -10.28 -6.33
C TYR A 10 -4.55 -8.88 -6.72
N TYR A 11 -4.07 -7.88 -5.97
CA TYR A 11 -4.45 -6.47 -6.17
C TYR A 11 -3.73 -5.87 -7.39
N THR A 12 -4.34 -4.85 -7.97
CA THR A 12 -3.78 -4.10 -9.10
C THR A 12 -3.27 -2.74 -8.60
N LEU A 13 -1.97 -2.44 -8.82
CA LEU A 13 -1.31 -1.20 -8.34
C LEU A 13 -1.87 0.05 -9.04
N GLU A 14 -2.46 -0.15 -10.24
CA GLU A 14 -3.12 0.93 -11.03
C GLU A 14 -4.42 1.41 -10.34
N GLU A 15 -5.05 0.51 -9.57
CA GLU A 15 -6.20 0.86 -8.73
C GLU A 15 -5.73 1.74 -7.55
N ILE A 16 -4.55 1.39 -7.02
CA ILE A 16 -3.96 2.06 -5.85
C ILE A 16 -3.28 3.38 -6.28
N GLN A 17 -3.11 3.58 -7.60
CA GLN A 17 -2.68 4.87 -8.19
C GLN A 17 -3.73 5.95 -7.87
N LYS A 18 -5.01 5.52 -7.88
CA LYS A 18 -6.14 6.33 -7.45
C LYS A 18 -6.25 6.19 -5.90
N HIS A 19 -5.36 6.92 -5.20
CA HIS A 19 -5.26 6.90 -3.71
C HIS A 19 -5.47 8.32 -3.13
N LYS A 20 -6.15 9.18 -3.93
CA LYS A 20 -6.55 10.54 -3.51
C LYS A 20 -7.46 10.48 -2.26
N ASP A 21 -8.23 9.39 -2.19
CA ASP A 21 -9.15 9.09 -1.11
C ASP A 21 -8.45 8.17 -0.11
N SER A 22 -8.60 8.48 1.18
CA SER A 22 -8.04 7.70 2.30
C SER A 22 -8.65 6.28 2.37
N LYS A 23 -9.89 6.16 1.84
CA LYS A 23 -10.68 4.90 1.85
C LYS A 23 -10.15 3.90 0.81
N SER A 24 -9.32 4.38 -0.12
CA SER A 24 -8.64 3.55 -1.12
C SER A 24 -7.15 3.91 -1.13
N THR A 25 -6.43 3.38 -0.13
CA THR A 25 -5.00 3.61 0.04
C THR A 25 -4.36 2.30 0.49
N TRP A 26 -3.39 1.81 -0.28
CA TRP A 26 -2.65 0.57 -0.01
C TRP A 26 -1.16 0.82 -0.37
N VAL A 27 -0.25 0.05 0.23
CA VAL A 27 1.20 0.10 -0.11
C VAL A 27 1.71 -1.31 -0.41
N ILE A 28 2.78 -1.38 -1.21
CA ILE A 28 3.39 -2.66 -1.60
C ILE A 28 4.89 -2.63 -1.26
N LEU A 29 5.36 -3.67 -0.56
CA LEU A 29 6.78 -3.80 -0.17
C LEU A 29 7.63 -4.06 -1.42
N HIS A 30 7.09 -4.88 -2.33
CA HIS A 30 7.74 -5.20 -3.61
C HIS A 30 6.81 -6.07 -4.46
N HIS A 31 6.18 -7.08 -3.83
CA HIS A 31 5.27 -8.02 -4.50
C HIS A 31 3.92 -8.11 -3.76
N LYS A 32 3.89 -7.83 -2.46
CA LYS A 32 2.69 -8.08 -1.62
C LYS A 32 2.07 -6.74 -1.18
N VAL A 33 0.72 -6.71 -1.11
CA VAL A 33 -0.06 -5.49 -0.83
C VAL A 33 -0.65 -5.56 0.60
N TYR A 34 -0.61 -4.41 1.29
CA TYR A 34 -1.09 -4.27 2.68
C TYR A 34 -2.01 -3.05 2.77
N ASP A 35 -3.06 -3.18 3.60
CA ASP A 35 -4.05 -2.15 3.81
C ASP A 35 -3.45 -0.96 4.54
N LEU A 36 -3.49 0.20 3.88
CA LEU A 36 -2.96 1.45 4.41
C LEU A 36 -4.14 2.35 4.82
N THR A 37 -5.32 2.09 4.22
CA THR A 37 -6.58 2.84 4.45
C THR A 37 -6.86 3.08 5.95
N LYS A 38 -6.66 2.03 6.75
CA LYS A 38 -6.83 2.09 8.20
C LYS A 38 -5.53 2.56 8.87
N PHE A 39 -4.40 2.03 8.39
CA PHE A 39 -3.04 2.24 8.95
C PHE A 39 -2.64 3.75 9.03
N LEU A 40 -3.19 4.56 8.11
CA LEU A 40 -2.90 6.02 8.06
C LEU A 40 -3.60 6.78 9.20
N GLU A 41 -4.73 6.21 9.70
CA GLU A 41 -5.48 6.79 10.83
C GLU A 41 -4.74 6.57 12.16
N GLU A 42 -3.84 5.59 12.20
CA GLU A 42 -2.95 5.37 13.36
C GLU A 42 -2.05 6.59 13.62
N PHE A 43 -1.73 7.33 12.55
CA PHE A 43 -0.98 8.60 12.64
C PHE A 43 -2.01 9.75 12.76
N PRO A 44 -1.95 10.60 13.84
CA PRO A 44 -2.85 11.77 14.01
C PRO A 44 -2.66 12.79 12.87
N GLY A 45 -3.50 12.66 11.83
CA GLY A 45 -3.43 13.49 10.63
C GLY A 45 -2.20 13.17 9.78
N GLY A 46 -1.90 11.85 9.63
CA GLY A 46 -0.68 11.39 8.96
C GLY A 46 -0.99 10.54 7.75
N GLU A 47 -2.16 10.75 7.16
CA GLU A 47 -2.51 10.22 5.84
C GLU A 47 -1.72 10.97 4.75
N GLU A 48 -1.64 12.29 4.92
CA GLU A 48 -0.99 13.20 3.95
C GLU A 48 0.54 12.98 3.82
N VAL A 49 1.17 12.42 4.88
CA VAL A 49 2.64 12.23 4.90
C VAL A 49 3.06 10.99 4.06
N LEU A 50 2.16 10.00 3.97
CA LEU A 50 2.43 8.74 3.24
C LEU A 50 1.75 8.72 1.86
N ARG A 51 0.72 9.59 1.72
CA ARG A 51 -0.09 9.78 0.50
C ARG A 51 0.77 9.89 -0.78
N GLU A 52 1.95 10.50 -0.61
CA GLU A 52 2.88 10.80 -1.70
C GLU A 52 3.48 9.50 -2.30
N GLN A 53 3.91 8.59 -1.41
CA GLN A 53 4.59 7.33 -1.80
C GLN A 53 3.63 6.11 -1.71
N ALA A 54 2.38 6.35 -1.29
CA ALA A 54 1.33 5.31 -1.23
C ALA A 54 0.84 5.00 -2.65
N GLY A 55 0.59 3.70 -2.93
CA GLY A 55 0.26 3.26 -4.28
C GLY A 55 1.48 3.11 -5.16
N GLY A 56 2.63 2.81 -4.52
CA GLY A 56 3.89 2.62 -5.23
C GLY A 56 4.93 1.92 -4.38
N ASP A 57 5.16 2.45 -3.15
CA ASP A 57 6.29 2.00 -2.29
C ASP A 57 5.82 1.67 -0.86
N ALA A 58 6.66 0.89 -0.15
CA ALA A 58 6.49 0.58 1.27
C ALA A 58 7.84 0.27 1.95
N THR A 59 8.89 -0.08 1.16
CA THR A 59 10.23 -0.40 1.71
C THR A 59 10.78 0.79 2.51
N GLU A 60 10.61 1.99 1.93
CA GLU A 60 10.97 3.24 2.59
C GLU A 60 9.75 3.76 3.35
N ASN A 61 8.65 3.97 2.59
CA ASN A 61 7.45 4.72 3.03
C ASN A 61 6.82 4.16 4.33
N PHE A 62 6.46 2.87 4.32
CA PHE A 62 5.65 2.21 5.38
C PHE A 62 6.33 2.27 6.78
N GLU A 63 7.66 2.43 6.79
CA GLU A 63 8.47 2.47 8.04
C GLU A 63 9.10 3.88 8.24
N ASP A 64 9.14 4.70 7.18
CA ASP A 64 9.65 6.10 7.24
C ASP A 64 8.61 6.98 7.94
N VAL A 65 7.36 6.84 7.50
CA VAL A 65 6.20 7.50 8.14
C VAL A 65 5.71 6.66 9.33
N GLY A 66 5.97 5.33 9.24
CA GLY A 66 5.48 4.36 10.20
C GLY A 66 6.17 4.42 11.53
N PHE A 67 5.50 3.93 12.58
CA PHE A 67 6.05 3.85 13.94
C PHE A 67 7.21 2.82 13.98
N SER A 68 8.20 3.07 14.86
CA SER A 68 9.45 2.28 14.96
C SER A 68 9.17 0.78 15.19
N THR A 69 8.31 0.48 16.17
CA THR A 69 7.93 -0.89 16.51
C THR A 69 6.57 -1.26 15.90
N ASP A 70 5.58 -0.36 16.07
CA ASP A 70 4.16 -0.63 15.77
C ASP A 70 3.94 -0.97 14.30
N ALA A 71 4.46 -0.11 13.39
CA ALA A 71 4.28 -0.28 11.92
C ALA A 71 4.62 -1.69 11.44
N ARG A 72 5.71 -2.23 12.03
CA ARG A 72 6.25 -3.54 11.68
C ARG A 72 5.26 -4.67 12.05
N GLU A 73 4.72 -4.60 13.28
CA GLU A 73 3.77 -5.62 13.79
C GLU A 73 2.34 -5.34 13.29
N LEU A 74 2.10 -4.15 12.73
CA LEU A 74 0.79 -3.81 12.13
C LEU A 74 0.70 -4.37 10.69
N SER A 75 1.86 -4.60 10.03
CA SER A 75 1.93 -5.13 8.65
C SER A 75 1.17 -6.47 8.53
N LYS A 76 1.56 -7.46 9.37
CA LYS A 76 0.91 -8.78 9.44
C LYS A 76 -0.62 -8.69 9.70
N LYS A 77 -1.03 -7.63 10.44
CA LYS A 77 -2.42 -7.41 10.83
C LYS A 77 -3.22 -6.84 9.63
N TYR A 78 -2.56 -6.00 8.82
CA TYR A 78 -3.17 -5.32 7.66
C TYR A 78 -2.88 -6.08 6.36
N ILE A 79 -2.72 -7.41 6.41
CA ILE A 79 -2.57 -8.22 5.21
C ILE A 79 -3.92 -8.31 4.45
N ILE A 80 -3.96 -7.70 3.26
CA ILE A 80 -5.18 -7.64 2.44
C ILE A 80 -5.01 -8.48 1.15
N GLY A 81 -3.78 -8.91 0.88
CA GLY A 81 -3.47 -9.85 -0.20
C GLY A 81 -2.05 -9.68 -0.70
N GLU A 82 -1.79 -10.07 -1.95
CA GLU A 82 -0.52 -9.83 -2.63
C GLU A 82 -0.77 -9.05 -3.92
N LEU A 83 0.15 -8.15 -4.26
CA LEU A 83 0.06 -7.32 -5.47
C LEU A 83 0.37 -8.19 -6.73
N HIS A 84 -0.28 -7.81 -7.84
CA HIS A 84 -0.19 -8.45 -9.15
C HIS A 84 1.27 -8.42 -9.67
N PRO A 85 1.92 -9.60 -9.94
CA PRO A 85 3.34 -9.69 -10.42
C PRO A 85 3.70 -8.70 -11.56
N ASP A 86 2.70 -8.43 -12.43
CA ASP A 86 2.80 -7.44 -13.51
C ASP A 86 2.91 -6.01 -12.95
N ASP A 87 1.94 -5.64 -12.10
CA ASP A 87 1.67 -4.23 -11.70
C ASP A 87 2.81 -3.61 -10.88
N ARG A 88 3.45 -4.44 -10.07
CA ARG A 88 4.58 -4.01 -9.20
C ARG A 88 5.86 -3.70 -10.02
N SER A 89 5.93 -4.25 -11.24
CA SER A 89 7.01 -3.97 -12.21
C SER A 89 6.57 -2.90 -13.22
N LYS A 90 5.25 -2.83 -13.43
CA LYS A 90 4.57 -1.92 -14.37
C LYS A 90 4.68 -0.46 -13.88
N ILE A 91 4.33 -0.26 -12.60
CA ILE A 91 4.33 1.07 -11.94
C ILE A 91 5.47 1.11 -10.88
N ALA A 92 6.56 0.38 -11.18
CA ALA A 92 7.82 0.49 -10.41
C ALA A 92 8.37 1.92 -10.54
N LYS A 93 8.39 2.41 -11.79
CA LYS A 93 8.70 3.80 -12.13
C LYS A 93 7.99 4.18 -13.47
N PRO A 94 6.72 4.70 -13.40
CA PRO A 94 5.97 5.16 -14.60
C PRO A 94 6.60 6.46 -15.18
N SER A 95 6.52 6.62 -16.51
CA SER A 95 7.06 7.79 -17.21
C SER A 95 6.07 8.97 -17.08
N GLU A 96 5.97 9.52 -15.86
CA GLU A 96 5.04 10.59 -15.52
C GLU A 96 5.65 11.95 -15.89
N THR A 97 6.78 12.26 -15.23
CA THR A 97 7.66 13.38 -15.57
C THR A 97 9.06 12.83 -15.95
N LEU A 98 9.15 11.47 -16.00
CA LEU A 98 10.40 10.73 -16.20
C LEU A 98 10.59 10.44 -17.71
N ALA A 1 -11.62 -12.28 -16.62
CA ALA A 1 -10.96 -12.18 -15.30
C ALA A 1 -11.90 -12.69 -14.20
N GLU A 2 -11.50 -13.78 -13.53
CA GLU A 2 -12.21 -14.34 -12.37
C GLU A 2 -11.19 -14.71 -11.28
N GLN A 3 -11.62 -14.65 -10.01
CA GLN A 3 -10.78 -15.04 -8.87
C GLN A 3 -10.83 -16.57 -8.72
N SER A 4 -9.70 -17.23 -9.01
CA SER A 4 -9.59 -18.71 -9.02
C SER A 4 -9.53 -19.30 -7.60
N ASP A 5 -9.13 -18.45 -6.64
CA ASP A 5 -9.00 -18.84 -5.21
C ASP A 5 -10.14 -18.22 -4.39
N LYS A 6 -10.33 -18.77 -3.19
CA LYS A 6 -11.35 -18.32 -2.22
C LYS A 6 -10.70 -17.43 -1.14
N ASP A 7 -9.36 -17.31 -1.18
CA ASP A 7 -8.57 -16.54 -0.20
C ASP A 7 -7.45 -15.75 -0.91
N VAL A 8 -6.79 -14.85 -0.14
CA VAL A 8 -5.65 -14.02 -0.57
C VAL A 8 -6.04 -13.12 -1.78
N LYS A 9 -6.24 -11.83 -1.48
CA LYS A 9 -6.81 -10.86 -2.43
C LYS A 9 -5.73 -10.25 -3.32
N TYR A 10 -5.77 -10.59 -4.62
CA TYR A 10 -4.86 -10.07 -5.64
C TYR A 10 -5.27 -8.64 -6.03
N TYR A 11 -4.64 -7.64 -5.38
CA TYR A 11 -4.85 -6.22 -5.72
C TYR A 11 -4.08 -5.85 -6.99
N THR A 12 -4.59 -4.82 -7.67
CA THR A 12 -3.96 -4.24 -8.85
C THR A 12 -3.46 -2.84 -8.46
N LEU A 13 -2.15 -2.57 -8.66
CA LEU A 13 -1.52 -1.29 -8.25
C LEU A 13 -2.10 -0.10 -9.05
N GLU A 14 -2.70 -0.43 -10.22
CA GLU A 14 -3.42 0.51 -11.09
C GLU A 14 -4.73 1.03 -10.40
N GLU A 15 -5.35 0.17 -9.57
CA GLU A 15 -6.51 0.57 -8.73
C GLU A 15 -6.03 1.50 -7.61
N ILE A 16 -4.88 1.14 -7.01
CA ILE A 16 -4.30 1.85 -5.87
C ILE A 16 -3.73 3.22 -6.30
N GLN A 17 -3.37 3.30 -7.60
CA GLN A 17 -2.92 4.54 -8.25
C GLN A 17 -4.04 5.61 -8.19
N LYS A 18 -5.31 5.15 -8.21
CA LYS A 18 -6.50 6.00 -8.07
C LYS A 18 -6.80 6.23 -6.56
N HIS A 19 -5.79 6.68 -5.81
CA HIS A 19 -5.90 6.94 -4.36
C HIS A 19 -6.48 8.35 -4.11
N LYS A 20 -7.69 8.57 -4.66
CA LYS A 20 -8.41 9.85 -4.57
C LYS A 20 -8.86 10.13 -3.13
N ASP A 21 -9.14 9.06 -2.39
CA ASP A 21 -9.51 9.13 -0.97
C ASP A 21 -8.50 8.31 -0.16
N SER A 22 -8.49 8.52 1.15
CA SER A 22 -7.62 7.79 2.09
C SER A 22 -8.02 6.31 2.16
N LYS A 23 -9.31 6.01 1.89
CA LYS A 23 -9.84 4.63 1.84
C LYS A 23 -9.38 3.89 0.57
N SER A 24 -9.04 4.67 -0.47
CA SER A 24 -8.54 4.16 -1.76
C SER A 24 -6.99 4.09 -1.74
N THR A 25 -6.39 4.16 -0.54
CA THR A 25 -4.94 4.26 -0.36
C THR A 25 -4.42 2.96 0.27
N TRP A 26 -3.60 2.25 -0.52
CA TRP A 26 -2.89 1.04 -0.10
C TRP A 26 -1.42 1.18 -0.55
N VAL A 27 -0.56 0.29 -0.09
CA VAL A 27 0.89 0.31 -0.42
C VAL A 27 1.44 -1.12 -0.53
N ILE A 28 2.64 -1.26 -1.14
CA ILE A 28 3.24 -2.59 -1.38
C ILE A 28 4.67 -2.69 -0.83
N LEU A 29 4.95 -3.82 -0.15
CA LEU A 29 6.28 -4.12 0.40
C LEU A 29 7.25 -4.57 -0.71
N HIS A 30 6.70 -5.15 -1.80
CA HIS A 30 7.45 -5.42 -3.07
C HIS A 30 6.50 -6.09 -4.08
N HIS A 31 5.91 -7.22 -3.64
CA HIS A 31 4.93 -8.02 -4.42
C HIS A 31 3.61 -8.16 -3.67
N LYS A 32 3.62 -7.87 -2.37
CA LYS A 32 2.45 -8.07 -1.49
C LYS A 32 1.87 -6.72 -1.09
N VAL A 33 0.53 -6.63 -0.96
CA VAL A 33 -0.16 -5.37 -0.69
C VAL A 33 -0.66 -5.35 0.76
N TYR A 34 -0.54 -4.19 1.39
CA TYR A 34 -0.90 -3.98 2.79
C TYR A 34 -1.86 -2.80 2.90
N ASP A 35 -2.76 -2.92 3.87
CA ASP A 35 -3.82 -1.95 4.12
C ASP A 35 -3.21 -0.67 4.70
N LEU A 36 -3.32 0.43 3.95
CA LEU A 36 -2.71 1.70 4.33
C LEU A 36 -3.79 2.67 4.83
N THR A 37 -5.05 2.44 4.39
CA THR A 37 -6.20 3.32 4.74
C THR A 37 -6.36 3.46 6.27
N LYS A 38 -6.24 2.36 7.00
CA LYS A 38 -6.34 2.36 8.46
C LYS A 38 -4.98 2.67 9.11
N PHE A 39 -3.90 2.36 8.38
CA PHE A 39 -2.51 2.55 8.84
C PHE A 39 -2.13 4.05 8.86
N LEU A 40 -2.75 4.86 7.98
CA LEU A 40 -2.51 6.32 7.94
C LEU A 40 -3.29 7.02 9.05
N GLU A 41 -4.43 6.42 9.45
CA GLU A 41 -5.27 6.93 10.56
C GLU A 41 -4.63 6.68 11.92
N GLU A 42 -3.61 5.79 11.96
CA GLU A 42 -2.81 5.53 13.15
C GLU A 42 -2.04 6.80 13.57
N PHE A 43 -1.52 7.50 12.56
CA PHE A 43 -0.78 8.76 12.76
C PHE A 43 -1.81 9.92 12.83
N PRO A 44 -1.65 10.90 13.78
CA PRO A 44 -2.59 12.04 13.93
C PRO A 44 -2.55 12.99 12.70
N GLY A 45 -3.39 12.66 11.70
CA GLY A 45 -3.37 13.34 10.41
C GLY A 45 -2.11 13.02 9.60
N GLY A 46 -1.68 11.75 9.68
CA GLY A 46 -0.44 11.31 9.05
C GLY A 46 -0.61 10.78 7.63
N GLU A 47 -1.77 11.09 7.03
CA GLU A 47 -2.05 10.82 5.62
C GLU A 47 -1.08 11.60 4.70
N GLU A 48 -0.74 12.83 5.11
CA GLU A 48 0.04 13.77 4.27
C GLU A 48 1.45 13.27 3.89
N VAL A 49 2.07 12.44 4.74
CA VAL A 49 3.48 12.02 4.58
C VAL A 49 3.64 10.75 3.68
N LEU A 50 2.58 9.94 3.55
CA LEU A 50 2.65 8.60 2.90
C LEU A 50 1.75 8.49 1.64
N ARG A 51 0.70 9.31 1.58
CA ARG A 51 -0.32 9.27 0.49
C ARG A 51 0.28 9.70 -0.86
N GLU A 52 1.39 10.46 -0.78
CA GLU A 52 2.16 10.90 -1.94
C GLU A 52 2.84 9.69 -2.63
N GLN A 53 3.24 8.70 -1.81
CA GLN A 53 3.87 7.44 -2.26
C GLN A 53 2.87 6.25 -2.21
N ALA A 54 1.56 6.57 -2.15
CA ALA A 54 0.49 5.57 -2.17
C ALA A 54 0.41 4.89 -3.54
N GLY A 55 0.36 3.55 -3.56
CA GLY A 55 0.46 2.79 -4.81
C GLY A 55 1.84 2.89 -5.44
N GLY A 56 2.85 3.16 -4.58
CA GLY A 56 4.24 3.28 -5.01
C GLY A 56 5.11 2.37 -4.17
N ASP A 57 5.42 2.79 -2.94
CA ASP A 57 6.39 2.08 -2.08
C ASP A 57 5.86 1.89 -0.66
N ALA A 58 6.32 0.78 -0.06
CA ALA A 58 6.23 0.48 1.37
C ALA A 58 7.33 -0.50 1.74
N THR A 59 8.22 -0.80 0.77
CA THR A 59 9.41 -1.63 0.97
C THR A 59 10.25 -1.02 2.10
N GLU A 60 10.33 0.31 2.07
CA GLU A 60 10.95 1.13 3.11
C GLU A 60 9.87 2.00 3.81
N ASN A 61 8.92 2.52 3.01
CA ASN A 61 7.98 3.60 3.42
C ASN A 61 7.10 3.22 4.62
N PHE A 62 6.70 1.92 4.74
CA PHE A 62 5.76 1.46 5.80
C PHE A 62 6.32 1.76 7.22
N GLU A 63 7.65 1.65 7.34
CA GLU A 63 8.38 1.82 8.60
C GLU A 63 9.00 3.23 8.65
N ASP A 64 9.34 3.77 7.46
CA ASP A 64 10.01 5.09 7.31
C ASP A 64 9.12 6.22 7.86
N VAL A 65 7.89 6.29 7.36
CA VAL A 65 6.88 7.26 7.84
C VAL A 65 6.13 6.70 9.08
N GLY A 66 6.38 5.42 9.37
CA GLY A 66 5.69 4.69 10.43
C GLY A 66 6.25 4.94 11.82
N PHE A 67 5.58 4.36 12.82
CA PHE A 67 6.04 4.39 14.23
C PHE A 67 7.37 3.62 14.40
N SER A 68 8.02 3.83 15.58
CA SER A 68 9.31 3.20 15.90
C SER A 68 9.19 1.66 15.92
N THR A 69 8.42 1.12 16.87
CA THR A 69 8.20 -0.34 17.01
C THR A 69 6.90 -0.78 16.34
N ASP A 70 5.85 0.08 16.48
CA ASP A 70 4.45 -0.27 16.13
C ASP A 70 4.33 -0.62 14.62
N ALA A 71 4.84 0.25 13.75
CA ALA A 71 4.70 0.10 12.28
C ALA A 71 5.26 -1.23 11.75
N ARG A 72 6.31 -1.71 12.43
CA ARG A 72 7.05 -2.91 12.05
C ARG A 72 6.23 -4.18 12.34
N GLU A 73 5.49 -4.14 13.46
CA GLU A 73 4.61 -5.25 13.91
C GLU A 73 3.17 -5.07 13.38
N LEU A 74 2.86 -3.87 12.87
CA LEU A 74 1.51 -3.58 12.30
C LEU A 74 1.37 -4.19 10.91
N SER A 75 2.48 -4.29 10.16
CA SER A 75 2.49 -4.78 8.76
C SER A 75 1.77 -6.15 8.62
N LYS A 76 2.10 -7.11 9.51
CA LYS A 76 1.45 -8.44 9.56
C LYS A 76 -0.07 -8.35 9.86
N LYS A 77 -0.48 -7.31 10.59
CA LYS A 77 -1.90 -7.09 10.98
C LYS A 77 -2.68 -6.57 9.76
N TYR A 78 -2.00 -5.76 8.93
CA TYR A 78 -2.62 -5.10 7.76
C TYR A 78 -2.45 -5.92 6.48
N ILE A 79 -2.38 -7.25 6.61
CA ILE A 79 -2.35 -8.14 5.43
C ILE A 79 -3.75 -8.16 4.77
N ILE A 80 -3.91 -7.33 3.73
CA ILE A 80 -5.18 -7.23 2.97
C ILE A 80 -5.16 -8.18 1.75
N GLY A 81 -3.95 -8.63 1.37
CA GLY A 81 -3.76 -9.60 0.30
C GLY A 81 -2.37 -9.49 -0.31
N GLU A 82 -2.20 -9.94 -1.55
CA GLU A 82 -0.96 -9.73 -2.31
C GLU A 82 -1.24 -8.86 -3.53
N LEU A 83 -0.25 -8.10 -3.95
CA LEU A 83 -0.33 -7.27 -5.17
C LEU A 83 -0.08 -8.16 -6.41
N HIS A 84 -0.66 -7.76 -7.54
CA HIS A 84 -0.51 -8.43 -8.84
C HIS A 84 0.97 -8.32 -9.29
N PRO A 85 1.73 -9.46 -9.39
CA PRO A 85 3.20 -9.48 -9.62
C PRO A 85 3.68 -8.62 -10.83
N ASP A 86 2.77 -8.39 -11.81
CA ASP A 86 3.03 -7.51 -12.97
C ASP A 86 2.94 -6.02 -12.57
N ASP A 87 1.85 -5.69 -11.83
CA ASP A 87 1.47 -4.29 -11.51
C ASP A 87 2.54 -3.56 -10.69
N ARG A 88 3.14 -4.29 -9.72
CA ARG A 88 4.19 -3.74 -8.84
C ARG A 88 5.40 -3.22 -9.65
N SER A 89 5.65 -3.88 -10.80
CA SER A 89 6.78 -3.57 -11.67
C SER A 89 6.46 -2.39 -12.61
N LYS A 90 5.30 -2.46 -13.30
CA LYS A 90 4.95 -1.43 -14.31
C LYS A 90 4.64 -0.07 -13.66
N ILE A 91 4.17 -0.09 -12.39
CA ILE A 91 3.92 1.13 -11.60
C ILE A 91 4.88 1.18 -10.37
N ALA A 92 6.11 0.65 -10.55
CA ALA A 92 7.20 0.79 -9.54
C ALA A 92 7.56 2.27 -9.35
N LYS A 93 7.46 3.01 -10.47
CA LYS A 93 7.62 4.46 -10.53
C LYS A 93 6.74 5.00 -11.69
N PRO A 94 5.47 5.43 -11.39
CA PRO A 94 4.54 6.00 -12.41
C PRO A 94 5.15 7.22 -13.12
N SER A 95 5.45 7.06 -14.42
CA SER A 95 6.14 8.09 -15.22
C SER A 95 5.46 8.24 -16.60
N GLU A 96 5.46 7.14 -17.39
CA GLU A 96 4.98 7.15 -18.79
C GLU A 96 3.45 6.92 -18.89
N THR A 97 2.73 7.19 -17.80
CA THR A 97 1.28 6.89 -17.69
C THR A 97 0.62 7.71 -16.55
N LEU A 98 1.40 7.98 -15.48
CA LEU A 98 0.90 8.41 -14.17
C LEU A 98 -0.10 7.34 -13.63
N ALA A 1 -17.66 -10.05 -4.26
CA ALA A 1 -17.60 -10.37 -2.81
C ALA A 1 -16.22 -10.96 -2.44
N GLU A 2 -15.81 -12.00 -3.17
CA GLU A 2 -14.54 -12.73 -2.93
C GLU A 2 -13.60 -12.58 -4.15
N GLN A 3 -12.28 -12.65 -3.89
CA GLN A 3 -11.24 -12.67 -4.94
C GLN A 3 -11.40 -13.95 -5.81
N SER A 4 -11.05 -13.86 -7.10
CA SER A 4 -11.08 -15.00 -8.04
C SER A 4 -10.13 -16.13 -7.60
N ASP A 5 -9.05 -15.74 -6.89
CA ASP A 5 -8.12 -16.67 -6.21
C ASP A 5 -8.81 -17.33 -5.00
N LYS A 6 -8.21 -18.44 -4.51
CA LYS A 6 -8.65 -19.16 -3.29
C LYS A 6 -9.06 -18.21 -2.14
N ASP A 7 -8.18 -17.24 -1.83
CA ASP A 7 -8.32 -16.37 -0.66
C ASP A 7 -7.60 -15.03 -0.86
N VAL A 8 -6.24 -15.09 -0.98
CA VAL A 8 -5.39 -13.88 -0.94
C VAL A 8 -5.76 -12.89 -2.05
N LYS A 9 -5.96 -11.62 -1.66
CA LYS A 9 -6.48 -10.58 -2.55
C LYS A 9 -5.34 -9.94 -3.34
N TYR A 10 -5.34 -10.19 -4.65
CA TYR A 10 -4.41 -9.55 -5.58
C TYR A 10 -4.90 -8.14 -5.87
N TYR A 11 -4.36 -7.17 -5.12
CA TYR A 11 -4.57 -5.75 -5.41
C TYR A 11 -3.68 -5.39 -6.59
N THR A 12 -4.23 -4.60 -7.51
CA THR A 12 -3.52 -4.14 -8.69
C THR A 12 -2.97 -2.76 -8.39
N LEU A 13 -1.71 -2.51 -8.74
CA LEU A 13 -1.01 -1.26 -8.43
C LEU A 13 -1.58 -0.09 -9.26
N GLU A 14 -2.28 -0.43 -10.36
CA GLU A 14 -3.03 0.52 -11.20
C GLU A 14 -4.30 0.98 -10.47
N GLU A 15 -4.88 0.09 -9.65
CA GLU A 15 -6.00 0.41 -8.75
C GLU A 15 -5.49 1.33 -7.62
N ILE A 16 -4.37 0.91 -7.00
CA ILE A 16 -3.79 1.62 -5.84
C ILE A 16 -3.19 2.98 -6.28
N GLN A 17 -2.85 3.09 -7.59
CA GLN A 17 -2.35 4.34 -8.21
C GLN A 17 -3.42 5.46 -8.14
N LYS A 18 -4.67 5.06 -7.92
CA LYS A 18 -5.80 5.97 -7.63
C LYS A 18 -5.85 6.30 -6.11
N HIS A 19 -4.69 6.72 -5.56
CA HIS A 19 -4.52 7.04 -4.10
C HIS A 19 -4.79 8.53 -3.83
N LYS A 20 -6.05 8.94 -4.06
CA LYS A 20 -6.51 10.32 -3.82
C LYS A 20 -7.09 10.46 -2.40
N ASP A 21 -7.78 9.41 -1.93
CA ASP A 21 -8.45 9.39 -0.62
C ASP A 21 -7.87 8.25 0.23
N SER A 22 -8.08 8.35 1.54
CA SER A 22 -7.60 7.40 2.56
C SER A 22 -8.08 5.97 2.28
N LYS A 23 -9.35 5.86 1.85
CA LYS A 23 -10.03 4.58 1.59
C LYS A 23 -9.42 3.82 0.40
N SER A 24 -8.68 4.55 -0.46
CA SER A 24 -7.99 4.00 -1.63
C SER A 24 -6.45 4.13 -1.50
N THR A 25 -5.96 4.23 -0.26
CA THR A 25 -4.52 4.34 0.02
C THR A 25 -4.02 2.98 0.54
N TRP A 26 -3.17 2.32 -0.26
CA TRP A 26 -2.48 1.06 0.11
C TRP A 26 -1.01 1.18 -0.31
N VAL A 27 -0.12 0.37 0.28
CA VAL A 27 1.33 0.39 -0.06
C VAL A 27 1.79 -1.02 -0.44
N ILE A 28 2.83 -1.10 -1.29
CA ILE A 28 3.39 -2.37 -1.77
C ILE A 28 4.91 -2.33 -1.63
N LEU A 29 5.47 -3.40 -1.06
CA LEU A 29 6.92 -3.52 -0.84
C LEU A 29 7.58 -3.86 -2.18
N HIS A 30 6.96 -4.82 -2.89
CA HIS A 30 7.44 -5.29 -4.20
C HIS A 30 6.38 -6.22 -4.82
N HIS A 31 6.04 -7.30 -4.10
CA HIS A 31 5.06 -8.32 -4.55
C HIS A 31 3.80 -8.32 -3.67
N LYS A 32 3.89 -7.78 -2.46
CA LYS A 32 2.80 -7.89 -1.46
C LYS A 32 2.22 -6.51 -1.13
N VAL A 33 0.90 -6.46 -0.88
CA VAL A 33 0.17 -5.23 -0.52
C VAL A 33 -0.24 -5.31 0.97
N TYR A 34 -0.14 -4.17 1.65
CA TYR A 34 -0.64 -3.99 3.01
C TYR A 34 -1.68 -2.89 3.00
N ASP A 35 -2.70 -3.06 3.83
CA ASP A 35 -3.78 -2.09 3.99
C ASP A 35 -3.23 -0.84 4.67
N LEU A 36 -3.27 0.28 3.96
CA LEU A 36 -2.77 1.56 4.48
C LEU A 36 -3.97 2.43 4.92
N THR A 37 -5.16 2.14 4.37
CA THR A 37 -6.44 2.77 4.69
C THR A 37 -6.65 2.96 6.22
N LYS A 38 -6.30 1.91 7.00
CA LYS A 38 -6.43 1.90 8.46
C LYS A 38 -5.10 2.37 9.13
N PHE A 39 -3.97 2.16 8.43
CA PHE A 39 -2.62 2.48 8.96
C PHE A 39 -2.38 4.01 9.08
N LEU A 40 -3.03 4.79 8.21
CA LEU A 40 -2.92 6.27 8.25
C LEU A 40 -3.78 6.87 9.38
N GLU A 41 -4.77 6.08 9.86
CA GLU A 41 -5.64 6.45 11.00
C GLU A 41 -4.92 6.22 12.34
N GLU A 42 -3.80 5.46 12.32
CA GLU A 42 -2.90 5.29 13.47
C GLU A 42 -2.25 6.62 13.85
N PHE A 43 -1.98 7.44 12.83
CA PHE A 43 -1.44 8.79 12.99
C PHE A 43 -2.61 9.78 13.01
N PRO A 44 -2.65 10.77 13.98
CA PRO A 44 -3.67 11.85 14.00
C PRO A 44 -3.74 12.65 12.67
N GLY A 45 -4.54 12.14 11.73
CA GLY A 45 -4.66 12.70 10.39
C GLY A 45 -3.36 12.58 9.59
N GLY A 46 -2.73 11.40 9.67
CA GLY A 46 -1.42 11.16 9.07
C GLY A 46 -1.48 10.59 7.67
N GLU A 47 -2.53 10.94 6.91
CA GLU A 47 -2.69 10.55 5.51
C GLU A 47 -1.67 11.31 4.61
N GLU A 48 -1.52 12.61 4.90
CA GLU A 48 -0.74 13.55 4.06
C GLU A 48 0.74 13.14 3.83
N VAL A 49 1.33 12.41 4.80
CA VAL A 49 2.78 12.05 4.80
C VAL A 49 3.08 10.78 3.97
N LEU A 50 2.07 9.89 3.81
CA LEU A 50 2.28 8.53 3.27
C LEU A 50 1.52 8.28 1.96
N ARG A 51 0.40 9.02 1.76
CA ARG A 51 -0.50 8.83 0.60
C ARG A 51 0.24 9.11 -0.72
N GLU A 52 1.21 10.02 -0.65
CA GLU A 52 2.08 10.40 -1.77
C GLU A 52 2.82 9.18 -2.35
N GLN A 53 3.66 8.53 -1.51
CA GLN A 53 4.47 7.36 -1.94
C GLN A 53 3.62 6.08 -2.00
N ALA A 54 2.43 6.08 -1.37
CA ALA A 54 1.46 4.97 -1.48
C ALA A 54 1.00 4.82 -2.94
N GLY A 55 0.69 3.58 -3.36
CA GLY A 55 0.45 3.31 -4.79
C GLY A 55 1.74 3.24 -5.59
N GLY A 56 2.83 2.82 -4.92
CA GLY A 56 4.13 2.64 -5.54
C GLY A 56 5.15 2.06 -4.56
N ASP A 57 5.56 2.88 -3.58
CA ASP A 57 6.61 2.52 -2.60
C ASP A 57 6.00 2.05 -1.25
N ALA A 58 6.82 1.30 -0.49
CA ALA A 58 6.55 0.92 0.91
C ALA A 58 7.85 0.57 1.65
N THR A 59 8.88 0.14 0.87
CA THR A 59 10.19 -0.29 1.41
C THR A 59 10.84 0.82 2.24
N GLU A 60 10.61 2.06 1.80
CA GLU A 60 10.99 3.26 2.56
C GLU A 60 9.75 3.74 3.35
N ASN A 61 8.68 4.06 2.58
CA ASN A 61 7.49 4.79 3.06
C ASN A 61 6.78 4.17 4.29
N PHE A 62 6.31 2.90 4.13
CA PHE A 62 5.42 2.21 5.13
C PHE A 62 5.97 2.27 6.58
N GLU A 63 7.31 2.26 6.70
CA GLU A 63 8.00 2.23 8.00
C GLU A 63 8.61 3.60 8.35
N ASP A 64 8.95 4.40 7.32
CA ASP A 64 9.53 5.76 7.49
C ASP A 64 8.51 6.70 8.14
N VAL A 65 7.31 6.70 7.56
CA VAL A 65 6.15 7.45 8.09
C VAL A 65 5.59 6.77 9.36
N GLY A 66 5.84 5.46 9.46
CA GLY A 66 5.28 4.62 10.50
C GLY A 66 6.00 4.75 11.83
N PHE A 67 5.30 4.36 12.92
CA PHE A 67 5.88 4.32 14.27
C PHE A 67 7.06 3.33 14.34
N SER A 68 7.93 3.48 15.37
CA SER A 68 9.17 2.70 15.54
C SER A 68 8.90 1.18 15.57
N THR A 69 8.08 0.74 16.54
CA THR A 69 7.75 -0.68 16.75
C THR A 69 6.47 -1.07 16.01
N ASP A 70 5.51 -0.13 15.93
CA ASP A 70 4.17 -0.41 15.38
C ASP A 70 4.21 -0.73 13.88
N ALA A 71 4.86 0.16 13.09
CA ALA A 71 4.93 0.02 11.60
C ALA A 71 5.45 -1.36 11.16
N ARG A 72 6.34 -1.91 11.98
CA ARG A 72 6.96 -3.21 11.74
C ARG A 72 5.94 -4.36 12.00
N GLU A 73 5.40 -4.42 13.22
CA GLU A 73 4.57 -5.56 13.67
C GLU A 73 3.10 -5.44 13.23
N LEU A 74 2.71 -4.26 12.72
CA LEU A 74 1.35 -4.00 12.15
C LEU A 74 1.19 -4.65 10.76
N SER A 75 2.29 -5.17 10.19
CA SER A 75 2.29 -5.88 8.89
C SER A 75 1.30 -7.09 8.92
N LYS A 76 1.36 -7.87 10.01
CA LYS A 76 0.48 -9.05 10.21
C LYS A 76 -1.00 -8.66 10.40
N LYS A 77 -1.25 -7.39 10.73
CA LYS A 77 -2.61 -6.85 10.89
C LYS A 77 -3.14 -6.35 9.53
N TYR A 78 -2.23 -5.84 8.69
CA TYR A 78 -2.60 -5.23 7.39
C TYR A 78 -2.31 -6.16 6.22
N ILE A 79 -2.05 -7.45 6.50
CA ILE A 79 -1.90 -8.46 5.44
C ILE A 79 -3.29 -8.74 4.81
N ILE A 80 -3.64 -7.88 3.85
CA ILE A 80 -4.93 -7.90 3.16
C ILE A 80 -4.83 -8.74 1.87
N GLY A 81 -3.60 -9.03 1.46
CA GLY A 81 -3.32 -9.88 0.32
C GLY A 81 -1.95 -9.61 -0.23
N GLU A 82 -1.81 -9.73 -1.54
CA GLU A 82 -0.57 -9.44 -2.25
C GLU A 82 -0.86 -8.50 -3.43
N LEU A 83 0.17 -7.75 -3.83
CA LEU A 83 0.15 -6.97 -5.06
C LEU A 83 0.23 -7.96 -6.25
N HIS A 84 -0.48 -7.62 -7.33
CA HIS A 84 -0.60 -8.46 -8.51
C HIS A 84 0.78 -8.52 -9.21
N PRO A 85 1.45 -9.73 -9.28
CA PRO A 85 2.85 -9.89 -9.80
C PRO A 85 3.15 -9.13 -11.13
N ASP A 86 2.12 -8.98 -11.97
CA ASP A 86 2.17 -8.21 -13.23
C ASP A 86 2.30 -6.68 -13.00
N ASP A 87 1.50 -6.15 -12.07
CA ASP A 87 1.36 -4.69 -11.83
C ASP A 87 2.64 -4.03 -11.30
N ARG A 88 3.41 -4.75 -10.46
CA ARG A 88 4.67 -4.22 -9.91
C ARG A 88 5.69 -4.02 -11.04
N SER A 89 5.65 -4.93 -12.02
CA SER A 89 6.49 -4.91 -13.22
C SER A 89 6.18 -3.66 -14.09
N LYS A 90 4.92 -3.20 -14.03
CA LYS A 90 4.43 -2.07 -14.84
C LYS A 90 4.65 -0.71 -14.13
N ILE A 91 4.27 -0.64 -12.84
CA ILE A 91 4.11 0.63 -12.09
C ILE A 91 5.02 0.63 -10.83
N ALA A 92 6.25 0.08 -10.98
CA ALA A 92 7.28 0.09 -9.89
C ALA A 92 7.49 1.54 -9.38
N LYS A 93 7.69 2.43 -10.36
CA LYS A 93 7.78 3.88 -10.16
C LYS A 93 7.79 4.53 -11.57
N PRO A 94 6.59 4.93 -12.13
CA PRO A 94 6.52 5.57 -13.47
C PRO A 94 6.81 7.08 -13.42
N SER A 95 7.04 7.68 -14.61
CA SER A 95 7.38 9.11 -14.76
C SER A 95 7.20 9.53 -16.24
N GLU A 96 7.56 8.61 -17.14
CA GLU A 96 7.52 8.82 -18.61
C GLU A 96 6.27 8.16 -19.24
N THR A 97 5.25 7.85 -18.41
CA THR A 97 4.05 7.10 -18.83
C THR A 97 2.88 7.26 -17.82
N LEU A 98 3.22 7.40 -16.52
CA LEU A 98 2.27 7.38 -15.39
C LEU A 98 1.43 6.06 -15.41
N ALA A 1 -16.66 -10.59 -9.48
CA ALA A 1 -15.63 -11.62 -9.79
C ALA A 1 -15.54 -12.64 -8.65
N GLU A 2 -15.07 -12.17 -7.47
CA GLU A 2 -14.77 -13.01 -6.27
C GLU A 2 -13.66 -14.03 -6.59
N GLN A 3 -12.44 -13.79 -6.04
CA GLN A 3 -11.33 -14.76 -6.15
C GLN A 3 -11.74 -16.11 -5.53
N SER A 4 -11.52 -17.20 -6.27
CA SER A 4 -11.88 -18.56 -5.84
C SER A 4 -11.05 -18.95 -4.60
N ASP A 5 -9.84 -18.37 -4.47
CA ASP A 5 -9.02 -18.49 -3.26
C ASP A 5 -9.23 -17.25 -2.41
N LYS A 6 -10.32 -17.28 -1.63
CA LYS A 6 -10.63 -16.24 -0.64
C LYS A 6 -9.70 -16.45 0.57
N ASP A 7 -8.52 -15.85 0.46
CA ASP A 7 -7.48 -15.84 1.51
C ASP A 7 -6.56 -14.66 1.24
N VAL A 8 -5.99 -14.65 0.02
CA VAL A 8 -5.25 -13.50 -0.51
C VAL A 8 -6.04 -12.88 -1.67
N LYS A 9 -6.03 -11.54 -1.75
CA LYS A 9 -6.68 -10.79 -2.83
C LYS A 9 -5.60 -10.17 -3.72
N TYR A 10 -5.66 -10.47 -5.03
CA TYR A 10 -4.77 -9.90 -6.02
C TYR A 10 -5.22 -8.47 -6.35
N TYR A 11 -4.66 -7.49 -5.64
CA TYR A 11 -4.83 -6.06 -5.95
C TYR A 11 -3.93 -5.70 -7.13
N THR A 12 -4.35 -4.72 -7.92
CA THR A 12 -3.52 -4.14 -8.99
C THR A 12 -3.05 -2.77 -8.53
N LEU A 13 -1.79 -2.42 -8.86
CA LEU A 13 -1.17 -1.12 -8.51
C LEU A 13 -1.84 0.00 -9.33
N GLU A 14 -2.42 -0.42 -10.47
CA GLU A 14 -3.28 0.40 -11.32
C GLU A 14 -4.56 0.83 -10.56
N GLU A 15 -5.06 -0.06 -9.69
CA GLU A 15 -6.27 0.20 -8.86
C GLU A 15 -5.91 1.22 -7.75
N ILE A 16 -4.68 1.08 -7.22
CA ILE A 16 -4.18 1.91 -6.12
C ILE A 16 -3.62 3.27 -6.65
N GLN A 17 -3.54 3.42 -8.00
CA GLN A 17 -3.08 4.68 -8.66
C GLN A 17 -3.94 5.89 -8.21
N LYS A 18 -5.20 5.60 -7.86
CA LYS A 18 -6.15 6.59 -7.31
C LYS A 18 -6.00 6.73 -5.77
N HIS A 19 -4.74 6.73 -5.29
CA HIS A 19 -4.36 6.82 -3.85
C HIS A 19 -4.49 8.26 -3.27
N LYS A 20 -5.24 9.11 -3.96
CA LYS A 20 -5.48 10.50 -3.56
C LYS A 20 -6.58 10.57 -2.50
N ASP A 21 -7.29 9.44 -2.30
CA ASP A 21 -8.27 9.24 -1.25
C ASP A 21 -7.69 8.27 -0.22
N SER A 22 -8.00 8.53 1.06
CA SER A 22 -7.53 7.71 2.21
C SER A 22 -8.10 6.29 2.15
N LYS A 23 -9.28 6.15 1.52
CA LYS A 23 -9.99 4.87 1.35
C LYS A 23 -9.39 4.03 0.20
N SER A 24 -8.59 4.69 -0.63
CA SER A 24 -7.93 4.06 -1.79
C SER A 24 -6.40 4.04 -1.56
N THR A 25 -5.98 4.01 -0.29
CA THR A 25 -4.56 4.08 0.09
C THR A 25 -4.08 2.69 0.49
N TRP A 26 -3.26 2.08 -0.37
CA TRP A 26 -2.61 0.77 -0.13
C TRP A 26 -1.16 0.90 -0.63
N VAL A 27 -0.22 0.17 -0.02
CA VAL A 27 1.21 0.23 -0.37
C VAL A 27 1.79 -1.17 -0.55
N ILE A 28 2.91 -1.27 -1.29
CA ILE A 28 3.56 -2.54 -1.60
C ILE A 28 5.05 -2.52 -1.21
N LEU A 29 5.52 -3.65 -0.69
CA LEU A 29 6.94 -3.85 -0.33
C LEU A 29 7.73 -4.07 -1.63
N HIS A 30 7.17 -4.92 -2.51
CA HIS A 30 7.75 -5.25 -3.82
C HIS A 30 6.76 -6.07 -4.66
N HIS A 31 6.14 -7.08 -4.05
CA HIS A 31 5.17 -7.98 -4.73
C HIS A 31 3.81 -8.01 -4.00
N LYS A 32 3.81 -7.78 -2.68
CA LYS A 32 2.61 -7.99 -1.85
C LYS A 32 2.04 -6.65 -1.37
N VAL A 33 0.69 -6.57 -1.25
CA VAL A 33 -0.04 -5.33 -0.93
C VAL A 33 -0.57 -5.41 0.52
N TYR A 34 -0.48 -4.29 1.23
CA TYR A 34 -0.90 -4.17 2.63
C TYR A 34 -1.81 -2.97 2.79
N ASP A 35 -2.83 -3.12 3.66
CA ASP A 35 -3.84 -2.10 3.92
C ASP A 35 -3.21 -0.92 4.64
N LEU A 36 -3.22 0.23 3.96
CA LEU A 36 -2.71 1.49 4.50
C LEU A 36 -3.89 2.38 4.89
N THR A 37 -5.07 2.09 4.28
CA THR A 37 -6.34 2.82 4.49
C THR A 37 -6.64 3.06 5.98
N LYS A 38 -6.48 2.00 6.79
CA LYS A 38 -6.67 2.06 8.25
C LYS A 38 -5.37 2.53 8.95
N PHE A 39 -4.22 2.01 8.48
CA PHE A 39 -2.89 2.24 9.08
C PHE A 39 -2.52 3.73 9.20
N LEU A 40 -3.04 4.56 8.29
CA LEU A 40 -2.78 6.01 8.27
C LEU A 40 -3.56 6.75 9.38
N GLU A 41 -4.71 6.17 9.79
CA GLU A 41 -5.55 6.72 10.89
C GLU A 41 -4.92 6.47 12.28
N GLU A 42 -3.97 5.53 12.36
CA GLU A 42 -3.09 5.35 13.54
C GLU A 42 -2.22 6.61 13.79
N PHE A 43 -1.97 7.36 12.71
CA PHE A 43 -1.25 8.64 12.76
C PHE A 43 -2.29 9.79 12.75
N PRO A 44 -2.33 10.67 13.81
CA PRO A 44 -3.28 11.82 13.88
C PRO A 44 -3.12 12.81 12.71
N GLY A 45 -3.93 12.57 11.66
CA GLY A 45 -3.86 13.36 10.42
C GLY A 45 -2.57 13.10 9.63
N GLY A 46 -2.06 11.85 9.72
CA GLY A 46 -0.79 11.46 9.11
C GLY A 46 -0.96 10.77 7.76
N GLU A 47 -2.19 10.86 7.24
CA GLU A 47 -2.53 10.35 5.90
C GLU A 47 -1.80 11.15 4.80
N GLU A 48 -1.76 12.47 4.98
CA GLU A 48 -1.15 13.41 4.01
C GLU A 48 0.37 13.20 3.84
N VAL A 49 1.05 12.70 4.90
CA VAL A 49 2.53 12.55 4.89
C VAL A 49 2.96 11.27 4.11
N LEU A 50 2.00 10.35 3.87
CA LEU A 50 2.26 9.06 3.17
C LEU A 50 1.47 8.97 1.85
N ARG A 51 0.56 9.93 1.62
CA ARG A 51 -0.31 9.99 0.42
C ARG A 51 0.50 9.92 -0.89
N GLU A 52 1.62 10.67 -0.93
CA GLU A 52 2.49 10.77 -2.11
C GLU A 52 3.25 9.43 -2.33
N GLN A 53 3.58 8.75 -1.22
CA GLN A 53 4.30 7.46 -1.22
C GLN A 53 3.34 6.27 -1.46
N ALA A 54 2.03 6.51 -1.26
CA ALA A 54 0.97 5.50 -1.47
C ALA A 54 0.81 5.16 -2.96
N GLY A 55 0.31 3.94 -3.26
CA GLY A 55 0.29 3.43 -4.64
C GLY A 55 1.68 3.06 -5.13
N GLY A 56 2.61 2.89 -4.19
CA GLY A 56 4.00 2.60 -4.49
C GLY A 56 4.69 1.98 -3.28
N ASP A 57 5.72 2.65 -2.75
CA ASP A 57 6.64 2.05 -1.76
C ASP A 57 5.98 1.86 -0.38
N ALA A 58 6.48 0.82 0.30
CA ALA A 58 6.16 0.52 1.70
C ALA A 58 7.46 0.21 2.42
N THR A 59 8.43 -0.37 1.69
CA THR A 59 9.62 -1.04 2.26
C THR A 59 10.40 -0.10 3.18
N GLU A 60 10.43 1.17 2.79
CA GLU A 60 10.99 2.26 3.59
C GLU A 60 9.84 3.09 4.20
N ASN A 61 8.75 3.25 3.42
CA ASN A 61 7.64 4.17 3.73
C ASN A 61 6.92 3.84 5.05
N PHE A 62 6.36 2.60 5.19
CA PHE A 62 5.51 2.22 6.35
C PHE A 62 6.23 2.49 7.68
N GLU A 63 7.57 2.36 7.65
CA GLU A 63 8.44 2.54 8.83
C GLU A 63 8.85 4.01 8.98
N ASP A 64 8.95 4.73 7.84
CA ASP A 64 9.38 6.15 7.82
C ASP A 64 8.28 7.05 8.38
N VAL A 65 7.08 6.95 7.77
CA VAL A 65 5.89 7.70 8.19
C VAL A 65 5.19 7.01 9.39
N GLY A 66 5.65 5.78 9.70
CA GLY A 66 5.05 4.97 10.76
C GLY A 66 5.87 4.96 12.04
N PHE A 67 5.27 4.38 13.09
CA PHE A 67 5.93 4.17 14.38
C PHE A 67 7.05 3.13 14.22
N SER A 68 8.27 3.47 14.67
CA SER A 68 9.50 2.67 14.45
C SER A 68 9.32 1.15 14.70
N THR A 69 8.84 0.78 15.90
CA THR A 69 8.61 -0.61 16.31
C THR A 69 7.25 -1.14 15.78
N ASP A 70 6.20 -0.36 16.06
CA ASP A 70 4.79 -0.77 15.82
C ASP A 70 4.54 -1.09 14.34
N ALA A 71 4.93 -0.16 13.46
CA ALA A 71 4.68 -0.24 12.00
C ALA A 71 5.17 -1.58 11.39
N ARG A 72 6.28 -2.08 11.93
CA ARG A 72 6.93 -3.33 11.48
C ARG A 72 6.00 -4.55 11.68
N GLU A 73 5.35 -4.62 12.87
CA GLU A 73 4.42 -5.73 13.20
C GLU A 73 2.97 -5.42 12.75
N LEU A 74 2.67 -4.12 12.54
CA LEU A 74 1.36 -3.67 12.05
C LEU A 74 1.18 -4.08 10.58
N SER A 75 2.30 -4.09 9.83
CA SER A 75 2.33 -4.60 8.44
C SER A 75 1.71 -6.01 8.37
N LYS A 76 2.13 -6.87 9.32
CA LYS A 76 1.66 -8.28 9.43
C LYS A 76 0.13 -8.34 9.66
N LYS A 77 -0.41 -7.37 10.43
CA LYS A 77 -1.85 -7.27 10.75
C LYS A 77 -2.64 -6.84 9.50
N TYR A 78 -2.07 -5.90 8.74
CA TYR A 78 -2.74 -5.28 7.59
C TYR A 78 -2.46 -6.05 6.30
N ILE A 79 -2.42 -7.38 6.39
CA ILE A 79 -2.36 -8.25 5.21
C ILE A 79 -3.75 -8.25 4.51
N ILE A 80 -3.87 -7.40 3.47
CA ILE A 80 -5.12 -7.22 2.70
C ILE A 80 -5.12 -8.16 1.47
N GLY A 81 -3.91 -8.62 1.09
CA GLY A 81 -3.73 -9.55 -0.01
C GLY A 81 -2.31 -9.49 -0.55
N GLU A 82 -2.15 -9.78 -1.85
CA GLU A 82 -0.87 -9.63 -2.56
C GLU A 82 -1.12 -8.82 -3.85
N LEU A 83 -0.12 -8.02 -4.25
CA LEU A 83 -0.19 -7.20 -5.46
C LEU A 83 0.10 -8.10 -6.69
N HIS A 84 -0.54 -7.75 -7.81
CA HIS A 84 -0.45 -8.44 -9.10
C HIS A 84 1.03 -8.41 -9.60
N PRO A 85 1.70 -9.59 -9.82
CA PRO A 85 3.13 -9.66 -10.25
C PRO A 85 3.46 -8.80 -11.49
N ASP A 86 2.46 -8.60 -12.37
CA ASP A 86 2.54 -7.65 -13.49
C ASP A 86 2.67 -6.21 -12.98
N ASP A 87 1.68 -5.78 -12.18
CA ASP A 87 1.48 -4.36 -11.79
C ASP A 87 2.63 -3.80 -10.93
N ARG A 88 3.15 -4.64 -10.03
CA ARG A 88 4.24 -4.25 -9.10
C ARG A 88 5.54 -3.90 -9.86
N SER A 89 5.70 -4.50 -11.05
CA SER A 89 6.82 -4.23 -11.96
C SER A 89 6.44 -3.19 -13.04
N LYS A 90 5.14 -3.13 -13.38
CA LYS A 90 4.57 -2.22 -14.41
C LYS A 90 4.70 -0.76 -13.97
N ILE A 91 4.04 -0.43 -12.84
CA ILE A 91 4.01 0.93 -12.26
C ILE A 91 5.02 1.00 -11.08
N ALA A 92 6.11 0.21 -11.20
CA ALA A 92 7.23 0.21 -10.23
C ALA A 92 7.90 1.59 -10.19
N LYS A 93 8.01 2.22 -11.38
CA LYS A 93 8.58 3.56 -11.53
C LYS A 93 7.89 4.31 -12.71
N PRO A 94 6.74 5.00 -12.45
CA PRO A 94 6.15 5.95 -13.43
C PRO A 94 7.03 7.22 -13.56
N SER A 95 7.29 7.67 -14.79
CA SER A 95 8.16 8.83 -15.06
C SER A 95 7.71 9.54 -16.35
N GLU A 96 7.20 10.77 -16.19
CA GLU A 96 6.82 11.66 -17.30
C GLU A 96 8.01 12.59 -17.63
N THR A 97 8.81 12.88 -16.59
CA THR A 97 9.99 13.76 -16.67
C THR A 97 11.10 13.16 -17.57
N LEU A 98 11.17 11.82 -17.59
CA LEU A 98 12.20 11.08 -18.34
C LEU A 98 11.52 9.89 -19.04
N ALA A 1 -15.63 -12.38 -7.89
CA ALA A 1 -14.83 -13.50 -7.35
C ALA A 1 -14.27 -14.34 -8.51
N GLU A 2 -12.95 -14.59 -8.47
CA GLU A 2 -12.22 -15.38 -9.49
C GLU A 2 -11.38 -16.46 -8.79
N GLN A 3 -10.39 -16.01 -8.00
CA GLN A 3 -9.39 -16.90 -7.38
C GLN A 3 -10.04 -17.88 -6.38
N SER A 4 -10.09 -19.16 -6.77
CA SER A 4 -10.66 -20.25 -5.96
C SER A 4 -9.69 -20.69 -4.86
N ASP A 5 -8.43 -20.22 -4.94
CA ASP A 5 -7.41 -20.41 -3.88
C ASP A 5 -7.80 -19.57 -2.63
N LYS A 6 -7.09 -19.77 -1.52
CA LYS A 6 -7.40 -19.17 -0.20
C LYS A 6 -7.48 -17.62 -0.26
N ASP A 7 -8.18 -17.02 0.72
CA ASP A 7 -8.59 -15.59 0.74
C ASP A 7 -7.42 -14.60 0.50
N VAL A 8 -7.14 -14.30 -0.78
CA VAL A 8 -6.18 -13.27 -1.19
C VAL A 8 -6.81 -12.45 -2.33
N LYS A 9 -6.91 -11.13 -2.14
CA LYS A 9 -7.47 -10.22 -3.14
C LYS A 9 -6.32 -9.54 -3.88
N TYR A 10 -6.25 -9.80 -5.20
CA TYR A 10 -5.20 -9.26 -6.07
C TYR A 10 -5.50 -7.79 -6.39
N TYR A 11 -4.93 -6.89 -5.58
CA TYR A 11 -4.98 -5.45 -5.85
C TYR A 11 -3.98 -5.15 -6.94
N THR A 12 -4.35 -4.28 -7.87
CA THR A 12 -3.43 -3.79 -8.90
C THR A 12 -2.86 -2.46 -8.44
N LEU A 13 -1.60 -2.19 -8.79
CA LEU A 13 -0.92 -0.94 -8.42
C LEU A 13 -1.55 0.24 -9.19
N GLU A 14 -2.23 -0.11 -10.30
CA GLU A 14 -3.11 0.78 -11.09
C GLU A 14 -4.38 1.17 -10.31
N GLU A 15 -4.90 0.23 -9.49
CA GLU A 15 -6.09 0.45 -8.63
C GLU A 15 -5.72 1.43 -7.49
N ILE A 16 -4.52 1.19 -6.91
CA ILE A 16 -3.99 1.99 -5.79
C ILE A 16 -3.44 3.34 -6.30
N GLN A 17 -3.11 3.41 -7.62
CA GLN A 17 -2.65 4.65 -8.31
C GLN A 17 -3.65 5.81 -8.10
N LYS A 18 -4.91 5.46 -7.80
CA LYS A 18 -5.97 6.41 -7.45
C LYS A 18 -5.95 6.73 -5.93
N HIS A 19 -4.73 6.93 -5.37
CA HIS A 19 -4.49 7.16 -3.92
C HIS A 19 -4.69 8.65 -3.52
N LYS A 20 -5.75 9.25 -4.06
CA LYS A 20 -6.19 10.62 -3.71
C LYS A 20 -6.68 10.65 -2.25
N ASP A 21 -7.64 9.76 -1.95
CA ASP A 21 -8.30 9.66 -0.63
C ASP A 21 -7.68 8.49 0.15
N SER A 22 -7.83 8.53 1.49
CA SER A 22 -7.30 7.53 2.42
C SER A 22 -7.89 6.13 2.19
N LYS A 23 -9.14 6.08 1.69
CA LYS A 23 -9.84 4.80 1.41
C LYS A 23 -9.23 4.07 0.20
N SER A 24 -8.42 4.78 -0.61
CA SER A 24 -7.70 4.22 -1.77
C SER A 24 -6.18 4.29 -1.57
N THR A 25 -5.75 4.41 -0.30
CA THR A 25 -4.34 4.52 0.06
C THR A 25 -3.88 3.17 0.62
N TRP A 26 -3.06 2.47 -0.17
CA TRP A 26 -2.44 1.18 0.17
C TRP A 26 -0.97 1.22 -0.28
N VAL A 27 -0.10 0.46 0.39
CA VAL A 27 1.35 0.41 0.04
C VAL A 27 1.77 -1.04 -0.21
N ILE A 28 2.87 -1.22 -0.99
CA ILE A 28 3.38 -2.55 -1.37
C ILE A 28 4.88 -2.63 -1.06
N LEU A 29 5.28 -3.72 -0.39
CA LEU A 29 6.70 -3.98 -0.07
C LEU A 29 7.43 -4.48 -1.34
N HIS A 30 6.73 -5.30 -2.15
CA HIS A 30 7.28 -5.84 -3.40
C HIS A 30 6.16 -6.50 -4.23
N HIS A 31 5.56 -7.57 -3.67
CA HIS A 31 4.54 -8.39 -4.36
C HIS A 31 3.21 -8.37 -3.60
N LYS A 32 3.23 -8.08 -2.30
CA LYS A 32 2.02 -8.11 -1.45
C LYS A 32 1.54 -6.67 -1.16
N VAL A 33 0.21 -6.52 -1.01
CA VAL A 33 -0.42 -5.21 -0.71
C VAL A 33 -0.90 -5.20 0.76
N TYR A 34 -0.71 -4.05 1.40
CA TYR A 34 -0.99 -3.83 2.82
C TYR A 34 -1.98 -2.69 2.98
N ASP A 35 -2.92 -2.88 3.92
CA ASP A 35 -3.96 -1.90 4.20
C ASP A 35 -3.34 -0.67 4.88
N LEU A 36 -3.26 0.43 4.13
CA LEU A 36 -2.74 1.69 4.65
C LEU A 36 -3.93 2.59 5.06
N THR A 37 -5.11 2.27 4.51
CA THR A 37 -6.39 2.96 4.78
C THR A 37 -6.64 3.19 6.31
N LYS A 38 -6.37 2.13 7.11
CA LYS A 38 -6.54 2.17 8.58
C LYS A 38 -5.19 2.61 9.24
N PHE A 39 -4.07 2.25 8.58
CA PHE A 39 -2.71 2.49 9.12
C PHE A 39 -2.34 4.00 9.17
N LEU A 40 -2.96 4.83 8.32
CA LEU A 40 -2.73 6.29 8.33
C LEU A 40 -3.54 6.97 9.45
N GLU A 41 -4.63 6.29 9.89
CA GLU A 41 -5.48 6.75 11.01
C GLU A 41 -4.80 6.47 12.35
N GLU A 42 -3.74 5.65 12.34
CA GLU A 42 -2.85 5.45 13.48
C GLU A 42 -2.08 6.73 13.82
N PHE A 43 -1.85 7.55 12.78
CA PHE A 43 -1.20 8.87 12.91
C PHE A 43 -2.29 9.97 12.94
N PRO A 44 -2.15 11.04 13.80
CA PRO A 44 -3.13 12.15 13.88
C PRO A 44 -3.16 12.99 12.57
N GLY A 45 -4.05 12.57 11.64
CA GLY A 45 -4.13 13.17 10.30
C GLY A 45 -2.94 12.79 9.43
N GLY A 46 -2.57 11.50 9.47
CA GLY A 46 -1.36 11.01 8.83
C GLY A 46 -1.50 10.69 7.34
N GLU A 47 -2.72 10.83 6.78
CA GLU A 47 -2.99 10.56 5.34
C GLU A 47 -2.01 11.32 4.42
N GLU A 48 -1.82 12.62 4.72
CA GLU A 48 -1.04 13.58 3.91
C GLU A 48 0.39 13.11 3.58
N VAL A 49 1.11 12.65 4.61
CA VAL A 49 2.58 12.44 4.55
C VAL A 49 2.95 11.20 3.68
N LEU A 50 2.07 10.19 3.69
CA LEU A 50 2.33 8.86 3.09
C LEU A 50 1.54 8.64 1.78
N ARG A 51 0.51 9.50 1.58
CA ARG A 51 -0.38 9.48 0.41
C ARG A 51 0.40 9.46 -0.90
N GLU A 52 1.48 10.25 -0.95
CA GLU A 52 2.31 10.43 -2.14
C GLU A 52 3.00 9.11 -2.56
N GLN A 53 3.54 8.38 -1.56
CA GLN A 53 4.33 7.14 -1.77
C GLN A 53 3.43 5.90 -1.83
N ALA A 54 2.14 6.07 -1.46
CA ALA A 54 1.12 5.02 -1.60
C ALA A 54 0.91 4.71 -3.09
N GLY A 55 0.78 3.42 -3.42
CA GLY A 55 0.71 2.99 -4.82
C GLY A 55 2.08 3.06 -5.50
N GLY A 56 3.14 2.85 -4.69
CA GLY A 56 4.51 2.84 -5.17
C GLY A 56 5.43 2.11 -4.20
N ASP A 57 5.82 2.81 -3.12
CA ASP A 57 6.85 2.31 -2.16
C ASP A 57 6.21 1.98 -0.79
N ALA A 58 6.92 1.09 -0.06
CA ALA A 58 6.66 0.76 1.34
C ALA A 58 7.94 0.32 2.06
N THR A 59 8.96 -0.14 1.30
CA THR A 59 10.25 -0.61 1.87
C THR A 59 10.99 0.49 2.64
N GLU A 60 10.67 1.75 2.30
CA GLU A 60 11.13 2.92 3.06
C GLU A 60 9.91 3.56 3.76
N ASN A 61 8.82 3.77 2.99
CA ASN A 61 7.64 4.58 3.40
C ASN A 61 6.92 4.02 4.65
N PHE A 62 6.56 2.73 4.61
CA PHE A 62 5.72 2.06 5.64
C PHE A 62 6.38 2.12 7.05
N GLU A 63 7.72 2.32 7.06
CA GLU A 63 8.52 2.51 8.28
C GLU A 63 8.89 4.01 8.47
N ASP A 64 8.96 4.77 7.36
CA ASP A 64 9.39 6.19 7.36
C ASP A 64 8.33 7.04 8.06
N VAL A 65 7.09 6.93 7.57
CA VAL A 65 5.92 7.57 8.18
C VAL A 65 5.41 6.72 9.36
N GLY A 66 5.74 5.41 9.32
CA GLY A 66 5.30 4.43 10.31
C GLY A 66 6.03 4.57 11.65
N PHE A 67 5.43 4.00 12.71
CA PHE A 67 6.03 4.00 14.06
C PHE A 67 7.32 3.18 14.11
N SER A 68 8.11 3.39 15.17
CA SER A 68 9.45 2.79 15.34
C SER A 68 9.37 1.24 15.27
N THR A 69 8.60 0.65 16.20
CA THR A 69 8.37 -0.80 16.25
C THR A 69 7.03 -1.18 15.60
N ASP A 70 5.96 -0.41 15.93
CA ASP A 70 4.55 -0.76 15.61
C ASP A 70 4.33 -1.03 14.12
N ALA A 71 4.89 -0.16 13.27
CA ALA A 71 4.78 -0.29 11.80
C ALA A 71 5.21 -1.68 11.31
N ARG A 72 6.35 -2.12 11.84
CA ARG A 72 7.07 -3.30 11.36
C ARG A 72 6.32 -4.59 11.74
N GLU A 73 5.68 -4.58 12.92
CA GLU A 73 4.99 -5.77 13.50
C GLU A 73 3.49 -5.79 13.16
N LEU A 74 2.95 -4.62 12.79
CA LEU A 74 1.54 -4.47 12.34
C LEU A 74 1.42 -4.77 10.82
N SER A 75 2.57 -4.95 10.13
CA SER A 75 2.61 -5.28 8.69
C SER A 75 1.77 -6.55 8.39
N LYS A 76 1.99 -7.60 9.21
CA LYS A 76 1.26 -8.88 9.11
C LYS A 76 -0.24 -8.75 9.49
N LYS A 77 -0.57 -7.68 10.25
CA LYS A 77 -1.94 -7.40 10.72
C LYS A 77 -2.75 -6.76 9.58
N TYR A 78 -2.10 -5.86 8.82
CA TYR A 78 -2.76 -5.13 7.71
C TYR A 78 -2.60 -5.91 6.39
N ILE A 79 -2.89 -7.22 6.45
CA ILE A 79 -2.96 -8.08 5.26
C ILE A 79 -4.36 -7.88 4.59
N ILE A 80 -4.37 -7.12 3.49
CA ILE A 80 -5.59 -6.82 2.72
C ILE A 80 -5.63 -7.65 1.40
N GLY A 81 -4.52 -8.37 1.13
CA GLY A 81 -4.40 -9.24 -0.03
C GLY A 81 -2.97 -9.23 -0.54
N GLU A 82 -2.80 -9.48 -1.84
CA GLU A 82 -1.49 -9.39 -2.50
C GLU A 82 -1.60 -8.50 -3.73
N LEU A 83 -0.50 -7.79 -4.07
CA LEU A 83 -0.42 -6.97 -5.27
C LEU A 83 -0.23 -7.89 -6.50
N HIS A 84 -0.85 -7.48 -7.61
CA HIS A 84 -0.85 -8.20 -8.89
C HIS A 84 0.60 -8.33 -9.43
N PRO A 85 1.13 -9.59 -9.62
CA PRO A 85 2.55 -9.85 -10.01
C PRO A 85 3.12 -8.95 -11.14
N ASP A 86 2.27 -8.62 -12.13
CA ASP A 86 2.66 -7.81 -13.30
C ASP A 86 2.64 -6.31 -12.94
N ASP A 87 1.67 -5.90 -12.09
CA ASP A 87 1.40 -4.48 -11.79
C ASP A 87 2.50 -3.83 -10.94
N ARG A 88 3.14 -4.62 -10.06
CA ARG A 88 4.27 -4.13 -9.22
C ARG A 88 5.50 -3.81 -10.09
N SER A 89 5.56 -4.43 -11.27
CA SER A 89 6.56 -4.15 -12.30
C SER A 89 6.13 -2.97 -13.19
N LYS A 90 4.81 -2.89 -13.50
CA LYS A 90 4.22 -1.80 -14.33
C LYS A 90 4.54 -0.41 -13.76
N ILE A 91 4.07 -0.19 -12.53
CA ILE A 91 4.10 1.11 -11.85
C ILE A 91 5.13 1.03 -10.69
N ALA A 92 6.24 0.32 -10.98
CA ALA A 92 7.36 0.08 -10.03
C ALA A 92 7.95 1.41 -9.52
N LYS A 93 8.21 2.31 -10.49
CA LYS A 93 8.75 3.66 -10.23
C LYS A 93 8.52 4.54 -11.48
N PRO A 94 7.26 5.06 -11.67
CA PRO A 94 6.91 5.91 -12.83
C PRO A 94 7.24 7.41 -12.59
N SER A 95 7.07 8.21 -13.65
CA SER A 95 7.21 9.68 -13.59
C SER A 95 5.80 10.31 -13.59
N GLU A 96 5.75 11.65 -13.60
CA GLU A 96 4.50 12.42 -13.51
C GLU A 96 3.65 12.29 -14.80
N THR A 97 4.32 12.26 -15.96
CA THR A 97 3.65 12.13 -17.28
C THR A 97 3.72 10.66 -17.79
N LEU A 98 4.87 10.00 -17.56
CA LEU A 98 5.12 8.61 -18.03
C LEU A 98 5.77 7.81 -16.87
N ALA A 1 -6.77 -11.31 -11.17
CA ALA A 1 -7.73 -10.40 -10.52
C ALA A 1 -8.07 -10.91 -9.12
N GLU A 2 -8.83 -10.06 -8.37
CA GLU A 2 -9.32 -10.35 -6.99
C GLU A 2 -9.99 -11.73 -6.89
N GLN A 3 -9.56 -12.54 -5.92
CA GLN A 3 -10.13 -13.88 -5.67
C GLN A 3 -11.22 -13.76 -4.59
N SER A 4 -12.47 -14.13 -4.93
CA SER A 4 -13.62 -14.03 -4.02
C SER A 4 -13.75 -15.29 -3.13
N ASP A 5 -13.65 -16.46 -3.78
CA ASP A 5 -13.77 -17.76 -3.11
C ASP A 5 -12.48 -18.10 -2.37
N LYS A 6 -11.36 -17.90 -3.06
CA LYS A 6 -10.00 -18.06 -2.50
C LYS A 6 -9.68 -16.87 -1.57
N ASP A 7 -9.03 -17.17 -0.43
CA ASP A 7 -8.75 -16.21 0.65
C ASP A 7 -7.90 -15.01 0.17
N VAL A 8 -6.79 -15.30 -0.50
CA VAL A 8 -5.82 -14.26 -0.89
C VAL A 8 -6.36 -13.43 -2.08
N LYS A 9 -6.37 -12.10 -1.88
CA LYS A 9 -6.87 -11.12 -2.86
C LYS A 9 -5.71 -10.65 -3.75
N TYR A 10 -5.95 -10.50 -5.05
CA TYR A 10 -4.92 -10.09 -6.02
C TYR A 10 -5.12 -8.61 -6.40
N TYR A 11 -4.47 -7.70 -5.65
CA TYR A 11 -4.53 -6.27 -5.95
C TYR A 11 -3.60 -5.95 -7.10
N THR A 12 -4.08 -5.14 -8.03
CA THR A 12 -3.25 -4.55 -9.08
C THR A 12 -2.87 -3.13 -8.63
N LEU A 13 -1.63 -2.73 -8.89
CA LEU A 13 -1.10 -1.43 -8.50
C LEU A 13 -1.82 -0.29 -9.23
N GLU A 14 -2.48 -0.65 -10.36
CA GLU A 14 -3.29 0.24 -11.17
C GLU A 14 -4.60 0.65 -10.44
N GLU A 15 -5.15 -0.26 -9.59
CA GLU A 15 -6.31 0.07 -8.73
C GLU A 15 -5.90 1.02 -7.61
N ILE A 16 -4.67 0.82 -7.08
CA ILE A 16 -4.13 1.62 -5.99
C ILE A 16 -3.62 2.99 -6.51
N GLN A 17 -3.31 3.02 -7.83
CA GLN A 17 -2.90 4.23 -8.57
C GLN A 17 -4.03 5.30 -8.54
N LYS A 18 -5.26 4.85 -8.24
CA LYS A 18 -6.45 5.70 -8.07
C LYS A 18 -6.51 6.33 -6.65
N HIS A 19 -5.35 6.47 -5.97
CA HIS A 19 -5.23 7.01 -4.60
C HIS A 19 -5.47 8.55 -4.55
N LYS A 20 -6.74 8.95 -4.45
CA LYS A 20 -7.12 10.35 -4.18
C LYS A 20 -7.76 10.46 -2.79
N ASP A 21 -8.38 9.36 -2.36
CA ASP A 21 -9.01 9.22 -1.03
C ASP A 21 -8.17 8.30 -0.15
N SER A 22 -8.33 8.47 1.17
CA SER A 22 -7.68 7.64 2.20
C SER A 22 -8.16 6.16 2.13
N LYS A 23 -9.41 5.98 1.67
CA LYS A 23 -10.02 4.65 1.51
C LYS A 23 -9.48 3.90 0.26
N SER A 24 -8.84 4.65 -0.65
CA SER A 24 -8.15 4.09 -1.84
C SER A 24 -6.62 4.14 -1.66
N THR A 25 -6.17 4.18 -0.39
CA THR A 25 -4.75 4.30 -0.05
C THR A 25 -4.25 2.93 0.44
N TRP A 26 -3.45 2.26 -0.38
CA TRP A 26 -2.77 1.00 -0.03
C TRP A 26 -1.29 1.16 -0.44
N VAL A 27 -0.41 0.42 0.21
CA VAL A 27 1.03 0.41 -0.13
C VAL A 27 1.46 -1.02 -0.45
N ILE A 28 2.63 -1.17 -1.09
CA ILE A 28 3.15 -2.48 -1.48
C ILE A 28 4.57 -2.62 -0.98
N LEU A 29 4.87 -3.75 -0.33
CA LEU A 29 6.18 -4.02 0.23
C LEU A 29 7.21 -4.05 -0.90
N HIS A 30 6.90 -4.83 -1.95
CA HIS A 30 7.75 -4.96 -3.14
C HIS A 30 7.02 -5.80 -4.21
N HIS A 31 6.34 -6.86 -3.75
CA HIS A 31 5.57 -7.78 -4.61
C HIS A 31 4.21 -8.13 -3.96
N LYS A 32 4.05 -7.83 -2.66
CA LYS A 32 2.81 -8.06 -1.91
C LYS A 32 2.17 -6.71 -1.56
N VAL A 33 0.83 -6.67 -1.34
CA VAL A 33 0.11 -5.44 -0.98
C VAL A 33 -0.32 -5.51 0.50
N TYR A 34 -0.32 -4.34 1.15
CA TYR A 34 -0.77 -4.16 2.54
C TYR A 34 -1.71 -2.95 2.60
N ASP A 35 -2.66 -3.03 3.52
CA ASP A 35 -3.68 -2.01 3.73
C ASP A 35 -3.07 -0.81 4.44
N LEU A 36 -3.18 0.36 3.81
CA LEU A 36 -2.69 1.63 4.36
C LEU A 36 -3.91 2.47 4.83
N THR A 37 -5.10 2.16 4.26
CA THR A 37 -6.38 2.86 4.54
C THR A 37 -6.62 3.07 6.04
N LYS A 38 -6.36 2.02 6.82
CA LYS A 38 -6.54 2.02 8.28
C LYS A 38 -5.27 2.55 8.98
N PHE A 39 -4.09 2.18 8.43
CA PHE A 39 -2.77 2.48 9.02
C PHE A 39 -2.48 4.00 9.14
N LEU A 40 -3.07 4.80 8.24
CA LEU A 40 -2.87 6.27 8.25
C LEU A 40 -3.66 6.95 9.38
N GLU A 41 -4.76 6.29 9.82
CA GLU A 41 -5.61 6.75 10.93
C GLU A 41 -4.85 6.67 12.27
N GLU A 42 -3.85 5.75 12.32
CA GLU A 42 -2.94 5.61 13.47
C GLU A 42 -2.11 6.88 13.73
N PHE A 43 -1.85 7.70 12.70
CA PHE A 43 -1.06 8.94 12.84
C PHE A 43 -2.03 10.15 12.87
N PRO A 44 -1.86 11.10 13.85
CA PRO A 44 -2.62 12.37 13.87
C PRO A 44 -2.42 13.20 12.57
N GLY A 45 -3.38 13.04 11.64
CA GLY A 45 -3.34 13.69 10.34
C GLY A 45 -2.23 13.17 9.43
N GLY A 46 -1.89 11.88 9.61
CA GLY A 46 -0.75 11.27 8.91
C GLY A 46 -1.05 10.86 7.48
N GLU A 47 -2.31 11.05 7.05
CA GLU A 47 -2.75 10.78 5.67
C GLU A 47 -1.84 11.48 4.63
N GLU A 48 -1.49 12.73 4.90
CA GLU A 48 -0.73 13.58 3.94
C GLU A 48 0.68 13.04 3.60
N VAL A 49 1.33 12.38 4.57
CA VAL A 49 2.77 12.01 4.45
C VAL A 49 2.99 10.68 3.70
N LEU A 50 1.94 9.84 3.59
CA LEU A 50 2.05 8.47 3.03
C LEU A 50 1.16 8.24 1.79
N ARG A 51 0.03 9.00 1.68
CA ARG A 51 -0.96 8.85 0.58
C ARG A 51 -0.33 9.24 -0.77
N GLU A 52 0.72 10.06 -0.72
CA GLU A 52 1.54 10.42 -1.90
C GLU A 52 2.12 9.12 -2.54
N GLN A 53 2.78 8.29 -1.70
CA GLN A 53 3.41 7.01 -2.15
C GLN A 53 2.46 5.80 -2.00
N ALA A 54 1.14 6.06 -1.89
CA ALA A 54 0.12 5.01 -1.93
C ALA A 54 0.11 4.38 -3.33
N GLY A 55 0.43 3.08 -3.40
CA GLY A 55 0.63 2.41 -4.68
C GLY A 55 2.02 2.67 -5.23
N GLY A 56 3.01 2.62 -4.31
CA GLY A 56 4.40 2.84 -4.66
C GLY A 56 5.33 1.97 -3.84
N ASP A 57 5.46 2.27 -2.54
CA ASP A 57 6.47 1.61 -1.67
C ASP A 57 5.94 1.36 -0.25
N ALA A 58 6.59 0.40 0.46
CA ALA A 58 6.29 0.08 1.87
C ALA A 58 7.52 -0.50 2.58
N THR A 59 8.65 -0.74 1.87
CA THR A 59 9.92 -1.14 2.52
C THR A 59 10.42 0.04 3.37
N GLU A 60 10.51 1.21 2.72
CA GLU A 60 10.97 2.46 3.33
C GLU A 60 9.76 3.22 3.87
N ASN A 61 8.73 3.39 3.00
CA ASN A 61 7.55 4.26 3.25
C ASN A 61 6.79 3.87 4.52
N PHE A 62 6.22 2.63 4.54
CA PHE A 62 5.37 2.12 5.66
C PHE A 62 6.13 2.16 7.01
N GLU A 63 7.47 2.05 6.92
CA GLU A 63 8.37 2.07 8.09
C GLU A 63 8.69 3.53 8.51
N ASP A 64 8.90 4.39 7.49
CA ASP A 64 9.36 5.79 7.67
C ASP A 64 8.25 6.63 8.31
N VAL A 65 7.07 6.55 7.69
CA VAL A 65 5.87 7.20 8.19
C VAL A 65 5.33 6.46 9.43
N GLY A 66 5.65 5.14 9.49
CA GLY A 66 5.20 4.25 10.54
C GLY A 66 5.97 4.40 11.84
N PHE A 67 5.40 3.83 12.91
CA PHE A 67 6.03 3.84 14.23
C PHE A 67 7.27 2.94 14.25
N SER A 68 8.23 3.23 15.16
CA SER A 68 9.51 2.53 15.26
C SER A 68 9.33 0.99 15.36
N THR A 69 8.66 0.54 16.43
CA THR A 69 8.46 -0.90 16.70
C THR A 69 7.09 -1.37 16.15
N ASP A 70 6.06 -0.48 16.23
CA ASP A 70 4.67 -0.86 15.87
C ASP A 70 4.52 -1.15 14.37
N ALA A 71 5.10 -0.29 13.48
CA ALA A 71 4.97 -0.49 12.00
C ALA A 71 5.53 -1.85 11.53
N ARG A 72 6.44 -2.40 12.33
CA ARG A 72 7.09 -3.70 12.08
C ARG A 72 6.11 -4.87 12.34
N GLU A 73 5.25 -4.74 13.37
CA GLU A 73 4.21 -5.74 13.70
C GLU A 73 2.89 -5.43 12.95
N LEU A 74 2.73 -4.17 12.56
CA LEU A 74 1.52 -3.69 11.84
C LEU A 74 1.61 -4.07 10.36
N SER A 75 2.84 -4.23 9.83
CA SER A 75 3.08 -4.56 8.41
C SER A 75 2.24 -5.77 7.95
N LYS A 76 2.52 -6.94 8.56
CA LYS A 76 1.80 -8.20 8.22
C LYS A 76 0.35 -8.19 8.75
N LYS A 77 0.06 -7.32 9.74
CA LYS A 77 -1.30 -7.19 10.32
C LYS A 77 -2.30 -6.72 9.26
N TYR A 78 -1.83 -5.81 8.39
CA TYR A 78 -2.65 -5.24 7.31
C TYR A 78 -2.51 -6.07 6.03
N ILE A 79 -2.48 -7.41 6.16
CA ILE A 79 -2.44 -8.32 5.02
C ILE A 79 -3.81 -8.32 4.30
N ILE A 80 -3.92 -7.44 3.30
CA ILE A 80 -5.16 -7.28 2.51
C ILE A 80 -5.10 -8.12 1.22
N GLY A 81 -3.90 -8.67 0.92
CA GLY A 81 -3.70 -9.56 -0.23
C GLY A 81 -2.27 -9.55 -0.72
N GLU A 82 -2.11 -9.74 -2.03
CA GLU A 82 -0.82 -9.73 -2.75
C GLU A 82 -0.92 -8.80 -3.97
N LEU A 83 0.14 -8.05 -4.25
CA LEU A 83 0.20 -7.15 -5.41
C LEU A 83 0.54 -7.98 -6.66
N HIS A 84 -0.09 -7.61 -7.79
CA HIS A 84 -0.02 -8.32 -9.07
C HIS A 84 1.45 -8.35 -9.58
N PRO A 85 2.02 -9.57 -9.88
CA PRO A 85 3.46 -9.75 -10.24
C PRO A 85 3.94 -8.82 -11.39
N ASP A 86 3.02 -8.51 -12.30
CA ASP A 86 3.26 -7.53 -13.38
C ASP A 86 3.30 -6.10 -12.84
N ASP A 87 2.22 -5.73 -12.13
CA ASP A 87 1.92 -4.33 -11.74
C ASP A 87 2.99 -3.69 -10.84
N ARG A 88 3.70 -4.50 -10.03
CA ARG A 88 4.74 -3.98 -9.11
C ARG A 88 5.93 -3.37 -9.88
N SER A 89 6.28 -3.98 -11.02
CA SER A 89 7.38 -3.51 -11.89
C SER A 89 6.85 -2.49 -12.92
N LYS A 90 5.63 -2.75 -13.39
CA LYS A 90 4.86 -1.89 -14.32
C LYS A 90 4.73 -0.44 -13.82
N ILE A 91 4.31 -0.31 -12.54
CA ILE A 91 4.10 1.00 -11.88
C ILE A 91 5.05 1.10 -10.67
N ALA A 92 6.35 0.78 -10.90
CA ALA A 92 7.41 0.89 -9.88
C ALA A 92 7.47 2.33 -9.31
N LYS A 93 7.45 3.30 -10.22
CA LYS A 93 7.41 4.73 -9.92
C LYS A 93 6.84 5.47 -11.16
N PRO A 94 5.50 5.79 -11.17
CA PRO A 94 4.85 6.39 -12.35
C PRO A 94 5.31 7.85 -12.59
N SER A 95 6.02 8.06 -13.73
CA SER A 95 6.55 9.38 -14.13
C SER A 95 5.47 10.23 -14.85
N GLU A 96 4.18 9.87 -14.63
CA GLU A 96 3.01 10.58 -15.20
C GLU A 96 2.98 12.03 -14.66
N THR A 97 2.93 12.13 -13.33
CA THR A 97 2.88 13.42 -12.61
C THR A 97 4.30 13.92 -12.24
N LEU A 98 5.34 13.21 -12.75
CA LEU A 98 6.75 13.64 -12.64
C LEU A 98 7.21 14.16 -14.02
N ALA A 1 -11.19 -7.54 -10.04
CA ALA A 1 -12.17 -8.64 -10.07
C ALA A 1 -12.26 -9.31 -8.70
N GLU A 2 -13.35 -10.07 -8.49
CA GLU A 2 -13.55 -10.88 -7.28
C GLU A 2 -12.62 -12.12 -7.31
N GLN A 3 -11.96 -12.36 -6.18
CA GLN A 3 -11.06 -13.52 -5.98
C GLN A 3 -11.79 -14.59 -5.16
N SER A 4 -11.40 -15.85 -5.37
CA SER A 4 -12.00 -17.01 -4.71
C SER A 4 -11.56 -17.11 -3.25
N ASP A 5 -10.34 -16.63 -2.95
CA ASP A 5 -9.80 -16.62 -1.57
C ASP A 5 -9.73 -15.16 -1.08
N LYS A 6 -10.61 -14.80 -0.15
CA LYS A 6 -10.76 -13.40 0.34
C LYS A 6 -9.68 -12.99 1.36
N ASP A 7 -8.60 -13.79 1.46
CA ASP A 7 -7.37 -13.40 2.17
C ASP A 7 -6.27 -13.16 1.12
N VAL A 8 -6.21 -14.06 0.12
CA VAL A 8 -5.30 -13.93 -1.04
C VAL A 8 -5.97 -13.01 -2.08
N LYS A 9 -6.07 -11.72 -1.73
CA LYS A 9 -6.71 -10.70 -2.55
C LYS A 9 -5.66 -10.01 -3.42
N TYR A 10 -5.71 -10.27 -4.73
CA TYR A 10 -4.82 -9.64 -5.69
C TYR A 10 -5.28 -8.20 -5.93
N TYR A 11 -4.52 -7.25 -5.39
CA TYR A 11 -4.60 -5.85 -5.76
C TYR A 11 -3.61 -5.61 -6.88
N THR A 12 -4.01 -4.79 -7.85
CA THR A 12 -3.13 -4.29 -8.89
C THR A 12 -2.64 -2.92 -8.46
N LEU A 13 -1.42 -2.56 -8.85
CA LEU A 13 -0.83 -1.26 -8.51
C LEU A 13 -1.51 -0.14 -9.31
N GLU A 14 -2.03 -0.54 -10.48
CA GLU A 14 -2.96 0.26 -11.29
C GLU A 14 -4.26 0.60 -10.52
N GLU A 15 -4.75 -0.35 -9.69
CA GLU A 15 -5.96 -0.15 -8.84
C GLU A 15 -5.71 0.97 -7.82
N ILE A 16 -4.51 0.90 -7.22
CA ILE A 16 -4.11 1.79 -6.11
C ILE A 16 -3.66 3.18 -6.64
N GLN A 17 -3.58 3.33 -7.98
CA GLN A 17 -3.32 4.64 -8.65
C GLN A 17 -4.35 5.71 -8.21
N LYS A 18 -5.53 5.25 -7.77
CA LYS A 18 -6.60 6.10 -7.20
C LYS A 18 -6.33 6.48 -5.72
N HIS A 19 -5.03 6.58 -5.32
CA HIS A 19 -4.61 6.91 -3.94
C HIS A 19 -4.72 8.44 -3.66
N LYS A 20 -5.75 9.09 -4.19
CA LYS A 20 -6.06 10.50 -3.90
C LYS A 20 -6.80 10.58 -2.56
N ASP A 21 -7.63 9.56 -2.30
CA ASP A 21 -8.48 9.47 -1.11
C ASP A 21 -7.78 8.60 -0.06
N SER A 22 -8.16 8.78 1.22
CA SER A 22 -7.66 7.97 2.35
C SER A 22 -8.07 6.49 2.16
N LYS A 23 -9.29 6.28 1.62
CA LYS A 23 -9.91 4.94 1.50
C LYS A 23 -9.21 4.05 0.43
N SER A 24 -8.62 4.68 -0.61
CA SER A 24 -7.89 3.96 -1.67
C SER A 24 -6.37 4.12 -1.48
N THR A 25 -5.94 4.19 -0.20
CA THR A 25 -4.52 4.29 0.16
C THR A 25 -4.07 2.90 0.64
N TRP A 26 -3.28 2.22 -0.21
CA TRP A 26 -2.65 0.92 0.06
C TRP A 26 -1.19 1.01 -0.41
N VAL A 27 -0.25 0.46 0.36
CA VAL A 27 1.19 0.49 -0.01
C VAL A 27 1.69 -0.90 -0.37
N ILE A 28 2.77 -0.95 -1.18
CA ILE A 28 3.38 -2.21 -1.62
C ILE A 28 4.89 -2.13 -1.40
N LEU A 29 5.46 -3.19 -0.80
CA LEU A 29 6.91 -3.31 -0.62
C LEU A 29 7.57 -3.47 -1.99
N HIS A 30 7.10 -4.49 -2.74
CA HIS A 30 7.60 -4.80 -4.09
C HIS A 30 6.81 -5.95 -4.75
N HIS A 31 6.16 -6.79 -3.94
CA HIS A 31 5.44 -8.00 -4.45
C HIS A 31 4.09 -8.21 -3.75
N LYS A 32 3.91 -7.60 -2.55
CA LYS A 32 2.73 -7.81 -1.71
C LYS A 32 2.11 -6.45 -1.33
N VAL A 33 0.78 -6.42 -1.11
CA VAL A 33 0.05 -5.19 -0.75
C VAL A 33 -0.42 -5.28 0.73
N TYR A 34 -0.37 -4.13 1.41
CA TYR A 34 -0.86 -3.99 2.80
C TYR A 34 -1.86 -2.83 2.89
N ASP A 35 -2.83 -2.98 3.80
CA ASP A 35 -3.87 -1.99 4.07
C ASP A 35 -3.25 -0.75 4.73
N LEU A 36 -3.35 0.40 4.07
CA LEU A 36 -2.82 1.66 4.60
C LEU A 36 -3.96 2.61 5.04
N THR A 37 -5.17 2.39 4.50
CA THR A 37 -6.33 3.29 4.73
C THR A 37 -6.68 3.42 6.24
N LYS A 38 -6.43 2.36 7.02
CA LYS A 38 -6.65 2.36 8.48
C LYS A 38 -5.36 2.81 9.21
N PHE A 39 -4.20 2.42 8.62
CA PHE A 39 -2.86 2.69 9.19
C PHE A 39 -2.58 4.21 9.30
N LEU A 40 -3.14 5.01 8.37
CA LEU A 40 -2.98 6.47 8.36
C LEU A 40 -3.86 7.16 9.41
N GLU A 41 -4.95 6.47 9.80
CA GLU A 41 -5.90 6.96 10.82
C GLU A 41 -5.29 6.84 12.24
N GLU A 42 -4.28 5.97 12.38
CA GLU A 42 -3.52 5.80 13.63
C GLU A 42 -2.75 7.08 13.97
N PHE A 43 -2.21 7.73 12.93
CA PHE A 43 -1.49 9.00 13.06
C PHE A 43 -2.52 10.15 12.98
N PRO A 44 -2.37 11.24 13.81
CA PRO A 44 -3.28 12.43 13.77
C PRO A 44 -3.25 13.11 12.39
N GLY A 45 -4.18 12.69 11.51
CA GLY A 45 -4.24 13.17 10.12
C GLY A 45 -3.06 12.69 9.30
N GLY A 46 -2.69 11.41 9.48
CA GLY A 46 -1.47 10.85 8.91
C GLY A 46 -1.50 10.62 7.41
N GLU A 47 -2.66 10.86 6.76
CA GLU A 47 -2.86 10.69 5.31
C GLU A 47 -1.74 11.35 4.47
N GLU A 48 -1.55 12.67 4.67
CA GLU A 48 -0.67 13.52 3.81
C GLU A 48 0.77 12.98 3.64
N VAL A 49 1.34 12.38 4.70
CA VAL A 49 2.77 12.05 4.76
C VAL A 49 3.11 10.73 3.99
N LEU A 50 2.10 9.85 3.84
CA LEU A 50 2.30 8.47 3.30
C LEU A 50 1.51 8.21 2.00
N ARG A 51 0.41 8.98 1.82
CA ARG A 51 -0.56 8.78 0.72
C ARG A 51 0.09 9.00 -0.65
N GLU A 52 1.05 9.93 -0.67
CA GLU A 52 1.80 10.28 -1.89
C GLU A 52 2.61 9.07 -2.40
N GLN A 53 3.14 8.29 -1.45
CA GLN A 53 3.95 7.08 -1.71
C GLN A 53 3.10 5.79 -1.68
N ALA A 54 1.79 5.93 -1.38
CA ALA A 54 0.83 4.83 -1.57
C ALA A 54 0.68 4.55 -3.07
N GLY A 55 0.52 3.28 -3.42
CA GLY A 55 0.54 2.86 -4.83
C GLY A 55 1.92 2.97 -5.44
N GLY A 56 2.96 2.93 -4.58
CA GLY A 56 4.34 3.05 -5.01
C GLY A 56 5.30 2.38 -4.05
N ASP A 57 5.73 3.11 -3.01
CA ASP A 57 6.78 2.67 -2.06
C ASP A 57 6.16 2.20 -0.73
N ALA A 58 6.90 1.28 -0.08
CA ALA A 58 6.63 0.84 1.29
C ALA A 58 7.88 0.21 1.92
N THR A 59 8.91 -0.04 1.08
CA THR A 59 10.21 -0.58 1.53
C THR A 59 10.83 0.32 2.61
N GLU A 60 10.74 1.63 2.35
CA GLU A 60 11.24 2.67 3.26
C GLU A 60 10.05 3.36 3.94
N ASN A 61 9.04 3.74 3.14
CA ASN A 61 7.95 4.65 3.53
C ASN A 61 7.07 4.08 4.65
N PHE A 62 6.58 2.83 4.48
CA PHE A 62 5.63 2.19 5.43
C PHE A 62 6.14 2.22 6.90
N GLU A 63 7.45 2.06 7.06
CA GLU A 63 8.11 1.99 8.39
C GLU A 63 8.52 3.41 8.85
N ASP A 64 8.92 4.25 7.89
CA ASP A 64 9.39 5.64 8.14
C ASP A 64 8.26 6.52 8.69
N VAL A 65 7.13 6.55 7.97
CA VAL A 65 5.90 7.23 8.40
C VAL A 65 5.25 6.49 9.57
N GLY A 66 5.48 5.16 9.60
CA GLY A 66 4.93 4.27 10.61
C GLY A 66 5.62 4.41 11.96
N PHE A 67 4.97 3.88 13.01
CA PHE A 67 5.59 3.77 14.34
C PHE A 67 6.78 2.78 14.24
N SER A 68 7.90 3.12 14.90
CA SER A 68 9.19 2.41 14.73
C SER A 68 9.10 0.89 14.93
N THR A 69 8.49 0.46 16.04
CA THR A 69 8.26 -0.97 16.34
C THR A 69 6.96 -1.45 15.68
N ASP A 70 5.88 -0.66 15.89
CA ASP A 70 4.50 -1.07 15.60
C ASP A 70 4.27 -1.37 14.12
N ALA A 71 4.75 -0.50 13.21
CA ALA A 71 4.61 -0.67 11.74
C ALA A 71 5.11 -2.06 11.27
N ARG A 72 6.23 -2.50 11.86
CA ARG A 72 6.94 -3.72 11.47
C ARG A 72 6.12 -4.99 11.83
N GLU A 73 5.50 -4.98 13.02
CA GLU A 73 4.67 -6.10 13.52
C GLU A 73 3.21 -5.97 13.03
N LEU A 74 2.81 -4.73 12.67
CA LEU A 74 1.48 -4.43 12.12
C LEU A 74 1.45 -4.70 10.61
N SER A 75 2.63 -4.89 10.00
CA SER A 75 2.74 -5.24 8.57
C SER A 75 1.88 -6.50 8.29
N LYS A 76 2.17 -7.59 9.00
CA LYS A 76 1.43 -8.87 8.86
C LYS A 76 -0.03 -8.76 9.38
N LYS A 77 -0.34 -7.70 10.14
CA LYS A 77 -1.71 -7.42 10.64
C LYS A 77 -2.56 -6.83 9.52
N TYR A 78 -1.93 -5.96 8.70
CA TYR A 78 -2.59 -5.28 7.57
C TYR A 78 -2.44 -6.09 6.29
N ILE A 79 -2.39 -7.43 6.42
CA ILE A 79 -2.39 -8.33 5.27
C ILE A 79 -3.79 -8.30 4.63
N ILE A 80 -3.93 -7.41 3.64
CA ILE A 80 -5.18 -7.22 2.88
C ILE A 80 -5.16 -8.12 1.62
N GLY A 81 -3.94 -8.56 1.25
CA GLY A 81 -3.74 -9.46 0.11
C GLY A 81 -2.32 -9.36 -0.41
N GLU A 82 -2.15 -9.58 -1.72
CA GLU A 82 -0.86 -9.45 -2.40
C GLU A 82 -1.01 -8.61 -3.68
N LEU A 83 0.05 -7.86 -4.00
CA LEU A 83 0.14 -7.06 -5.22
C LEU A 83 0.41 -8.00 -6.39
N HIS A 84 -0.20 -7.71 -7.53
CA HIS A 84 -0.07 -8.51 -8.75
C HIS A 84 1.39 -8.48 -9.25
N PRO A 85 2.08 -9.67 -9.44
CA PRO A 85 3.54 -9.74 -9.83
C PRO A 85 3.86 -9.00 -11.15
N ASP A 86 2.82 -8.77 -11.95
CA ASP A 86 2.90 -8.05 -13.21
C ASP A 86 2.86 -6.52 -12.96
N ASP A 87 1.98 -6.07 -12.06
CA ASP A 87 1.68 -4.64 -11.85
C ASP A 87 2.80 -3.90 -11.11
N ARG A 88 3.52 -4.60 -10.26
CA ARG A 88 4.71 -4.05 -9.59
C ARG A 88 5.82 -3.76 -10.63
N SER A 89 5.80 -4.55 -11.73
CA SER A 89 6.74 -4.40 -12.86
C SER A 89 6.20 -3.39 -13.89
N LYS A 90 4.86 -3.18 -13.93
CA LYS A 90 4.22 -2.14 -14.76
C LYS A 90 4.60 -0.74 -14.24
N ILE A 91 4.07 -0.44 -13.03
CA ILE A 91 4.30 0.82 -12.34
C ILE A 91 5.41 0.58 -11.30
N ALA A 92 6.65 0.48 -11.80
CA ALA A 92 7.85 0.29 -10.93
C ALA A 92 8.11 1.56 -10.09
N LYS A 93 7.56 2.70 -10.58
CA LYS A 93 7.46 3.95 -9.83
C LYS A 93 6.35 4.81 -10.48
N PRO A 94 5.40 5.40 -9.68
CA PRO A 94 4.41 6.38 -10.18
C PRO A 94 5.12 7.62 -10.76
N SER A 95 5.11 7.70 -12.10
CA SER A 95 5.78 8.76 -12.86
C SER A 95 5.01 10.09 -12.73
N GLU A 96 5.76 11.20 -12.67
CA GLU A 96 5.17 12.55 -12.54
C GLU A 96 4.46 12.95 -13.84
N THR A 97 5.13 12.69 -14.98
CA THR A 97 4.61 13.01 -16.31
C THR A 97 3.56 11.96 -16.78
N LEU A 98 3.60 10.73 -16.20
CA LEU A 98 2.71 9.62 -16.58
C LEU A 98 1.96 9.12 -15.31
N ALA A 1 -11.90 -10.72 -10.56
CA ALA A 1 -10.78 -11.59 -10.15
C ALA A 1 -11.00 -12.08 -8.71
N GLU A 2 -11.72 -13.21 -8.58
CA GLU A 2 -12.00 -13.86 -7.30
C GLU A 2 -11.29 -15.20 -7.24
N GLN A 3 -10.04 -15.13 -6.78
CA GLN A 3 -9.14 -16.28 -6.56
C GLN A 3 -9.63 -17.14 -5.37
N SER A 4 -9.15 -18.41 -5.34
CA SER A 4 -9.47 -19.39 -4.27
C SER A 4 -9.02 -18.87 -2.89
N ASP A 5 -7.89 -18.12 -2.88
CA ASP A 5 -7.35 -17.46 -1.68
C ASP A 5 -8.01 -16.09 -1.53
N LYS A 6 -9.34 -16.10 -1.28
CA LYS A 6 -10.19 -14.90 -1.35
C LYS A 6 -9.78 -13.84 -0.29
N ASP A 7 -9.25 -14.32 0.85
CA ASP A 7 -8.72 -13.44 1.92
C ASP A 7 -7.51 -12.62 1.42
N VAL A 8 -6.63 -13.30 0.65
CA VAL A 8 -5.44 -12.68 0.05
C VAL A 8 -5.83 -12.13 -1.33
N LYS A 9 -6.23 -10.86 -1.35
CA LYS A 9 -6.83 -10.21 -2.51
C LYS A 9 -5.74 -9.71 -3.47
N TYR A 10 -5.87 -10.07 -4.76
CA TYR A 10 -4.95 -9.64 -5.82
C TYR A 10 -5.28 -8.19 -6.22
N TYR A 11 -4.65 -7.24 -5.51
CA TYR A 11 -4.78 -5.81 -5.84
C TYR A 11 -3.91 -5.47 -7.03
N THR A 12 -4.34 -4.46 -7.79
CA THR A 12 -3.57 -3.92 -8.90
C THR A 12 -3.06 -2.55 -8.50
N LEU A 13 -1.77 -2.29 -8.76
CA LEU A 13 -1.12 -1.01 -8.46
C LEU A 13 -1.74 0.13 -9.30
N GLU A 14 -2.44 -0.27 -10.40
CA GLU A 14 -3.32 0.60 -11.20
C GLU A 14 -4.38 1.28 -10.31
N GLU A 15 -5.13 0.46 -9.55
CA GLU A 15 -6.15 0.95 -8.59
C GLU A 15 -5.51 1.84 -7.52
N ILE A 16 -4.38 1.36 -6.98
CA ILE A 16 -3.72 1.98 -5.83
C ILE A 16 -3.07 3.32 -6.23
N GLN A 17 -2.72 3.45 -7.52
CA GLN A 17 -2.14 4.69 -8.10
C GLN A 17 -3.17 5.83 -8.05
N LYS A 18 -4.46 5.48 -8.21
CA LYS A 18 -5.58 6.45 -8.27
C LYS A 18 -6.11 6.83 -6.86
N HIS A 19 -5.19 6.87 -5.88
CA HIS A 19 -5.50 7.19 -4.48
C HIS A 19 -5.61 8.73 -4.27
N LYS A 20 -6.86 9.22 -4.29
CA LYS A 20 -7.21 10.58 -3.82
C LYS A 20 -7.83 10.47 -2.43
N ASP A 21 -8.66 9.43 -2.26
CA ASP A 21 -9.30 9.10 -0.98
C ASP A 21 -8.43 8.09 -0.24
N SER A 22 -8.37 8.24 1.09
CA SER A 22 -7.66 7.35 2.01
C SER A 22 -8.16 5.90 1.90
N LYS A 23 -9.48 5.75 1.58
CA LYS A 23 -10.15 4.44 1.48
C LYS A 23 -9.75 3.71 0.19
N SER A 24 -9.07 4.45 -0.71
CA SER A 24 -8.49 3.91 -1.97
C SER A 24 -6.95 3.98 -1.93
N THR A 25 -6.38 4.16 -0.72
CA THR A 25 -4.93 4.33 -0.52
C THR A 25 -4.35 3.07 0.12
N TRP A 26 -3.46 2.38 -0.61
CA TRP A 26 -2.73 1.18 -0.16
C TRP A 26 -1.23 1.35 -0.52
N VAL A 27 -0.39 0.45 0.00
CA VAL A 27 1.08 0.47 -0.25
C VAL A 27 1.62 -0.94 -0.51
N ILE A 28 2.76 -1.02 -1.23
CA ILE A 28 3.38 -2.30 -1.62
C ILE A 28 4.88 -2.31 -1.28
N LEU A 29 5.34 -3.36 -0.59
CA LEU A 29 6.76 -3.52 -0.20
C LEU A 29 7.60 -3.89 -1.44
N HIS A 30 7.00 -4.63 -2.37
CA HIS A 30 7.62 -5.00 -3.67
C HIS A 30 6.69 -5.90 -4.49
N HIS A 31 6.00 -6.82 -3.79
CA HIS A 31 5.23 -7.91 -4.40
C HIS A 31 3.83 -8.04 -3.76
N LYS A 32 3.75 -7.72 -2.46
CA LYS A 32 2.53 -7.90 -1.65
C LYS A 32 1.96 -6.51 -1.27
N VAL A 33 0.63 -6.43 -1.11
CA VAL A 33 -0.08 -5.17 -0.78
C VAL A 33 -0.59 -5.20 0.67
N TYR A 34 -0.48 -4.06 1.34
CA TYR A 34 -0.94 -3.85 2.71
C TYR A 34 -1.88 -2.65 2.76
N ASP A 35 -2.85 -2.75 3.68
CA ASP A 35 -3.87 -1.73 3.86
C ASP A 35 -3.23 -0.48 4.49
N LEU A 36 -3.23 0.60 3.72
CA LEU A 36 -2.69 1.90 4.13
C LEU A 36 -3.86 2.78 4.61
N THR A 37 -5.07 2.46 4.11
CA THR A 37 -6.35 3.12 4.44
C THR A 37 -6.50 3.43 5.95
N LYS A 38 -6.28 2.41 6.78
CA LYS A 38 -6.41 2.52 8.24
C LYS A 38 -5.03 2.78 8.87
N PHE A 39 -3.95 2.43 8.14
CA PHE A 39 -2.57 2.62 8.60
C PHE A 39 -2.21 4.13 8.70
N LEU A 40 -2.87 4.98 7.89
CA LEU A 40 -2.73 6.44 7.98
C LEU A 40 -3.59 7.01 9.13
N GLU A 41 -4.70 6.29 9.42
CA GLU A 41 -5.57 6.58 10.58
C GLU A 41 -4.89 6.17 11.90
N GLU A 42 -3.84 5.32 11.77
CA GLU A 42 -3.01 4.88 12.90
C GLU A 42 -2.14 6.05 13.41
N PHE A 43 -1.85 7.00 12.49
CA PHE A 43 -1.08 8.22 12.80
C PHE A 43 -2.06 9.38 13.11
N PRO A 44 -1.71 10.29 14.07
CA PRO A 44 -2.57 11.47 14.41
C PRO A 44 -2.56 12.51 13.28
N GLY A 45 -3.37 12.24 12.24
CA GLY A 45 -3.43 13.08 11.05
C GLY A 45 -2.20 12.88 10.16
N GLY A 46 -1.85 11.60 9.92
CA GLY A 46 -0.69 11.24 9.10
C GLY A 46 -1.10 10.71 7.73
N GLU A 47 -2.19 11.25 7.20
CA GLU A 47 -2.73 10.90 5.88
C GLU A 47 -1.84 11.49 4.75
N GLU A 48 -1.38 12.73 4.96
CA GLU A 48 -0.63 13.48 3.92
C GLU A 48 0.84 13.03 3.80
N VAL A 49 1.46 12.63 4.93
CA VAL A 49 2.91 12.32 5.00
C VAL A 49 3.31 11.11 4.11
N LEU A 50 2.36 10.19 3.91
CA LEU A 50 2.58 8.94 3.15
C LEU A 50 1.78 8.93 1.84
N ARG A 51 0.90 9.94 1.67
CA ARG A 51 -0.02 10.06 0.52
C ARG A 51 0.74 10.09 -0.82
N GLU A 52 1.89 10.80 -0.84
CA GLU A 52 2.74 10.93 -2.04
C GLU A 52 3.56 9.65 -2.29
N GLN A 53 3.85 8.91 -1.20
CA GLN A 53 4.67 7.68 -1.22
C GLN A 53 3.80 6.44 -1.50
N ALA A 54 2.48 6.55 -1.26
CA ALA A 54 1.52 5.45 -1.49
C ALA A 54 1.24 5.28 -2.99
N GLY A 55 0.67 4.12 -3.36
CA GLY A 55 0.45 3.80 -4.79
C GLY A 55 1.73 3.52 -5.55
N GLY A 56 2.79 3.14 -4.81
CA GLY A 56 4.09 2.86 -5.41
C GLY A 56 5.07 2.23 -4.42
N ASP A 57 5.24 2.86 -3.24
CA ASP A 57 6.28 2.45 -2.26
C ASP A 57 5.69 2.09 -0.89
N ALA A 58 6.38 1.16 -0.25
CA ALA A 58 6.25 0.83 1.17
C ALA A 58 7.58 0.29 1.69
N THR A 59 8.51 -0.01 0.77
CA THR A 59 9.82 -0.62 1.08
C THR A 59 10.62 0.27 2.05
N GLU A 60 10.48 1.59 1.82
CA GLU A 60 11.00 2.62 2.72
C GLU A 60 9.84 3.24 3.51
N ASN A 61 8.72 3.55 2.79
CA ASN A 61 7.57 4.31 3.33
C ASN A 61 6.96 3.69 4.60
N PHE A 62 6.61 2.39 4.53
CA PHE A 62 5.86 1.67 5.61
C PHE A 62 6.63 1.68 6.96
N GLU A 63 7.96 1.87 6.88
CA GLU A 63 8.86 1.93 8.06
C GLU A 63 9.29 3.39 8.35
N ASP A 64 9.28 4.24 7.30
CA ASP A 64 9.66 5.67 7.38
C ASP A 64 8.58 6.46 8.13
N VAL A 65 7.36 6.44 7.57
CA VAL A 65 6.17 7.07 8.19
C VAL A 65 5.65 6.19 9.33
N GLY A 66 5.87 4.87 9.17
CA GLY A 66 5.40 3.88 10.11
C GLY A 66 6.13 3.92 11.44
N PHE A 67 5.40 3.63 12.53
CA PHE A 67 5.98 3.55 13.88
C PHE A 67 7.06 2.44 13.93
N SER A 68 8.20 2.77 14.54
CA SER A 68 9.39 1.90 14.61
C SER A 68 9.10 0.55 15.32
N THR A 69 8.13 0.58 16.25
CA THR A 69 7.67 -0.61 16.98
C THR A 69 6.40 -1.17 16.32
N ASP A 70 5.34 -0.33 16.26
CA ASP A 70 3.98 -0.74 15.87
C ASP A 70 3.92 -1.24 14.42
N ALA A 71 4.27 -0.35 13.47
CA ALA A 71 4.11 -0.58 12.01
C ALA A 71 4.64 -1.93 11.56
N ARG A 72 5.84 -2.26 12.08
CA ARG A 72 6.60 -3.44 11.67
C ARG A 72 5.91 -4.74 12.13
N GLU A 73 5.26 -4.70 13.31
CA GLU A 73 4.48 -5.84 13.85
C GLU A 73 2.98 -5.71 13.47
N LEU A 74 2.61 -4.57 12.85
CA LEU A 74 1.22 -4.30 12.40
C LEU A 74 1.04 -4.69 10.92
N SER A 75 2.13 -4.99 10.20
CA SER A 75 2.08 -5.45 8.80
C SER A 75 1.19 -6.69 8.67
N LYS A 76 1.40 -7.66 9.59
CA LYS A 76 0.62 -8.91 9.68
C LYS A 76 -0.89 -8.63 9.91
N LYS A 77 -1.19 -7.46 10.49
CA LYS A 77 -2.55 -7.02 10.80
C LYS A 77 -3.21 -6.39 9.56
N TYR A 78 -2.41 -5.63 8.80
CA TYR A 78 -2.88 -4.91 7.59
C TYR A 78 -2.70 -5.75 6.31
N ILE A 79 -2.72 -7.09 6.45
CA ILE A 79 -2.67 -8.00 5.29
C ILE A 79 -4.02 -7.94 4.53
N ILE A 80 -4.11 -7.02 3.55
CA ILE A 80 -5.33 -6.86 2.73
C ILE A 80 -5.26 -7.79 1.49
N GLY A 81 -4.04 -8.27 1.18
CA GLY A 81 -3.81 -9.25 0.13
C GLY A 81 -2.41 -9.20 -0.43
N GLU A 82 -2.28 -9.57 -1.70
CA GLU A 82 -1.01 -9.50 -2.45
C GLU A 82 -1.21 -8.61 -3.67
N LEU A 83 -0.18 -7.83 -4.02
CA LEU A 83 -0.18 -7.02 -5.24
C LEU A 83 0.02 -7.96 -6.43
N HIS A 84 -0.63 -7.60 -7.54
CA HIS A 84 -0.62 -8.36 -8.79
C HIS A 84 0.84 -8.47 -9.29
N PRO A 85 1.39 -9.72 -9.50
CA PRO A 85 2.85 -9.93 -9.79
C PRO A 85 3.33 -9.22 -11.07
N ASP A 86 2.37 -8.76 -11.90
CA ASP A 86 2.65 -7.89 -13.06
C ASP A 86 2.73 -6.41 -12.62
N ASP A 87 1.66 -5.95 -11.92
CA ASP A 87 1.44 -4.52 -11.60
C ASP A 87 2.56 -3.88 -10.77
N ARG A 88 3.26 -4.71 -9.96
CA ARG A 88 4.35 -4.25 -9.08
C ARG A 88 5.58 -3.79 -9.90
N SER A 89 5.72 -4.35 -11.11
CA SER A 89 6.80 -4.00 -12.06
C SER A 89 6.28 -2.95 -13.06
N LYS A 90 5.00 -3.11 -13.43
CA LYS A 90 4.26 -2.26 -14.38
C LYS A 90 4.24 -0.79 -13.93
N ILE A 91 3.86 -0.57 -12.65
CA ILE A 91 3.76 0.78 -12.03
C ILE A 91 4.69 0.84 -10.78
N ALA A 92 5.87 0.16 -10.90
CA ALA A 92 6.95 0.24 -9.88
C ALA A 92 7.33 1.72 -9.67
N LYS A 93 7.40 2.44 -10.80
CA LYS A 93 7.62 3.88 -10.87
C LYS A 93 7.00 4.41 -12.19
N PRO A 94 5.84 5.16 -12.12
CA PRO A 94 5.26 5.83 -13.31
C PRO A 94 6.27 6.82 -13.94
N SER A 95 6.71 6.50 -15.18
CA SER A 95 7.86 7.15 -15.82
C SER A 95 7.61 7.35 -17.34
N GLU A 96 8.67 7.20 -18.18
CA GLU A 96 8.65 7.43 -19.64
C GLU A 96 7.47 6.72 -20.37
N THR A 97 7.23 5.44 -20.03
CA THR A 97 6.24 4.59 -20.72
C THR A 97 5.53 3.66 -19.71
N LEU A 98 6.09 3.57 -18.50
CA LEU A 98 5.52 2.81 -17.39
C LEU A 98 4.28 3.55 -16.87
N ALA A 1 -11.67 -9.78 -13.21
CA ALA A 1 -10.72 -10.91 -13.17
C ALA A 1 -11.01 -11.77 -11.94
N GLU A 2 -11.89 -12.77 -12.12
CA GLU A 2 -12.25 -13.71 -11.05
C GLU A 2 -11.08 -14.70 -10.83
N GLN A 3 -10.21 -14.38 -9.86
CA GLN A 3 -9.07 -15.24 -9.48
C GLN A 3 -9.58 -16.34 -8.51
N SER A 4 -9.09 -17.57 -8.70
CA SER A 4 -9.44 -18.72 -7.83
C SER A 4 -8.97 -18.47 -6.37
N ASP A 5 -7.86 -17.73 -6.25
CA ASP A 5 -7.38 -17.23 -4.97
C ASP A 5 -8.25 -16.02 -4.55
N LYS A 6 -9.40 -16.33 -3.95
CA LYS A 6 -10.35 -15.34 -3.42
C LYS A 6 -9.91 -14.93 -2.01
N ASP A 7 -9.41 -15.92 -1.25
CA ASP A 7 -8.65 -15.69 -0.01
C ASP A 7 -7.26 -15.15 -0.43
N VAL A 8 -6.78 -14.09 0.25
CA VAL A 8 -5.63 -13.28 -0.18
C VAL A 8 -5.97 -12.58 -1.52
N LYS A 9 -6.39 -11.30 -1.41
CA LYS A 9 -6.99 -10.55 -2.51
C LYS A 9 -5.93 -9.96 -3.44
N TYR A 10 -6.06 -10.24 -4.75
CA TYR A 10 -5.20 -9.66 -5.78
C TYR A 10 -5.62 -8.22 -6.08
N TYR A 11 -4.92 -7.28 -5.44
CA TYR A 11 -5.01 -5.86 -5.78
C TYR A 11 -4.12 -5.57 -6.99
N THR A 12 -4.47 -4.56 -7.76
CA THR A 12 -3.61 -4.07 -8.85
C THR A 12 -3.01 -2.75 -8.40
N LEU A 13 -1.76 -2.47 -8.80
CA LEU A 13 -1.06 -1.24 -8.44
C LEU A 13 -1.66 -0.04 -9.20
N GLU A 14 -2.34 -0.37 -10.31
CA GLU A 14 -3.26 0.52 -11.04
C GLU A 14 -4.38 1.02 -10.12
N GLU A 15 -5.00 0.06 -9.39
CA GLU A 15 -6.13 0.33 -8.49
C GLU A 15 -5.70 1.27 -7.33
N ILE A 16 -4.45 1.08 -6.86
CA ILE A 16 -3.89 1.83 -5.73
C ILE A 16 -3.32 3.19 -6.18
N GLN A 17 -2.89 3.28 -7.47
CA GLN A 17 -2.36 4.54 -8.07
C GLN A 17 -3.39 5.68 -7.91
N LYS A 18 -4.66 5.28 -8.02
CA LYS A 18 -5.79 6.14 -7.67
C LYS A 18 -5.97 6.10 -6.14
N HIS A 19 -5.52 7.17 -5.45
CA HIS A 19 -5.58 7.26 -3.97
C HIS A 19 -5.72 8.73 -3.52
N LYS A 20 -6.64 9.45 -4.19
CA LYS A 20 -7.04 10.82 -3.80
C LYS A 20 -7.78 10.81 -2.44
N ASP A 21 -8.35 9.65 -2.12
CA ASP A 21 -9.07 9.40 -0.88
C ASP A 21 -8.24 8.44 -0.03
N SER A 22 -8.31 8.61 1.28
CA SER A 22 -7.59 7.78 2.27
C SER A 22 -8.12 6.33 2.26
N LYS A 23 -9.40 6.17 1.88
CA LYS A 23 -10.07 4.86 1.77
C LYS A 23 -9.53 4.06 0.56
N SER A 24 -8.86 4.77 -0.35
CA SER A 24 -8.33 4.20 -1.59
C SER A 24 -6.79 4.11 -1.53
N THR A 25 -6.24 4.19 -0.30
CA THR A 25 -4.79 4.27 -0.09
C THR A 25 -4.26 2.95 0.48
N TRP A 26 -3.40 2.27 -0.30
CA TRP A 26 -2.71 1.03 0.10
C TRP A 26 -1.22 1.17 -0.30
N VAL A 27 -0.39 0.24 0.16
CA VAL A 27 1.06 0.21 -0.17
C VAL A 27 1.53 -1.24 -0.38
N ILE A 28 2.70 -1.40 -1.04
CA ILE A 28 3.27 -2.74 -1.31
C ILE A 28 4.75 -2.75 -0.92
N LEU A 29 5.22 -3.88 -0.38
CA LEU A 29 6.63 -4.08 -0.03
C LEU A 29 7.45 -4.39 -1.30
N HIS A 30 6.84 -5.18 -2.21
CA HIS A 30 7.45 -5.54 -3.51
C HIS A 30 6.43 -6.24 -4.41
N HIS A 31 5.84 -7.34 -3.90
CA HIS A 31 4.84 -8.15 -4.63
C HIS A 31 3.50 -8.23 -3.86
N LYS A 32 3.53 -8.10 -2.53
CA LYS A 32 2.32 -8.24 -1.69
C LYS A 32 1.82 -6.87 -1.22
N VAL A 33 0.47 -6.73 -1.08
CA VAL A 33 -0.17 -5.45 -0.73
C VAL A 33 -0.68 -5.52 0.71
N TYR A 34 -0.54 -4.41 1.42
CA TYR A 34 -1.00 -4.27 2.80
C TYR A 34 -1.82 -2.99 2.91
N ASP A 35 -2.79 -3.02 3.83
CA ASP A 35 -3.74 -1.95 4.04
C ASP A 35 -3.05 -0.73 4.65
N LEU A 36 -3.22 0.41 4.01
CA LEU A 36 -2.66 1.69 4.48
C LEU A 36 -3.81 2.59 4.98
N THR A 37 -5.04 2.32 4.48
CA THR A 37 -6.27 3.09 4.78
C THR A 37 -6.46 3.31 6.31
N LYS A 38 -6.33 2.23 7.07
CA LYS A 38 -6.48 2.24 8.53
C LYS A 38 -5.16 2.71 9.20
N PHE A 39 -4.04 2.44 8.53
CA PHE A 39 -2.69 2.72 9.06
C PHE A 39 -2.39 4.23 9.12
N LEU A 40 -2.96 5.01 8.19
CA LEU A 40 -2.77 6.47 8.15
C LEU A 40 -3.65 7.16 9.21
N GLU A 41 -4.74 6.47 9.58
CA GLU A 41 -5.67 6.91 10.64
C GLU A 41 -5.05 6.75 12.03
N GLU A 42 -4.02 5.89 12.13
CA GLU A 42 -3.26 5.70 13.37
C GLU A 42 -2.46 6.96 13.75
N PHE A 43 -2.11 7.75 12.74
CA PHE A 43 -1.41 9.04 12.93
C PHE A 43 -2.46 10.18 12.82
N PRO A 44 -2.51 11.13 13.81
CA PRO A 44 -3.40 12.32 13.73
C PRO A 44 -3.08 13.19 12.49
N GLY A 45 -3.89 13.01 11.43
CA GLY A 45 -3.69 13.72 10.16
C GLY A 45 -2.49 13.20 9.37
N GLY A 46 -2.13 11.92 9.59
CA GLY A 46 -0.93 11.33 8.99
C GLY A 46 -1.12 10.83 7.57
N GLU A 47 -2.22 11.22 6.92
CA GLU A 47 -2.48 10.90 5.52
C GLU A 47 -1.51 11.66 4.60
N GLU A 48 -1.26 12.93 4.93
CA GLU A 48 -0.40 13.83 4.13
C GLU A 48 1.04 13.31 3.92
N VAL A 49 1.62 12.68 4.95
CA VAL A 49 3.06 12.33 4.98
C VAL A 49 3.39 11.09 4.10
N LEU A 50 2.39 10.22 3.89
CA LEU A 50 2.55 8.94 3.15
C LEU A 50 1.83 8.96 1.80
N ARG A 51 1.02 10.01 1.58
CA ARG A 51 0.25 10.28 0.34
C ARG A 51 1.09 10.08 -0.95
N GLU A 52 2.35 10.55 -0.91
CA GLU A 52 3.25 10.53 -2.07
C GLU A 52 3.69 9.10 -2.44
N GLN A 53 4.22 8.37 -1.43
CA GLN A 53 4.74 6.99 -1.60
C GLN A 53 3.60 5.96 -1.66
N ALA A 54 2.38 6.38 -1.27
CA ALA A 54 1.17 5.55 -1.40
C ALA A 54 0.90 5.30 -2.90
N GLY A 55 0.39 4.10 -3.21
CA GLY A 55 0.31 3.65 -4.60
C GLY A 55 1.61 3.00 -5.06
N GLY A 56 2.53 2.72 -4.10
CA GLY A 56 3.81 2.10 -4.39
C GLY A 56 4.58 1.71 -3.13
N ASP A 57 5.52 2.58 -2.68
CA ASP A 57 6.54 2.23 -1.66
C ASP A 57 5.94 1.95 -0.27
N ALA A 58 6.57 1.00 0.44
CA ALA A 58 6.22 0.61 1.82
C ALA A 58 7.47 0.21 2.60
N THR A 59 8.49 -0.29 1.88
CA THR A 59 9.75 -0.78 2.51
C THR A 59 10.42 0.33 3.34
N GLU A 60 10.42 1.55 2.80
CA GLU A 60 10.93 2.72 3.50
C GLU A 60 9.75 3.48 4.16
N ASN A 61 8.68 3.70 3.37
CA ASN A 61 7.53 4.54 3.76
C ASN A 61 6.78 4.02 5.00
N PHE A 62 6.21 2.80 4.92
CA PHE A 62 5.31 2.20 5.96
C PHE A 62 5.96 2.24 7.36
N GLU A 63 7.31 2.19 7.40
CA GLU A 63 8.11 2.24 8.64
C GLU A 63 8.46 3.70 9.01
N ASP A 64 8.91 4.48 8.01
CA ASP A 64 9.45 5.86 8.19
C ASP A 64 8.37 6.80 8.72
N VAL A 65 7.26 6.84 7.98
CA VAL A 65 6.07 7.63 8.34
C VAL A 65 5.27 6.91 9.45
N GLY A 66 5.55 5.60 9.58
CA GLY A 66 4.94 4.76 10.60
C GLY A 66 5.65 4.86 11.94
N PHE A 67 5.14 4.14 12.93
CA PHE A 67 5.78 4.01 14.24
C PHE A 67 7.01 3.09 14.08
N SER A 68 8.18 3.50 14.61
CA SER A 68 9.48 2.83 14.34
C SER A 68 9.46 1.32 14.64
N THR A 69 8.81 0.92 15.73
CA THR A 69 8.68 -0.49 16.12
C THR A 69 7.35 -1.10 15.61
N ASP A 70 6.23 -0.40 15.91
CA ASP A 70 4.86 -0.89 15.66
C ASP A 70 4.63 -1.18 14.17
N ALA A 71 5.05 -0.25 13.29
CA ALA A 71 4.83 -0.37 11.82
C ALA A 71 5.44 -1.67 11.25
N ARG A 72 6.58 -2.08 11.81
CA ARG A 72 7.34 -3.25 11.34
C ARG A 72 6.59 -4.56 11.64
N GLU A 73 5.82 -4.58 12.75
CA GLU A 73 4.97 -5.73 13.14
C GLU A 73 3.50 -5.53 12.70
N LEU A 74 3.14 -4.28 12.34
CA LEU A 74 1.81 -3.94 11.79
C LEU A 74 1.76 -4.25 10.29
N SER A 75 2.93 -4.49 9.67
CA SER A 75 3.03 -4.91 8.27
C SER A 75 2.12 -6.14 8.02
N LYS A 76 2.42 -7.26 8.72
CA LYS A 76 1.66 -8.52 8.59
C LYS A 76 0.24 -8.42 9.20
N LYS A 77 0.02 -7.44 10.11
CA LYS A 77 -1.30 -7.24 10.77
C LYS A 77 -2.31 -6.71 9.75
N TYR A 78 -1.83 -5.84 8.86
CA TYR A 78 -2.67 -5.20 7.83
C TYR A 78 -2.68 -6.02 6.53
N ILE A 79 -2.62 -7.36 6.64
CA ILE A 79 -2.67 -8.25 5.46
C ILE A 79 -4.09 -8.23 4.85
N ILE A 80 -4.20 -7.54 3.70
CA ILE A 80 -5.46 -7.39 2.95
C ILE A 80 -5.45 -8.30 1.72
N GLY A 81 -4.23 -8.67 1.27
CA GLY A 81 -4.05 -9.60 0.16
C GLY A 81 -2.65 -9.49 -0.43
N GLU A 82 -2.49 -9.83 -1.70
CA GLU A 82 -1.21 -9.63 -2.42
C GLU A 82 -1.44 -8.77 -3.67
N LEU A 83 -0.41 -8.01 -4.07
CA LEU A 83 -0.45 -7.20 -5.29
C LEU A 83 -0.25 -8.15 -6.50
N HIS A 84 -0.89 -7.80 -7.62
CA HIS A 84 -0.89 -8.58 -8.85
C HIS A 84 0.57 -8.66 -9.38
N PRO A 85 1.13 -9.89 -9.60
CA PRO A 85 2.56 -10.10 -9.94
C PRO A 85 3.04 -9.24 -11.13
N ASP A 86 2.12 -9.02 -12.09
CA ASP A 86 2.39 -8.20 -13.29
C ASP A 86 2.39 -6.70 -12.98
N ASP A 87 1.44 -6.27 -12.13
CA ASP A 87 1.18 -4.85 -11.82
C ASP A 87 2.31 -4.18 -10.99
N ARG A 88 2.91 -4.95 -10.07
CA ARG A 88 4.03 -4.44 -9.24
C ARG A 88 5.29 -4.20 -10.09
N SER A 89 5.32 -4.85 -11.25
CA SER A 89 6.37 -4.66 -12.27
C SER A 89 5.96 -3.55 -13.27
N LYS A 90 4.63 -3.43 -13.56
CA LYS A 90 4.06 -2.38 -14.45
C LYS A 90 4.40 -0.98 -13.95
N ILE A 91 3.76 -0.60 -12.83
CA ILE A 91 3.85 0.74 -12.23
C ILE A 91 4.84 0.65 -11.05
N ALA A 92 6.06 0.15 -11.33
CA ALA A 92 7.12 0.01 -10.32
C ALA A 92 7.42 1.37 -9.64
N LYS A 93 7.17 2.46 -10.40
CA LYS A 93 7.16 3.84 -9.90
C LYS A 93 6.49 4.77 -10.95
N PRO A 94 5.44 5.57 -10.57
CA PRO A 94 4.88 6.63 -11.43
C PRO A 94 5.69 7.93 -11.30
N SER A 95 5.31 8.95 -12.07
CA SER A 95 5.95 10.27 -12.06
C SER A 95 4.92 11.37 -12.33
N GLU A 96 5.38 12.59 -12.53
CA GLU A 96 4.54 13.74 -12.89
C GLU A 96 4.15 13.66 -14.37
N THR A 97 5.15 13.37 -15.23
CA THR A 97 4.93 13.18 -16.68
C THR A 97 4.21 11.85 -16.95
N LEU A 98 4.54 10.82 -16.13
CA LEU A 98 3.97 9.49 -16.24
C LEU A 98 2.77 9.38 -15.25
N ALA A 1 -11.74 -6.37 -9.29
CA ALA A 1 -11.61 -5.69 -7.98
C ALA A 1 -12.37 -6.51 -6.91
N GLU A 2 -13.67 -6.75 -7.16
CA GLU A 2 -14.56 -7.47 -6.24
C GLU A 2 -14.68 -8.96 -6.66
N GLN A 3 -13.59 -9.72 -6.45
CA GLN A 3 -13.52 -11.16 -6.80
C GLN A 3 -14.04 -12.03 -5.64
N SER A 4 -14.13 -13.35 -5.89
CA SER A 4 -14.51 -14.35 -4.88
C SER A 4 -13.44 -14.50 -3.78
N ASP A 5 -12.16 -14.22 -4.13
CA ASP A 5 -11.03 -14.25 -3.19
C ASP A 5 -11.12 -13.04 -2.22
N LYS A 6 -11.87 -13.24 -1.13
CA LYS A 6 -12.09 -12.25 -0.06
C LYS A 6 -10.77 -12.03 0.72
N ASP A 7 -10.19 -13.16 1.16
CA ASP A 7 -8.92 -13.19 1.90
C ASP A 7 -7.77 -13.35 0.92
N VAL A 8 -6.69 -12.57 1.13
CA VAL A 8 -5.53 -12.49 0.22
C VAL A 8 -6.00 -12.13 -1.21
N LYS A 9 -6.27 -10.83 -1.41
CA LYS A 9 -6.76 -10.30 -2.68
C LYS A 9 -5.58 -9.92 -3.59
N TYR A 10 -5.69 -10.25 -4.89
CA TYR A 10 -4.73 -9.74 -5.90
C TYR A 10 -5.09 -8.29 -6.22
N TYR A 11 -4.42 -7.36 -5.52
CA TYR A 11 -4.58 -5.93 -5.78
C TYR A 11 -3.76 -5.53 -7.00
N THR A 12 -4.29 -4.60 -7.78
CA THR A 12 -3.57 -4.01 -8.90
C THR A 12 -3.01 -2.66 -8.45
N LEU A 13 -1.70 -2.45 -8.67
CA LEU A 13 -0.98 -1.25 -8.24
C LEU A 13 -1.54 0.03 -8.93
N GLU A 14 -2.16 -0.20 -10.10
CA GLU A 14 -2.84 0.84 -10.89
C GLU A 14 -4.06 1.41 -10.12
N GLU A 15 -4.83 0.52 -9.44
CA GLU A 15 -5.95 0.93 -8.55
C GLU A 15 -5.44 1.71 -7.32
N ILE A 16 -4.26 1.32 -6.84
CA ILE A 16 -3.64 1.91 -5.64
C ILE A 16 -3.03 3.29 -5.96
N GLN A 17 -2.70 3.50 -7.25
CA GLN A 17 -2.25 4.80 -7.78
C GLN A 17 -3.36 5.87 -7.61
N LYS A 18 -4.63 5.41 -7.51
CA LYS A 18 -5.82 6.25 -7.21
C LYS A 18 -5.94 6.48 -5.66
N HIS A 19 -4.81 6.79 -5.02
CA HIS A 19 -4.71 6.93 -3.53
C HIS A 19 -5.27 8.28 -3.01
N LYS A 20 -6.15 8.94 -3.81
CA LYS A 20 -6.75 10.24 -3.46
C LYS A 20 -7.68 10.12 -2.24
N ASP A 21 -8.26 8.93 -2.09
CA ASP A 21 -9.08 8.57 -0.94
C ASP A 21 -8.24 7.77 0.05
N SER A 22 -8.49 7.98 1.35
CA SER A 22 -7.89 7.16 2.42
C SER A 22 -8.24 5.67 2.23
N LYS A 23 -9.46 5.44 1.71
CA LYS A 23 -9.99 4.08 1.47
C LYS A 23 -9.38 3.43 0.21
N SER A 24 -8.69 4.24 -0.60
CA SER A 24 -8.01 3.77 -1.82
C SER A 24 -6.47 3.89 -1.68
N THR A 25 -5.99 4.00 -0.43
CA THR A 25 -4.55 4.14 -0.13
C THR A 25 -4.04 2.79 0.42
N TRP A 26 -3.10 2.17 -0.32
CA TRP A 26 -2.44 0.91 0.05
C TRP A 26 -0.94 1.04 -0.32
N VAL A 27 -0.09 0.18 0.23
CA VAL A 27 1.36 0.20 -0.03
C VAL A 27 1.88 -1.19 -0.40
N ILE A 28 2.98 -1.24 -1.18
CA ILE A 28 3.59 -2.50 -1.61
C ILE A 28 5.09 -2.45 -1.30
N LEU A 29 5.60 -3.52 -0.66
CA LEU A 29 7.03 -3.62 -0.29
C LEU A 29 7.86 -3.74 -1.58
N HIS A 30 7.40 -4.62 -2.47
CA HIS A 30 8.04 -4.87 -3.77
C HIS A 30 7.15 -5.78 -4.66
N HIS A 31 6.41 -6.72 -4.03
CA HIS A 31 5.61 -7.75 -4.76
C HIS A 31 4.23 -8.00 -4.09
N LYS A 32 4.11 -7.68 -2.79
CA LYS A 32 2.90 -7.97 -1.98
C LYS A 32 2.28 -6.65 -1.49
N VAL A 33 0.93 -6.63 -1.28
CA VAL A 33 0.20 -5.42 -0.87
C VAL A 33 -0.25 -5.55 0.59
N TYR A 34 -0.14 -4.45 1.33
CA TYR A 34 -0.64 -4.33 2.70
C TYR A 34 -1.58 -3.13 2.77
N ASP A 35 -2.55 -3.23 3.67
CA ASP A 35 -3.62 -2.26 3.80
C ASP A 35 -3.10 -1.00 4.50
N LEU A 36 -3.13 0.13 3.80
CA LEU A 36 -2.72 1.42 4.38
C LEU A 36 -3.99 2.22 4.75
N THR A 37 -5.14 1.82 4.15
CA THR A 37 -6.47 2.42 4.39
C THR A 37 -6.75 2.61 5.89
N LYS A 38 -6.46 1.56 6.67
CA LYS A 38 -6.68 1.53 8.12
C LYS A 38 -5.44 2.11 8.86
N PHE A 39 -4.23 1.86 8.30
CA PHE A 39 -2.94 2.27 8.94
C PHE A 39 -2.78 3.80 9.07
N LEU A 40 -3.36 4.55 8.12
CA LEU A 40 -3.28 6.02 8.13
C LEU A 40 -4.24 6.63 9.17
N GLU A 41 -5.23 5.82 9.62
CA GLU A 41 -6.16 6.22 10.69
C GLU A 41 -5.45 6.23 12.05
N GLU A 42 -4.45 5.33 12.20
CA GLU A 42 -3.55 5.27 13.37
C GLU A 42 -2.78 6.60 13.55
N PHE A 43 -2.54 7.32 12.45
CA PHE A 43 -2.01 8.69 12.49
C PHE A 43 -3.22 9.67 12.46
N PRO A 44 -3.33 10.65 13.41
CA PRO A 44 -4.45 11.63 13.45
C PRO A 44 -4.51 12.49 12.16
N GLY A 45 -5.29 12.00 11.17
CA GLY A 45 -5.43 12.64 9.86
C GLY A 45 -4.12 12.59 9.07
N GLY A 46 -3.39 11.48 9.23
CA GLY A 46 -2.03 11.34 8.73
C GLY A 46 -1.96 10.64 7.39
N GLU A 47 -2.98 10.86 6.54
CA GLU A 47 -2.95 10.40 5.15
C GLU A 47 -1.93 11.24 4.34
N GLU A 48 -1.88 12.56 4.64
CA GLU A 48 -1.09 13.54 3.87
C GLU A 48 0.45 13.34 3.95
N VAL A 49 0.92 12.43 4.83
CA VAL A 49 2.37 12.14 4.96
C VAL A 49 2.79 10.90 4.12
N LEU A 50 1.84 9.99 3.84
CA LEU A 50 2.12 8.66 3.22
C LEU A 50 1.43 8.47 1.85
N ARG A 51 0.40 9.29 1.60
CA ARG A 51 -0.55 9.12 0.48
C ARG A 51 0.15 9.05 -0.88
N GLU A 52 0.99 10.06 -1.15
CA GLU A 52 1.60 10.28 -2.46
C GLU A 52 2.68 9.22 -2.77
N GLN A 53 3.30 8.67 -1.71
CA GLN A 53 4.32 7.61 -1.81
C GLN A 53 3.67 6.21 -1.87
N ALA A 54 2.41 6.12 -1.39
CA ALA A 54 1.58 4.91 -1.48
C ALA A 54 1.22 4.63 -2.95
N GLY A 55 1.03 3.35 -3.30
CA GLY A 55 0.95 2.95 -4.71
C GLY A 55 2.32 2.95 -5.38
N GLY A 56 3.34 2.51 -4.61
CA GLY A 56 4.71 2.45 -5.09
C GLY A 56 5.65 1.77 -4.09
N ASP A 57 5.72 2.33 -2.87
CA ASP A 57 6.75 1.92 -1.87
C ASP A 57 6.10 1.59 -0.49
N ALA A 58 6.77 0.69 0.25
CA ALA A 58 6.42 0.35 1.66
C ALA A 58 7.66 -0.04 2.46
N THR A 59 8.73 -0.52 1.77
CA THR A 59 9.99 -0.94 2.42
C THR A 59 10.59 0.23 3.22
N GLU A 60 10.62 1.41 2.60
CA GLU A 60 11.05 2.64 3.27
C GLU A 60 9.84 3.29 3.95
N ASN A 61 8.74 3.43 3.18
CA ASN A 61 7.57 4.26 3.51
C ASN A 61 6.84 3.81 4.78
N PHE A 62 6.40 2.53 4.83
CA PHE A 62 5.54 1.99 5.91
C PHE A 62 6.19 2.18 7.31
N GLU A 63 7.54 2.20 7.34
CA GLU A 63 8.34 2.46 8.57
C GLU A 63 8.56 3.98 8.75
N ASP A 64 8.88 4.67 7.64
CA ASP A 64 9.28 6.10 7.61
C ASP A 64 8.15 6.98 8.18
N VAL A 65 6.99 6.87 7.53
CA VAL A 65 5.76 7.56 7.93
C VAL A 65 5.15 6.87 9.16
N GLY A 66 5.51 5.58 9.32
CA GLY A 66 5.16 4.80 10.50
C GLY A 66 5.79 5.35 11.77
N PHE A 67 5.47 4.71 12.89
CA PHE A 67 5.91 5.15 14.23
C PHE A 67 7.44 5.00 14.35
N SER A 68 7.92 3.77 14.59
CA SER A 68 9.34 3.41 14.51
C SER A 68 9.45 1.87 14.40
N THR A 69 9.34 1.19 15.57
CA THR A 69 9.45 -0.27 15.68
C THR A 69 8.06 -0.93 15.54
N ASP A 70 7.02 -0.18 15.96
CA ASP A 70 5.62 -0.60 15.93
C ASP A 70 5.19 -1.02 14.53
N ALA A 71 5.34 -0.10 13.56
CA ALA A 71 4.94 -0.28 12.15
C ALA A 71 5.52 -1.58 11.54
N ARG A 72 6.77 -1.90 11.91
CA ARG A 72 7.52 -3.05 11.39
C ARG A 72 6.85 -4.39 11.79
N GLU A 73 6.48 -4.51 13.07
CA GLU A 73 5.80 -5.72 13.61
C GLU A 73 4.27 -5.60 13.50
N LEU A 74 3.77 -4.44 13.10
CA LEU A 74 2.33 -4.21 12.84
C LEU A 74 2.02 -4.44 11.33
N SER A 75 3.09 -4.64 10.52
CA SER A 75 2.98 -4.77 9.05
C SER A 75 2.06 -5.94 8.64
N LYS A 76 2.37 -7.16 9.13
CA LYS A 76 1.62 -8.40 8.77
C LYS A 76 0.20 -8.46 9.39
N LYS A 77 -0.16 -7.45 10.22
CA LYS A 77 -1.55 -7.26 10.70
C LYS A 77 -2.44 -6.77 9.54
N TYR A 78 -1.83 -6.00 8.63
CA TYR A 78 -2.51 -5.39 7.48
C TYR A 78 -2.38 -6.26 6.21
N ILE A 79 -2.27 -7.59 6.38
CA ILE A 79 -2.22 -8.49 5.22
C ILE A 79 -3.62 -8.58 4.55
N ILE A 80 -3.86 -7.64 3.61
CA ILE A 80 -5.13 -7.57 2.86
C ILE A 80 -5.02 -8.43 1.60
N GLY A 81 -3.78 -8.71 1.16
CA GLY A 81 -3.52 -9.60 0.06
C GLY A 81 -2.13 -9.53 -0.48
N GLU A 82 -2.00 -9.79 -1.77
CA GLU A 82 -0.73 -9.73 -2.48
C GLU A 82 -0.93 -8.93 -3.77
N LEU A 83 0.05 -8.07 -4.09
CA LEU A 83 0.00 -7.23 -5.29
C LEU A 83 0.19 -8.12 -6.53
N HIS A 84 -0.51 -7.75 -7.60
CA HIS A 84 -0.50 -8.43 -8.89
C HIS A 84 0.96 -8.51 -9.42
N PRO A 85 1.55 -9.75 -9.54
CA PRO A 85 2.99 -9.94 -9.90
C PRO A 85 3.47 -9.16 -11.15
N ASP A 86 2.53 -8.86 -12.08
CA ASP A 86 2.80 -7.98 -13.23
C ASP A 86 2.82 -6.49 -12.82
N ASP A 87 1.79 -6.06 -12.05
CA ASP A 87 1.53 -4.62 -11.75
C ASP A 87 2.66 -3.96 -10.94
N ARG A 88 3.32 -4.75 -10.09
CA ARG A 88 4.46 -4.28 -9.26
C ARG A 88 5.68 -3.94 -10.15
N SER A 89 5.83 -4.70 -11.24
CA SER A 89 6.92 -4.52 -12.22
C SER A 89 6.53 -3.46 -13.27
N LYS A 90 5.21 -3.36 -13.54
CA LYS A 90 4.63 -2.40 -14.49
C LYS A 90 4.84 -0.98 -13.97
N ILE A 91 4.38 -0.74 -12.74
CA ILE A 91 4.52 0.55 -12.03
C ILE A 91 5.61 0.42 -10.95
N ALA A 92 6.83 0.05 -11.41
CA ALA A 92 8.04 -0.05 -10.55
C ALA A 92 8.45 1.35 -10.02
N LYS A 93 8.09 2.40 -10.79
CA LYS A 93 8.27 3.81 -10.40
C LYS A 93 7.14 4.66 -11.05
N PRO A 94 6.02 4.99 -10.29
CA PRO A 94 4.95 5.90 -10.80
C PRO A 94 5.52 7.31 -11.09
N SER A 95 6.27 7.84 -10.11
CA SER A 95 7.08 9.04 -10.27
C SER A 95 8.46 8.64 -10.84
N GLU A 96 8.60 8.75 -12.18
CA GLU A 96 9.86 8.47 -12.88
C GLU A 96 10.90 9.53 -12.51
N THR A 97 10.53 10.80 -12.73
CA THR A 97 11.35 11.98 -12.37
C THR A 97 10.48 13.05 -11.69
N LEU A 98 9.14 12.96 -11.86
CA LEU A 98 8.19 13.89 -11.20
C LEU A 98 7.79 13.33 -9.80
N ALA A 1 -6.23 -12.12 -12.32
CA ALA A 1 -6.90 -11.14 -11.43
C ALA A 1 -6.95 -11.67 -9.99
N GLU A 2 -7.80 -11.04 -9.14
CA GLU A 2 -8.02 -11.45 -7.74
C GLU A 2 -8.74 -12.82 -7.67
N GLN A 3 -8.25 -13.71 -6.78
CA GLN A 3 -8.92 -14.98 -6.47
C GLN A 3 -10.27 -14.68 -5.78
N SER A 4 -11.37 -14.96 -6.49
CA SER A 4 -12.73 -14.75 -5.97
C SER A 4 -13.12 -15.84 -4.97
N ASP A 5 -12.67 -17.08 -5.25
CA ASP A 5 -12.98 -18.26 -4.44
C ASP A 5 -12.09 -18.26 -3.18
N LYS A 6 -10.77 -18.18 -3.39
CA LYS A 6 -9.77 -18.15 -2.31
C LYS A 6 -9.61 -16.74 -1.74
N ASP A 7 -9.08 -16.64 -0.51
CA ASP A 7 -8.87 -15.34 0.20
C ASP A 7 -7.62 -14.60 -0.31
N VAL A 8 -6.85 -15.24 -1.21
CA VAL A 8 -5.63 -14.64 -1.80
C VAL A 8 -6.02 -13.48 -2.73
N LYS A 9 -6.08 -12.26 -2.16
CA LYS A 9 -6.57 -11.07 -2.87
C LYS A 9 -5.44 -10.41 -3.67
N TYR A 10 -5.46 -10.62 -5.00
CA TYR A 10 -4.57 -9.91 -5.92
C TYR A 10 -5.11 -8.50 -6.13
N TYR A 11 -4.53 -7.53 -5.42
CA TYR A 11 -4.67 -6.12 -5.79
C TYR A 11 -3.73 -5.86 -6.95
N THR A 12 -4.16 -5.01 -7.86
CA THR A 12 -3.33 -4.50 -8.93
C THR A 12 -2.94 -3.07 -8.57
N LEU A 13 -1.66 -2.73 -8.79
CA LEU A 13 -1.10 -1.40 -8.48
C LEU A 13 -1.76 -0.32 -9.36
N GLU A 14 -2.38 -0.79 -10.47
CA GLU A 14 -3.17 0.04 -11.39
C GLU A 14 -4.42 0.62 -10.71
N GLU A 15 -5.03 -0.15 -9.77
CA GLU A 15 -6.15 0.33 -8.93
C GLU A 15 -5.67 1.39 -7.91
N ILE A 16 -4.55 1.08 -7.24
CA ILE A 16 -3.98 1.91 -6.17
C ILE A 16 -3.23 3.14 -6.76
N GLN A 17 -3.05 3.12 -8.09
CA GLN A 17 -2.41 4.19 -8.87
C GLN A 17 -3.27 5.48 -8.78
N LYS A 18 -4.60 5.28 -8.71
CA LYS A 18 -5.58 6.35 -8.49
C LYS A 18 -5.86 6.47 -6.98
N HIS A 19 -4.80 6.78 -6.22
CA HIS A 19 -4.83 6.93 -4.75
C HIS A 19 -5.23 8.37 -4.39
N LYS A 20 -6.46 8.72 -4.80
CA LYS A 20 -7.01 10.06 -4.60
C LYS A 20 -7.26 10.31 -3.11
N ASP A 21 -8.13 9.48 -2.53
CA ASP A 21 -8.64 9.66 -1.16
C ASP A 21 -7.94 8.65 -0.22
N SER A 22 -8.11 8.86 1.08
CA SER A 22 -7.52 8.03 2.16
C SER A 22 -8.02 6.58 2.10
N LYS A 23 -9.28 6.42 1.65
CA LYS A 23 -9.94 5.10 1.50
C LYS A 23 -9.45 4.36 0.24
N SER A 24 -8.77 5.11 -0.65
CA SER A 24 -8.16 4.56 -1.87
C SER A 24 -6.62 4.47 -1.70
N THR A 25 -6.16 4.40 -0.44
CA THR A 25 -4.75 4.47 -0.09
C THR A 25 -4.30 3.08 0.41
N TRP A 26 -3.52 2.37 -0.42
CA TRP A 26 -2.86 1.11 -0.08
C TRP A 26 -1.40 1.20 -0.53
N VAL A 27 -0.54 0.34 -0.01
CA VAL A 27 0.92 0.38 -0.31
C VAL A 27 1.48 -1.04 -0.53
N ILE A 28 2.65 -1.14 -1.20
CA ILE A 28 3.27 -2.42 -1.56
C ILE A 28 4.75 -2.48 -1.12
N LEU A 29 5.10 -3.56 -0.40
CA LEU A 29 6.46 -3.75 0.17
C LEU A 29 7.46 -4.26 -0.90
N HIS A 30 6.95 -4.97 -1.91
CA HIS A 30 7.79 -5.67 -2.92
C HIS A 30 6.88 -6.38 -3.95
N HIS A 31 6.15 -7.38 -3.45
CA HIS A 31 5.18 -8.19 -4.24
C HIS A 31 3.81 -8.19 -3.56
N LYS A 32 3.77 -7.90 -2.26
CA LYS A 32 2.57 -8.09 -1.41
C LYS A 32 1.96 -6.71 -1.05
N VAL A 33 0.62 -6.64 -0.96
CA VAL A 33 -0.10 -5.37 -0.70
C VAL A 33 -0.67 -5.37 0.74
N TYR A 34 -0.72 -4.19 1.35
CA TYR A 34 -1.20 -4.02 2.73
C TYR A 34 -2.18 -2.84 2.80
N ASP A 35 -3.14 -2.97 3.72
CA ASP A 35 -4.16 -1.95 3.98
C ASP A 35 -3.51 -0.72 4.61
N LEU A 36 -3.46 0.38 3.84
CA LEU A 36 -2.93 1.65 4.34
C LEU A 36 -4.11 2.56 4.73
N THR A 37 -5.31 2.25 4.20
CA THR A 37 -6.57 2.97 4.45
C THR A 37 -6.79 3.27 5.95
N LYS A 38 -6.57 2.25 6.79
CA LYS A 38 -6.69 2.36 8.25
C LYS A 38 -5.29 2.54 8.92
N PHE A 39 -4.22 2.14 8.21
CA PHE A 39 -2.83 2.24 8.73
C PHE A 39 -2.36 3.71 8.83
N LEU A 40 -2.99 4.62 8.05
CA LEU A 40 -2.75 6.06 8.18
C LEU A 40 -3.44 6.63 9.42
N GLU A 41 -4.57 5.99 9.82
CA GLU A 41 -5.32 6.33 11.05
C GLU A 41 -4.55 5.93 12.32
N GLU A 42 -3.48 5.14 12.17
CA GLU A 42 -2.55 4.83 13.27
C GLU A 42 -1.80 6.11 13.71
N PHE A 43 -1.46 6.95 12.72
CA PHE A 43 -0.71 8.21 12.94
C PHE A 43 -1.73 9.37 13.09
N PRO A 44 -1.69 10.14 14.23
CA PRO A 44 -2.58 11.32 14.43
C PRO A 44 -2.35 12.41 13.37
N GLY A 45 -3.27 12.47 12.38
CA GLY A 45 -3.15 13.37 11.23
C GLY A 45 -2.03 12.95 10.28
N GLY A 46 -1.78 11.63 10.21
CA GLY A 46 -0.70 11.07 9.39
C GLY A 46 -1.18 10.53 8.07
N GLU A 47 -2.36 10.99 7.65
CA GLU A 47 -2.95 10.70 6.34
C GLU A 47 -2.10 11.36 5.23
N GLU A 48 -1.77 12.65 5.47
CA GLU A 48 -1.09 13.51 4.48
C GLU A 48 0.35 13.06 4.17
N VAL A 49 1.06 12.51 5.16
CA VAL A 49 2.52 12.28 5.08
C VAL A 49 2.90 11.08 4.15
N LEU A 50 1.92 10.19 3.89
CA LEU A 50 2.13 8.93 3.11
C LEU A 50 1.24 8.88 1.84
N ARG A 51 0.24 9.79 1.78
CA ARG A 51 -0.81 9.84 0.72
C ARG A 51 -0.21 9.87 -0.70
N GLU A 52 0.93 10.56 -0.82
CA GLU A 52 1.72 10.68 -2.07
C GLU A 52 2.21 9.30 -2.55
N GLN A 53 3.01 8.62 -1.68
CA GLN A 53 3.75 7.39 -2.04
C GLN A 53 2.88 6.12 -1.94
N ALA A 54 1.58 6.31 -1.63
CA ALA A 54 0.58 5.24 -1.77
C ALA A 54 0.46 4.80 -3.23
N GLY A 55 0.38 3.49 -3.48
CA GLY A 55 0.36 2.97 -4.84
C GLY A 55 1.71 3.10 -5.54
N GLY A 56 2.78 2.79 -4.79
CA GLY A 56 4.14 2.80 -5.32
C GLY A 56 5.12 2.25 -4.31
N ASP A 57 5.35 3.01 -3.22
CA ASP A 57 6.37 2.68 -2.19
C ASP A 57 5.70 2.26 -0.86
N ALA A 58 6.43 1.40 -0.15
CA ALA A 58 6.15 0.99 1.22
C ALA A 58 7.39 0.36 1.85
N THR A 59 8.25 -0.24 0.99
CA THR A 59 9.52 -0.87 1.42
C THR A 59 10.44 0.12 2.17
N GLU A 60 10.21 1.42 1.92
CA GLU A 60 10.81 2.52 2.69
C GLU A 60 9.70 3.21 3.52
N ASN A 61 8.63 3.65 2.81
CA ASN A 61 7.55 4.53 3.35
C ASN A 61 6.85 3.98 4.63
N PHE A 62 6.50 2.67 4.64
CA PHE A 62 5.64 2.07 5.71
C PHE A 62 6.26 2.25 7.13
N GLU A 63 7.61 2.33 7.19
CA GLU A 63 8.39 2.48 8.43
C GLU A 63 8.99 3.90 8.52
N ASP A 64 9.17 4.54 7.36
CA ASP A 64 9.74 5.91 7.24
C ASP A 64 8.81 6.93 7.91
N VAL A 65 7.56 6.94 7.45
CA VAL A 65 6.47 7.73 8.07
C VAL A 65 5.79 6.91 9.18
N GLY A 66 6.17 5.64 9.29
CA GLY A 66 5.63 4.71 10.27
C GLY A 66 6.31 4.79 11.62
N PHE A 67 5.67 4.14 12.63
CA PHE A 67 6.25 4.01 13.99
C PHE A 67 7.52 3.14 13.97
N SER A 68 8.26 3.15 15.08
CA SER A 68 9.55 2.44 15.23
C SER A 68 9.36 0.90 15.15
N THR A 69 8.73 0.32 16.19
CA THR A 69 8.43 -1.13 16.22
C THR A 69 7.05 -1.41 15.62
N ASP A 70 6.07 -0.53 15.95
CA ASP A 70 4.63 -0.76 15.65
C ASP A 70 4.37 -0.97 14.14
N ALA A 71 4.88 -0.03 13.30
CA ALA A 71 4.67 -0.06 11.83
C ALA A 71 5.02 -1.43 11.20
N ARG A 72 6.04 -2.06 11.77
CA ARG A 72 6.59 -3.36 11.32
C ARG A 72 5.61 -4.51 11.63
N GLU A 73 5.13 -4.55 12.89
CA GLU A 73 4.23 -5.60 13.39
C GLU A 73 2.76 -5.32 13.00
N LEU A 74 2.49 -4.08 12.56
CA LEU A 74 1.18 -3.69 12.03
C LEU A 74 1.10 -4.01 10.53
N SER A 75 2.26 -4.08 9.84
CA SER A 75 2.30 -4.51 8.42
C SER A 75 1.68 -5.92 8.29
N LYS A 76 2.23 -6.88 9.06
CA LYS A 76 1.76 -8.28 9.06
C LYS A 76 0.29 -8.42 9.56
N LYS A 77 -0.22 -7.39 10.26
CA LYS A 77 -1.60 -7.37 10.78
C LYS A 77 -2.56 -6.84 9.69
N TYR A 78 -2.11 -5.83 8.94
CA TYR A 78 -2.91 -5.18 7.88
C TYR A 78 -2.67 -5.87 6.53
N ILE A 79 -2.44 -7.20 6.59
CA ILE A 79 -2.34 -8.05 5.40
C ILE A 79 -3.75 -8.17 4.79
N ILE A 80 -3.90 -7.61 3.59
CA ILE A 80 -5.17 -7.60 2.84
C ILE A 80 -5.08 -8.54 1.62
N GLY A 81 -3.83 -8.80 1.16
CA GLY A 81 -3.57 -9.74 0.07
C GLY A 81 -2.19 -9.55 -0.52
N GLU A 82 -1.99 -10.03 -1.76
CA GLU A 82 -0.74 -9.77 -2.50
C GLU A 82 -1.02 -8.77 -3.63
N LEU A 83 0.01 -8.02 -4.02
CA LEU A 83 -0.04 -7.21 -5.25
C LEU A 83 0.28 -8.14 -6.44
N HIS A 84 -0.31 -7.82 -7.59
CA HIS A 84 -0.19 -8.60 -8.82
C HIS A 84 1.28 -8.61 -9.31
N PRO A 85 1.89 -9.82 -9.54
CA PRO A 85 3.34 -9.98 -9.92
C PRO A 85 3.79 -9.08 -11.10
N ASP A 86 2.84 -8.81 -12.00
CA ASP A 86 3.05 -7.91 -13.15
C ASP A 86 3.09 -6.44 -12.71
N ASP A 87 2.07 -6.02 -11.94
CA ASP A 87 1.80 -4.59 -11.67
C ASP A 87 2.81 -3.94 -10.72
N ARG A 88 3.40 -4.74 -9.82
CA ARG A 88 4.47 -4.25 -8.91
C ARG A 88 5.77 -3.95 -9.69
N SER A 89 5.91 -4.59 -10.86
CA SER A 89 7.05 -4.39 -11.79
C SER A 89 6.67 -3.41 -12.92
N LYS A 90 5.34 -3.18 -13.09
CA LYS A 90 4.79 -2.34 -14.16
C LYS A 90 4.79 -0.87 -13.73
N ILE A 91 4.04 -0.59 -12.66
CA ILE A 91 3.84 0.78 -12.12
C ILE A 91 4.62 0.91 -10.78
N ALA A 92 5.82 0.27 -10.76
CA ALA A 92 6.72 0.25 -9.57
C ALA A 92 7.01 1.66 -9.01
N LYS A 93 6.96 2.66 -9.92
CA LYS A 93 7.06 4.08 -9.59
C LYS A 93 6.27 4.90 -10.64
N PRO A 94 5.12 5.54 -10.26
CA PRO A 94 4.43 6.52 -11.14
C PRO A 94 5.35 7.72 -11.48
N SER A 95 5.48 8.05 -12.78
CA SER A 95 6.35 9.15 -13.27
C SER A 95 5.58 10.49 -13.35
N GLU A 96 6.35 11.59 -13.42
CA GLU A 96 5.80 12.97 -13.46
C GLU A 96 5.20 13.30 -14.84
N THR A 97 5.62 12.53 -15.88
CA THR A 97 5.11 12.67 -17.25
C THR A 97 4.25 11.46 -17.67
N LEU A 98 4.39 10.35 -16.90
CA LEU A 98 3.73 9.07 -17.21
C LEU A 98 2.91 8.64 -15.96
N ALA A 1 -9.62 -8.10 -11.47
CA ALA A 1 -9.61 -7.91 -10.01
C ALA A 1 -10.50 -8.96 -9.30
N GLU A 2 -11.41 -9.60 -10.06
CA GLU A 2 -12.30 -10.64 -9.53
C GLU A 2 -11.48 -11.90 -9.16
N GLN A 3 -11.21 -12.06 -7.86
CA GLN A 3 -10.63 -13.30 -7.29
C GLN A 3 -11.75 -14.10 -6.60
N SER A 4 -11.70 -15.44 -6.75
CA SER A 4 -12.71 -16.35 -6.19
C SER A 4 -12.55 -16.50 -4.67
N ASP A 5 -11.32 -16.25 -4.17
CA ASP A 5 -11.03 -16.18 -2.73
C ASP A 5 -11.33 -14.77 -2.19
N LYS A 6 -11.75 -14.70 -0.92
CA LYS A 6 -12.14 -13.45 -0.25
C LYS A 6 -10.89 -12.75 0.32
N ASP A 7 -10.18 -13.48 1.20
CA ASP A 7 -8.93 -13.02 1.82
C ASP A 7 -7.74 -13.33 0.91
N VAL A 8 -6.62 -12.63 1.16
CA VAL A 8 -5.43 -12.59 0.29
C VAL A 8 -5.83 -12.08 -1.11
N LYS A 9 -6.16 -10.79 -1.16
CA LYS A 9 -6.74 -10.15 -2.34
C LYS A 9 -5.63 -9.71 -3.30
N TYR A 10 -5.78 -10.13 -4.56
CA TYR A 10 -4.90 -9.75 -5.65
C TYR A 10 -5.26 -8.34 -6.09
N TYR A 11 -4.53 -7.35 -5.54
CA TYR A 11 -4.69 -5.94 -5.92
C TYR A 11 -3.84 -5.62 -7.15
N THR A 12 -4.30 -4.65 -7.93
CA THR A 12 -3.55 -4.10 -9.06
C THR A 12 -3.03 -2.72 -8.63
N LEU A 13 -1.72 -2.53 -8.75
CA LEU A 13 -1.01 -1.32 -8.27
C LEU A 13 -1.44 -0.07 -9.05
N GLU A 14 -1.89 -0.29 -10.31
CA GLU A 14 -2.51 0.76 -11.13
C GLU A 14 -3.78 1.32 -10.45
N GLU A 15 -4.63 0.39 -9.99
CA GLU A 15 -5.89 0.68 -9.29
C GLU A 15 -5.61 1.48 -7.99
N ILE A 16 -4.59 1.02 -7.26
CA ILE A 16 -4.16 1.59 -5.97
C ILE A 16 -3.55 3.00 -6.16
N GLN A 17 -2.87 3.20 -7.31
CA GLN A 17 -2.23 4.50 -7.63
C GLN A 17 -3.30 5.58 -7.82
N LYS A 18 -4.52 5.16 -8.20
CA LYS A 18 -5.69 6.05 -8.35
C LYS A 18 -6.40 6.27 -6.99
N HIS A 19 -5.88 5.63 -5.94
CA HIS A 19 -6.53 5.58 -4.62
C HIS A 19 -5.59 6.10 -3.51
N LYS A 20 -5.67 7.42 -3.29
CA LYS A 20 -5.05 8.11 -2.13
C LYS A 20 -6.16 8.66 -1.21
N ASP A 21 -7.30 7.95 -1.18
CA ASP A 21 -8.47 8.32 -0.37
C ASP A 21 -8.28 7.85 1.08
N SER A 22 -8.78 8.64 2.05
CA SER A 22 -8.67 8.33 3.49
C SER A 22 -9.35 6.97 3.82
N LYS A 23 -10.31 6.56 2.96
CA LYS A 23 -11.07 5.31 3.10
C LYS A 23 -10.59 4.21 2.12
N SER A 24 -9.90 4.60 1.02
CA SER A 24 -9.36 3.64 0.04
C SER A 24 -7.93 4.01 -0.38
N THR A 25 -6.92 3.35 0.23
CA THR A 25 -5.48 3.56 -0.04
C THR A 25 -4.71 2.29 0.39
N TRP A 26 -3.76 1.84 -0.45
CA TRP A 26 -2.91 0.66 -0.17
C TRP A 26 -1.45 0.97 -0.59
N VAL A 27 -0.50 0.16 -0.10
CA VAL A 27 0.95 0.30 -0.41
C VAL A 27 1.60 -1.08 -0.51
N ILE A 28 2.71 -1.19 -1.28
CA ILE A 28 3.36 -2.49 -1.55
C ILE A 28 4.85 -2.49 -1.15
N LEU A 29 5.27 -3.59 -0.52
CA LEU A 29 6.67 -3.80 -0.10
C LEU A 29 7.53 -4.22 -1.31
N HIS A 30 6.93 -5.00 -2.21
CA HIS A 30 7.59 -5.52 -3.43
C HIS A 30 6.55 -6.23 -4.33
N HIS A 31 6.11 -7.42 -3.89
CA HIS A 31 5.13 -8.26 -4.62
C HIS A 31 3.80 -8.33 -3.84
N LYS A 32 3.80 -7.93 -2.58
CA LYS A 32 2.67 -8.13 -1.65
C LYS A 32 2.06 -6.78 -1.26
N VAL A 33 0.71 -6.73 -1.12
CA VAL A 33 -0.02 -5.47 -0.88
C VAL A 33 -0.55 -5.43 0.57
N TYR A 34 -0.45 -4.26 1.19
CA TYR A 34 -0.81 -4.01 2.59
C TYR A 34 -1.74 -2.81 2.66
N ASP A 35 -2.69 -2.86 3.60
CA ASP A 35 -3.70 -1.82 3.80
C ASP A 35 -3.04 -0.55 4.39
N LEU A 36 -3.22 0.57 3.69
CA LEU A 36 -2.66 1.87 4.12
C LEU A 36 -3.79 2.76 4.67
N THR A 37 -5.04 2.47 4.28
CA THR A 37 -6.26 3.20 4.73
C THR A 37 -6.30 3.35 6.26
N LYS A 38 -6.12 2.22 6.96
CA LYS A 38 -6.20 2.16 8.42
C LYS A 38 -4.84 2.59 9.04
N PHE A 39 -3.79 2.65 8.20
CA PHE A 39 -2.43 3.02 8.62
C PHE A 39 -2.23 4.55 8.55
N LEU A 40 -3.00 5.24 7.68
CA LEU A 40 -2.97 6.72 7.62
C LEU A 40 -3.85 7.29 8.74
N GLU A 41 -4.85 6.48 9.14
CA GLU A 41 -5.69 6.74 10.32
C GLU A 41 -5.04 6.18 11.60
N GLU A 42 -3.91 5.47 11.47
CA GLU A 42 -3.09 5.05 12.61
C GLU A 42 -2.41 6.29 13.22
N PHE A 43 -2.12 7.29 12.35
CA PHE A 43 -1.62 8.62 12.75
C PHE A 43 -2.81 9.59 12.79
N PRO A 44 -2.78 10.68 13.65
CA PRO A 44 -3.87 11.70 13.70
C PRO A 44 -4.00 12.49 12.37
N GLY A 45 -4.79 11.91 11.42
CA GLY A 45 -4.94 12.45 10.07
C GLY A 45 -3.60 12.54 9.35
N GLY A 46 -2.85 11.43 9.38
CA GLY A 46 -1.46 11.39 8.90
C GLY A 46 -1.34 10.94 7.45
N GLU A 47 -2.36 11.29 6.66
CA GLU A 47 -2.43 10.92 5.24
C GLU A 47 -1.36 11.66 4.41
N GLU A 48 -1.19 12.96 4.69
CA GLU A 48 -0.36 13.88 3.90
C GLU A 48 1.10 13.40 3.70
N VAL A 49 1.65 12.71 4.72
CA VAL A 49 3.06 12.34 4.76
C VAL A 49 3.36 11.04 3.96
N LEU A 50 2.36 10.14 3.83
CA LEU A 50 2.58 8.77 3.27
C LEU A 50 1.83 8.50 1.94
N ARG A 51 0.75 9.26 1.64
CA ARG A 51 -0.09 8.98 0.44
C ARG A 51 0.60 9.42 -0.85
N GLU A 52 1.75 10.10 -0.71
CA GLU A 52 2.61 10.48 -1.82
C GLU A 52 3.24 9.22 -2.47
N GLN A 53 3.53 8.21 -1.62
CA GLN A 53 4.12 6.92 -2.04
C GLN A 53 3.03 5.84 -2.20
N ALA A 54 1.76 6.20 -1.96
CA ALA A 54 0.62 5.26 -2.08
C ALA A 54 0.43 4.83 -3.55
N GLY A 55 0.21 3.53 -3.77
CA GLY A 55 0.18 2.98 -5.12
C GLY A 55 1.54 2.98 -5.81
N GLY A 56 2.60 2.72 -5.02
CA GLY A 56 3.97 2.65 -5.56
C GLY A 56 4.95 1.98 -4.60
N ASP A 57 5.15 2.62 -3.42
CA ASP A 57 6.19 2.21 -2.45
C ASP A 57 5.59 1.98 -1.04
N ALA A 58 6.29 1.14 -0.27
CA ALA A 58 6.05 0.93 1.17
C ALA A 58 7.33 0.48 1.88
N THR A 59 8.22 -0.19 1.10
CA THR A 59 9.47 -0.76 1.62
C THR A 59 10.38 0.31 2.28
N GLU A 60 10.26 1.56 1.82
CA GLU A 60 10.87 2.70 2.52
C GLU A 60 9.81 3.42 3.37
N ASN A 61 8.67 3.75 2.74
CA ASN A 61 7.65 4.69 3.27
C ASN A 61 6.89 4.16 4.51
N PHE A 62 6.30 2.96 4.40
CA PHE A 62 5.43 2.34 5.46
C PHE A 62 6.17 2.28 6.83
N GLU A 63 7.50 2.14 6.76
CA GLU A 63 8.37 2.06 7.94
C GLU A 63 9.00 3.45 8.28
N ASP A 64 9.06 4.35 7.28
CA ASP A 64 9.63 5.72 7.42
C ASP A 64 8.68 6.59 8.25
N VAL A 65 7.45 6.73 7.74
CA VAL A 65 6.39 7.54 8.38
C VAL A 65 5.85 6.85 9.65
N GLY A 66 6.07 5.53 9.71
CA GLY A 66 5.52 4.68 10.74
C GLY A 66 6.13 4.89 12.12
N PHE A 67 5.41 4.40 13.14
CA PHE A 67 5.91 4.36 14.53
C PHE A 67 7.10 3.39 14.63
N SER A 68 8.00 3.64 15.60
CA SER A 68 9.30 2.95 15.75
C SER A 68 9.17 1.41 15.72
N THR A 69 8.34 0.88 16.62
CA THR A 69 8.12 -0.57 16.77
C THR A 69 6.83 -1.01 16.03
N ASP A 70 5.74 -0.23 16.25
CA ASP A 70 4.36 -0.58 15.80
C ASP A 70 4.29 -0.89 14.30
N ALA A 71 4.61 0.11 13.46
CA ALA A 71 4.45 0.05 11.99
C ALA A 71 5.05 -1.22 11.37
N ARG A 72 6.23 -1.58 11.88
CA ARG A 72 7.04 -2.69 11.37
C ARG A 72 6.32 -4.01 11.63
N GLU A 73 5.93 -4.23 12.90
CA GLU A 73 5.26 -5.47 13.33
C GLU A 73 3.77 -5.48 12.91
N LEU A 74 3.25 -4.32 12.50
CA LEU A 74 1.85 -4.16 12.05
C LEU A 74 1.68 -4.58 10.58
N SER A 75 2.78 -4.90 9.88
CA SER A 75 2.71 -5.38 8.49
C SER A 75 1.89 -6.69 8.43
N LYS A 76 2.17 -7.64 9.36
CA LYS A 76 1.41 -8.92 9.46
C LYS A 76 -0.05 -8.70 9.93
N LYS A 77 -0.40 -7.46 10.32
CA LYS A 77 -1.77 -7.06 10.67
C LYS A 77 -2.47 -6.54 9.41
N TYR A 78 -1.76 -5.72 8.62
CA TYR A 78 -2.32 -5.05 7.43
C TYR A 78 -2.16 -5.90 6.17
N ILE A 79 -1.91 -7.21 6.33
CA ILE A 79 -1.86 -8.14 5.18
C ILE A 79 -3.29 -8.33 4.62
N ILE A 80 -3.62 -7.49 3.62
CA ILE A 80 -4.93 -7.52 2.95
C ILE A 80 -4.86 -8.46 1.72
N GLY A 81 -3.64 -8.69 1.20
CA GLY A 81 -3.42 -9.65 0.12
C GLY A 81 -2.05 -9.55 -0.51
N GLU A 82 -1.96 -9.99 -1.78
CA GLU A 82 -0.73 -9.87 -2.55
C GLU A 82 -0.99 -8.96 -3.76
N LEU A 83 0.01 -8.17 -4.13
CA LEU A 83 -0.04 -7.33 -5.32
C LEU A 83 0.16 -8.21 -6.57
N HIS A 84 -0.53 -7.82 -7.65
CA HIS A 84 -0.52 -8.54 -8.93
C HIS A 84 0.92 -8.53 -9.50
N PRO A 85 1.53 -9.73 -9.78
CA PRO A 85 2.97 -9.86 -10.21
C PRO A 85 3.38 -8.94 -11.37
N ASP A 86 2.42 -8.61 -12.24
CA ASP A 86 2.64 -7.73 -13.40
C ASP A 86 2.68 -6.24 -12.99
N ASP A 87 1.79 -5.86 -12.04
CA ASP A 87 1.56 -4.43 -11.66
C ASP A 87 2.71 -3.84 -10.84
N ARG A 88 3.39 -4.67 -10.05
CA ARG A 88 4.57 -4.25 -9.28
C ARG A 88 5.76 -3.93 -10.21
N SER A 89 5.75 -4.56 -11.39
CA SER A 89 6.71 -4.31 -12.47
C SER A 89 6.28 -3.08 -13.30
N LYS A 90 4.94 -2.90 -13.46
CA LYS A 90 4.35 -1.72 -14.13
C LYS A 90 4.75 -0.43 -13.42
N ILE A 91 4.56 -0.41 -12.09
CA ILE A 91 4.72 0.78 -11.24
C ILE A 91 5.72 0.48 -10.10
N ALA A 92 6.92 0.01 -10.50
CA ALA A 92 8.06 -0.16 -9.58
C ALA A 92 8.54 1.21 -9.06
N LYS A 93 8.51 2.19 -9.99
CA LYS A 93 8.83 3.60 -9.73
C LYS A 93 8.20 4.45 -10.87
N PRO A 94 7.02 5.12 -10.62
CA PRO A 94 6.31 5.88 -11.67
C PRO A 94 6.95 7.25 -11.96
N SER A 95 6.56 7.83 -13.10
CA SER A 95 6.87 9.21 -13.45
C SER A 95 6.00 10.15 -12.58
N GLU A 96 6.66 11.04 -11.79
CA GLU A 96 5.99 12.01 -10.92
C GLU A 96 5.05 12.94 -11.71
N THR A 97 5.45 13.24 -12.97
CA THR A 97 4.69 14.07 -13.91
C THR A 97 3.32 13.44 -14.26
N LEU A 98 3.20 12.11 -14.06
CA LEU A 98 2.03 11.29 -14.45
C LEU A 98 1.87 11.37 -15.99
#